data_4X0Y
#
_entry.id   4X0Y
#
_cell.length_a   150.480
_cell.length_b   96.830
_cell.length_c   128.220
_cell.angle_alpha   90.00
_cell.angle_beta   110.55
_cell.angle_gamma   90.00
#
_symmetry.space_group_name_H-M   'C 1 2 1'
#
loop_
_entity.id
_entity.type
_entity.pdbx_description
1 polymer 'Major capsid protein'
2 non-polymer GLYCEROL
3 non-polymer 1,2-ETHANEDIOL
4 non-polymer 'POTASSIUM ION'
5 water water
#
_entity_poly.entity_id   1
_entity_poly.type   'polypeptide(L)'
_entity_poly.pdbx_seq_one_letter_code
;GSHMGGVEVLEVKTGVDSITEVECFLTPEMGDPDEHLRGFSKSISISDTFESDSPNKDMLPCYSVARIPLPNLNEDLTCG
NILMWEAVTLKTEVIGVTTLMNVHSNGQATHDNGAAKPVQGTSFHFFSVGGEALELQGVVFNYRTTYPDGTIFPKNATVQ
SQVMNTEHKAYLDKNKAYPVECWVPDPTRNENTRYFGTLTGGENVPPVLHITNTATTVLLDEFGVGPLCKGDNLYLSAVD
VCGMFTNRSGSQQWRGLSRYFKVQLRKRRVKN
;
_entity_poly.pdbx_strand_id   A,B,C,D,E
#
loop_
_chem_comp.id
_chem_comp.type
_chem_comp.name
_chem_comp.formula
EDO non-polymer 1,2-ETHANEDIOL 'C2 H6 O2'
GOL non-polymer GLYCEROL 'C3 H8 O3'
K non-polymer 'POTASSIUM ION' 'K 1'
#
# COMPACT_ATOMS: atom_id res chain seq x y z
N VAL A 7 16.76 20.05 -34.15
CA VAL A 7 15.70 19.87 -35.18
C VAL A 7 14.37 20.48 -34.70
N GLU A 8 13.71 21.23 -35.57
CA GLU A 8 12.34 21.68 -35.34
C GLU A 8 11.41 20.49 -35.58
N VAL A 9 10.50 20.22 -34.65
CA VAL A 9 9.45 19.24 -34.88
C VAL A 9 8.23 19.93 -35.51
N LEU A 10 7.80 19.40 -36.64
CA LEU A 10 6.69 19.97 -37.39
C LEU A 10 5.45 19.05 -37.31
N GLU A 11 4.67 18.94 -38.38
CA GLU A 11 3.41 18.22 -38.31
C GLU A 11 3.55 16.69 -38.40
N VAL A 12 2.56 16.02 -37.82
CA VAL A 12 2.36 14.59 -37.96
C VAL A 12 1.74 14.32 -39.33
N LYS A 13 2.27 13.32 -40.03
CA LYS A 13 1.71 12.87 -41.29
C LYS A 13 0.50 11.95 -41.00
N THR A 14 -0.57 12.07 -41.79
CA THR A 14 -1.76 11.21 -41.65
C THR A 14 -1.98 10.37 -42.91
N GLY A 15 -3.04 9.56 -42.91
CA GLY A 15 -3.31 8.64 -44.02
C GLY A 15 -2.94 7.24 -43.58
N VAL A 16 -3.40 6.23 -44.32
CA VAL A 16 -3.25 4.83 -43.90
C VAL A 16 -1.77 4.45 -43.69
N ASP A 17 -0.92 5.00 -44.56
CA ASP A 17 0.51 4.69 -44.60
C ASP A 17 1.35 5.28 -43.43
N SER A 18 0.73 6.09 -42.59
CA SER A 18 1.48 6.94 -41.67
C SER A 18 1.68 6.37 -40.29
N ILE A 19 1.21 5.14 -40.03
CA ILE A 19 1.33 4.55 -38.70
C ILE A 19 1.93 3.16 -38.84
N THR A 20 2.65 2.72 -37.82
CA THR A 20 3.17 1.36 -37.80
C THR A 20 3.23 0.92 -36.36
N GLU A 21 3.41 -0.38 -36.15
CA GLU A 21 3.53 -0.88 -34.78
C GLU A 21 4.63 -1.91 -34.67
N VAL A 22 5.27 -1.94 -33.49
CA VAL A 22 6.34 -2.87 -33.17
C VAL A 22 5.80 -3.72 -32.05
N GLU A 23 5.96 -5.03 -32.17
CA GLU A 23 5.57 -5.93 -31.13
C GLU A 23 6.70 -6.91 -30.94
N CYS A 24 7.13 -7.11 -29.71
CA CYS A 24 8.23 -8.04 -29.47
C CYS A 24 8.37 -8.37 -27.99
N PHE A 25 9.29 -9.26 -27.68
CA PHE A 25 9.61 -9.52 -26.29
C PHE A 25 11.10 -9.47 -26.11
N LEU A 26 11.50 -9.04 -24.92
CA LEU A 26 12.88 -9.02 -24.50
C LEU A 26 13.04 -10.09 -23.45
N THR A 27 13.98 -10.99 -23.66
CA THR A 27 14.26 -12.01 -22.66
C THR A 27 15.14 -11.42 -21.54
N PRO A 28 15.02 -11.99 -20.34
CA PRO A 28 15.83 -11.55 -19.24
C PRO A 28 17.24 -12.06 -19.38
N GLU A 29 18.18 -11.34 -18.79
CA GLU A 29 19.58 -11.73 -18.87
C GLU A 29 20.14 -11.78 -17.46
N MET A 30 19.87 -12.91 -16.80
CA MET A 30 20.16 -13.07 -15.37
C MET A 30 21.51 -13.71 -15.09
N GLY A 31 22.15 -14.27 -16.11
CA GLY A 31 23.50 -14.82 -15.99
C GLY A 31 23.62 -16.23 -16.59
N ASP A 32 22.54 -17.03 -16.49
CA ASP A 32 22.43 -18.33 -17.19
C ASP A 32 23.63 -19.24 -16.92
N PRO A 33 23.77 -19.70 -15.67
CA PRO A 33 25.00 -20.38 -15.22
C PRO A 33 25.25 -21.78 -15.76
N ASP A 34 24.22 -22.41 -16.32
CA ASP A 34 24.43 -23.66 -17.06
C ASP A 34 23.35 -23.84 -18.13
N GLU A 35 23.44 -24.95 -18.88
CA GLU A 35 22.54 -25.25 -20.01
C GLU A 35 21.07 -25.46 -19.61
N HIS A 36 20.79 -25.57 -18.30
CA HIS A 36 19.45 -25.83 -17.82
C HIS A 36 18.85 -24.62 -17.11
N LEU A 37 19.59 -23.53 -17.01
CA LEU A 37 19.21 -22.50 -16.05
C LEU A 37 19.01 -21.12 -16.68
N ARG A 38 18.60 -21.12 -17.94
CA ARG A 38 18.16 -19.88 -18.59
C ARG A 38 17.10 -19.17 -17.72
N GLY A 39 17.31 -17.89 -17.46
CA GLY A 39 16.39 -17.07 -16.65
C GLY A 39 16.77 -16.98 -15.18
N PHE A 40 17.79 -17.72 -14.78
CA PHE A 40 18.37 -17.70 -13.44
C PHE A 40 19.81 -17.18 -13.47
N SER A 41 20.26 -16.64 -12.33
CA SER A 41 21.68 -16.40 -12.08
C SER A 41 22.34 -17.59 -11.45
N LYS A 42 23.68 -17.56 -11.46
CA LYS A 42 24.46 -18.42 -10.61
C LYS A 42 24.09 -18.14 -9.15
N SER A 43 24.24 -19.13 -8.28
CA SER A 43 24.07 -18.93 -6.84
CA SER A 43 24.00 -18.88 -6.88
C SER A 43 24.90 -17.76 -6.36
N ILE A 44 24.36 -16.98 -5.43
CA ILE A 44 25.00 -15.79 -4.94
C ILE A 44 25.95 -16.16 -3.79
N SER A 45 27.21 -15.75 -3.91
CA SER A 45 28.22 -15.93 -2.86
CA SER A 45 28.19 -15.93 -2.84
C SER A 45 28.55 -14.55 -2.32
N ILE A 46 28.98 -14.50 -1.06
CA ILE A 46 29.28 -13.23 -0.40
C ILE A 46 30.78 -13.09 -0.15
N SER A 47 31.36 -11.99 -0.61
CA SER A 47 32.79 -11.74 -0.42
C SER A 47 33.09 -11.52 1.06
N ASP A 48 34.31 -11.85 1.48
CA ASP A 48 34.73 -11.69 2.88
C ASP A 48 34.89 -10.23 3.30
N THR A 49 35.28 -9.37 2.37
CA THR A 49 35.51 -7.96 2.62
C THR A 49 35.04 -7.16 1.44
N PHE A 50 34.94 -5.83 1.58
CA PHE A 50 34.61 -4.99 0.43
C PHE A 50 35.72 -5.09 -0.62
N GLU A 51 36.96 -5.15 -0.15
CA GLU A 51 38.12 -5.25 -1.01
C GLU A 51 38.09 -6.47 -1.91
N SER A 52 37.59 -7.61 -1.40
CA SER A 52 37.65 -8.86 -2.15
C SER A 52 36.42 -9.15 -3.03
N ASP A 53 35.50 -8.21 -3.12
CA ASP A 53 34.29 -8.39 -3.91
C ASP A 53 34.65 -8.56 -5.40
N SER A 54 34.33 -9.71 -5.96
CA SER A 54 34.73 -10.06 -7.32
CA SER A 54 34.74 -10.05 -7.29
C SER A 54 33.71 -10.99 -7.93
N PRO A 55 32.51 -10.48 -8.24
CA PRO A 55 31.43 -11.35 -8.69
C PRO A 55 31.70 -11.97 -10.06
N ASN A 56 31.36 -13.24 -10.21
CA ASN A 56 31.42 -13.88 -11.53
C ASN A 56 30.35 -13.37 -12.45
N LYS A 57 30.64 -13.34 -13.74
CA LYS A 57 29.68 -12.82 -14.69
C LYS A 57 28.32 -13.51 -14.62
N ASP A 58 28.31 -14.83 -14.47
CA ASP A 58 27.07 -15.61 -14.43
CA ASP A 58 27.04 -15.55 -14.47
C ASP A 58 26.20 -15.31 -13.21
N MET A 59 26.76 -14.58 -12.23
CA MET A 59 26.03 -14.19 -11.00
C MET A 59 25.40 -12.79 -11.10
N LEU A 60 25.66 -12.05 -12.19
CA LEU A 60 25.21 -10.67 -12.33
C LEU A 60 24.12 -10.49 -13.41
N PRO A 61 22.90 -10.19 -12.98
CA PRO A 61 21.88 -9.79 -13.95
C PRO A 61 22.36 -8.53 -14.71
N CYS A 62 22.03 -8.48 -15.99
CA CYS A 62 22.38 -7.36 -16.86
C CYS A 62 21.15 -6.75 -17.48
N TYR A 63 21.27 -5.54 -18.00
CA TYR A 63 20.17 -4.92 -18.70
C TYR A 63 19.90 -5.67 -20.04
N SER A 64 18.63 -5.77 -20.41
CA SER A 64 18.23 -6.26 -21.73
C SER A 64 17.99 -5.08 -22.66
N VAL A 65 18.35 -5.27 -23.93
CA VAL A 65 18.10 -4.25 -24.95
C VAL A 65 17.85 -4.89 -26.28
N ALA A 66 16.91 -4.33 -27.03
CA ALA A 66 16.70 -4.72 -28.42
C ALA A 66 16.60 -3.44 -29.24
N ARG A 67 17.23 -3.47 -30.41
CA ARG A 67 17.11 -2.39 -31.40
C ARG A 67 16.27 -2.94 -32.53
N ILE A 68 15.11 -2.31 -32.76
CA ILE A 68 14.15 -2.83 -33.73
C ILE A 68 14.13 -1.94 -34.97
N PRO A 69 14.47 -2.48 -36.15
CA PRO A 69 14.40 -1.66 -37.36
C PRO A 69 12.95 -1.37 -37.76
N LEU A 70 12.71 -0.13 -38.18
CA LEU A 70 11.39 0.32 -38.57
C LEU A 70 11.31 0.46 -40.09
N PRO A 71 10.09 0.63 -40.64
CA PRO A 71 10.03 0.82 -42.09
C PRO A 71 10.87 2.02 -42.54
N ASN A 72 11.65 1.82 -43.59
CA ASN A 72 12.59 2.84 -44.05
CA ASN A 72 12.59 2.81 -44.11
C ASN A 72 11.89 4.10 -44.54
N LEU A 73 12.36 5.24 -44.06
CA LEU A 73 11.82 6.53 -44.48
C LEU A 73 12.84 7.29 -45.33
N ASN A 74 12.44 8.41 -45.92
CA ASN A 74 13.36 9.29 -46.66
C ASN A 74 14.25 8.62 -47.72
N ILE A 82 12.53 15.71 -44.15
CA ILE A 82 12.84 14.56 -43.30
C ILE A 82 11.63 14.09 -42.47
N LEU A 83 11.26 12.83 -42.65
CA LEU A 83 10.31 12.15 -41.75
C LEU A 83 11.04 11.27 -40.75
N MET A 84 10.51 11.21 -39.53
CA MET A 84 10.97 10.28 -38.53
C MET A 84 9.80 9.58 -37.88
N TRP A 85 9.99 8.32 -37.50
CA TRP A 85 9.00 7.62 -36.72
C TRP A 85 9.02 8.15 -35.29
N GLU A 86 7.84 8.45 -34.76
CA GLU A 86 7.65 8.99 -33.44
C GLU A 86 6.86 7.94 -32.64
N ALA A 87 7.40 7.52 -31.51
CA ALA A 87 6.75 6.51 -30.68
C ALA A 87 5.73 7.23 -29.77
N VAL A 88 4.49 6.77 -29.83
CA VAL A 88 3.38 7.48 -29.20
C VAL A 88 2.80 6.77 -27.99
N THR A 89 2.61 5.47 -28.10
CA THR A 89 2.09 4.67 -27.00
C THR A 89 2.80 3.34 -26.82
N LEU A 90 2.68 2.82 -25.61
CA LEU A 90 3.28 1.57 -25.18
C LEU A 90 2.27 0.74 -24.41
N LYS A 91 2.19 -0.54 -24.75
CA LYS A 91 1.63 -1.55 -23.87
C LYS A 91 2.74 -2.51 -23.53
N THR A 92 2.84 -2.86 -22.25
CA THR A 92 3.91 -3.69 -21.79
C THR A 92 3.42 -4.60 -20.69
N GLU A 93 4.07 -5.76 -20.57
CA GLU A 93 3.64 -6.81 -19.66
C GLU A 93 4.79 -7.75 -19.34
N VAL A 94 4.89 -8.17 -18.09
CA VAL A 94 5.83 -9.24 -17.73
C VAL A 94 5.19 -10.58 -18.13
N ILE A 95 5.96 -11.45 -18.79
CA ILE A 95 5.43 -12.66 -19.41
C ILE A 95 5.83 -13.86 -18.55
N GLY A 96 4.83 -14.63 -18.14
CA GLY A 96 5.05 -15.83 -17.34
C GLY A 96 4.97 -15.62 -15.82
N VAL A 97 4.14 -14.68 -15.38
CA VAL A 97 4.04 -14.39 -13.93
C VAL A 97 3.63 -15.62 -13.11
N THR A 98 2.84 -16.52 -13.71
CA THR A 98 2.34 -17.67 -12.99
C THR A 98 3.41 -18.75 -12.76
N THR A 99 4.57 -18.66 -13.42
CA THR A 99 5.66 -19.62 -13.13
C THR A 99 6.05 -19.58 -11.66
N LEU A 100 5.80 -18.44 -11.00
CA LEU A 100 6.12 -18.30 -9.58
C LEU A 100 5.25 -19.19 -8.68
N MET A 101 4.21 -19.81 -9.25
CA MET A 101 3.44 -20.80 -8.50
C MET A 101 4.06 -22.18 -8.46
N ASN A 102 5.18 -22.38 -9.16
CA ASN A 102 5.88 -23.67 -8.98
C ASN A 102 6.68 -23.64 -7.71
N VAL A 103 6.06 -24.11 -6.63
CA VAL A 103 6.70 -24.21 -5.32
C VAL A 103 6.88 -25.70 -4.97
N HIS A 104 7.11 -26.53 -5.99
CA HIS A 104 7.27 -27.97 -5.81
C HIS A 104 8.55 -28.49 -6.48
N SER A 105 9.49 -27.62 -6.78
CA SER A 105 10.67 -27.96 -7.57
C SER A 105 11.98 -27.57 -6.92
N ASN A 106 12.62 -28.52 -6.23
CA ASN A 106 13.99 -28.34 -5.70
C ASN A 106 14.17 -27.13 -4.79
N GLY A 107 13.16 -26.81 -4.01
CA GLY A 107 13.20 -25.62 -3.20
C GLY A 107 13.42 -26.00 -1.75
N GLN A 108 13.40 -24.98 -0.90
CA GLN A 108 13.57 -25.17 0.53
C GLN A 108 12.22 -24.95 1.18
N ALA A 109 11.75 -25.96 1.90
CA ALA A 109 10.48 -25.88 2.56
C ALA A 109 10.46 -24.73 3.53
N THR A 110 9.34 -24.03 3.55
CA THR A 110 9.14 -22.91 4.43
C THR A 110 9.14 -23.33 5.89
N HIS A 111 8.69 -24.56 6.16
CA HIS A 111 8.68 -25.14 7.49
C HIS A 111 8.57 -26.65 7.27
N ASP A 112 8.68 -27.44 8.32
CA ASP A 112 8.60 -28.90 8.19
C ASP A 112 7.31 -29.29 7.47
N ASN A 113 7.47 -30.03 6.37
CA ASN A 113 6.38 -30.58 5.56
C ASN A 113 5.68 -29.58 4.65
N GLY A 114 6.18 -28.35 4.63
CA GLY A 114 5.55 -27.29 3.83
C GLY A 114 5.98 -27.27 2.38
N ALA A 115 5.36 -26.39 1.61
CA ALA A 115 5.75 -26.16 0.23
C ALA A 115 7.05 -25.39 0.19
N ALA A 116 7.66 -25.28 -0.99
CA ALA A 116 8.91 -24.55 -1.13
C ALA A 116 8.70 -23.07 -0.97
N LYS A 117 9.65 -22.38 -0.37
CA LYS A 117 9.68 -20.92 -0.41
C LYS A 117 9.61 -20.45 -1.86
N PRO A 118 8.70 -19.50 -2.15
CA PRO A 118 8.62 -18.98 -3.50
C PRO A 118 9.68 -17.92 -3.75
N VAL A 119 9.80 -17.54 -5.01
CA VAL A 119 10.67 -16.44 -5.40
C VAL A 119 10.23 -15.17 -4.65
N GLN A 120 11.18 -14.53 -3.99
CA GLN A 120 10.89 -13.32 -3.22
C GLN A 120 12.20 -12.60 -2.96
N GLY A 121 12.11 -11.41 -2.39
CA GLY A 121 13.27 -10.58 -2.12
C GLY A 121 13.46 -9.53 -3.18
N THR A 122 14.62 -8.93 -3.20
CA THR A 122 14.85 -7.74 -4.01
C THR A 122 14.43 -7.94 -5.46
N SER A 123 13.67 -6.98 -5.98
CA SER A 123 13.28 -6.99 -7.39
C SER A 123 13.60 -5.66 -8.04
N PHE A 124 13.84 -5.69 -9.34
CA PHE A 124 13.97 -4.48 -10.16
C PHE A 124 13.21 -4.70 -11.44
N HIS A 125 12.16 -3.88 -11.64
CA HIS A 125 11.34 -3.92 -12.83
C HIS A 125 11.45 -2.57 -13.51
N PHE A 126 11.89 -2.61 -14.76
CA PHE A 126 12.33 -1.44 -15.46
C PHE A 126 12.05 -1.63 -16.94
N PHE A 127 11.59 -0.57 -17.60
CA PHE A 127 11.47 -0.58 -19.04
C PHE A 127 11.65 0.81 -19.61
N SER A 128 12.11 0.88 -20.86
CA SER A 128 12.26 2.15 -21.51
C SER A 128 12.02 2.00 -23.02
N VAL A 129 11.57 3.09 -23.63
CA VAL A 129 11.33 3.17 -25.05
C VAL A 129 12.00 4.45 -25.52
N GLY A 130 12.85 4.34 -26.52
CA GLY A 130 13.56 5.53 -27.03
C GLY A 130 13.89 5.48 -28.51
N GLY A 131 14.25 6.64 -29.05
CA GLY A 131 14.66 6.74 -30.45
C GLY A 131 16.16 6.60 -30.65
N GLU A 132 16.83 6.15 -29.60
CA GLU A 132 18.28 5.96 -29.58
C GLU A 132 18.57 5.17 -28.32
N ALA A 133 19.81 4.70 -28.16
CA ALA A 133 20.15 3.92 -26.98
C ALA A 133 19.90 4.66 -25.68
N LEU A 134 19.47 3.91 -24.67
CA LEU A 134 19.33 4.41 -23.31
C LEU A 134 20.71 4.87 -22.84
N GLU A 135 20.75 6.05 -22.24
CA GLU A 135 21.98 6.63 -21.73
C GLU A 135 22.11 6.29 -20.25
N LEU A 136 23.30 5.81 -19.85
CA LEU A 136 23.52 5.25 -18.52
C LEU A 136 24.53 6.09 -17.73
N GLN A 137 24.31 6.13 -16.42
CA GLN A 137 25.23 6.68 -15.45
C GLN A 137 25.66 5.54 -14.52
N GLY A 138 26.96 5.43 -14.29
CA GLY A 138 27.48 4.37 -13.41
C GLY A 138 27.49 4.79 -11.95
N VAL A 139 27.03 3.91 -11.06
CA VAL A 139 27.07 4.15 -9.62
C VAL A 139 27.29 2.75 -9.03
N VAL A 140 28.20 2.64 -8.09
CA VAL A 140 28.55 1.33 -7.51
C VAL A 140 28.27 1.32 -6.01
N PHE A 141 27.83 0.17 -5.52
CA PHE A 141 27.67 0.01 -4.09
C PHE A 141 29.00 0.14 -3.38
N ASN A 142 30.02 -0.44 -3.98
CA ASN A 142 31.35 -0.65 -3.40
C ASN A 142 32.35 -0.43 -4.53
N TYR A 143 33.13 0.65 -4.45
CA TYR A 143 34.00 0.99 -5.57
C TYR A 143 35.12 -0.01 -5.77
N ARG A 144 35.38 -0.84 -4.76
CA ARG A 144 36.42 -1.87 -4.85
C ARG A 144 35.92 -3.18 -5.45
N THR A 145 34.64 -3.25 -5.79
CA THR A 145 34.14 -4.37 -6.57
C THR A 145 34.91 -4.53 -7.89
N THR A 146 35.40 -5.74 -8.15
CA THR A 146 35.99 -6.04 -9.45
C THR A 146 34.92 -6.70 -10.29
N TYR A 147 34.45 -5.97 -11.30
CA TYR A 147 33.45 -6.48 -12.22
C TYR A 147 34.18 -7.38 -13.25
N PRO A 148 33.51 -8.45 -13.71
CA PRO A 148 34.23 -9.50 -14.42
C PRO A 148 34.43 -9.25 -15.91
N ASP A 149 35.42 -9.92 -16.45
CA ASP A 149 35.62 -9.96 -17.89
C ASP A 149 34.34 -10.36 -18.58
N GLY A 150 34.02 -9.69 -19.67
CA GLY A 150 32.76 -9.96 -20.35
C GLY A 150 31.63 -9.01 -20.00
N THR A 151 31.81 -8.18 -18.98
CA THR A 151 30.86 -7.14 -18.68
C THR A 151 31.45 -5.76 -18.97
N ILE A 152 30.54 -4.80 -19.13
CA ILE A 152 30.91 -3.42 -19.30
C ILE A 152 30.44 -2.69 -18.03
N PHE A 153 31.39 -2.03 -17.39
CA PHE A 153 31.24 -1.54 -16.03
C PHE A 153 31.96 -0.20 -15.85
N PRO A 154 31.66 0.51 -14.76
CA PRO A 154 32.33 1.79 -14.54
C PRO A 154 33.84 1.64 -14.39
N LYS A 155 34.58 2.31 -15.27
CA LYS A 155 36.04 2.21 -15.32
C LYS A 155 36.69 3.30 -14.47
N ASN A 156 37.86 3.00 -13.92
CA ASN A 156 38.59 3.92 -13.04
C ASN A 156 37.74 4.34 -11.86
N ALA A 157 37.00 3.40 -11.27
CA ALA A 157 36.11 3.75 -10.16
C ALA A 157 36.92 4.24 -9.00
N THR A 158 36.40 5.25 -8.32
CA THR A 158 36.99 5.79 -7.13
C THR A 158 35.96 5.71 -6.01
N VAL A 159 36.37 6.10 -4.80
CA VAL A 159 35.41 6.11 -3.71
C VAL A 159 34.20 7.02 -4.03
N GLN A 160 34.44 8.09 -4.77
CA GLN A 160 33.33 8.97 -5.16
C GLN A 160 32.30 8.30 -6.07
N SER A 161 32.70 7.22 -6.75
CA SER A 161 31.79 6.44 -7.59
C SER A 161 30.68 5.76 -6.78
N GLN A 162 30.84 5.68 -5.46
CA GLN A 162 29.82 5.15 -4.58
C GLN A 162 28.61 6.07 -4.42
N VAL A 163 28.78 7.35 -4.79
CA VAL A 163 27.69 8.32 -4.73
C VAL A 163 27.44 9.03 -6.07
N MET A 164 28.50 9.48 -6.75
CA MET A 164 28.34 10.07 -8.09
C MET A 164 29.71 10.45 -8.63
N ASN A 165 30.03 9.87 -9.76
CA ASN A 165 31.26 10.18 -10.48
C ASN A 165 30.86 10.38 -11.93
N THR A 166 30.95 11.61 -12.42
CA THR A 166 30.42 11.95 -13.74
C THR A 166 31.23 11.35 -14.88
N GLU A 167 32.36 10.73 -14.57
CA GLU A 167 33.13 10.01 -15.59
C GLU A 167 32.36 8.80 -16.13
N HIS A 168 31.47 8.22 -15.33
CA HIS A 168 30.88 6.92 -15.68
C HIS A 168 29.63 7.07 -16.55
N LYS A 169 29.88 7.35 -17.83
CA LYS A 169 28.80 7.52 -18.82
C LYS A 169 28.88 6.40 -19.83
N ALA A 170 27.74 5.85 -20.23
CA ALA A 170 27.72 4.79 -21.22
C ALA A 170 26.39 4.76 -21.94
N TYR A 171 26.35 3.96 -23.00
CA TYR A 171 25.11 3.73 -23.74
C TYR A 171 24.76 2.27 -23.55
N LEU A 172 23.48 1.98 -23.35
CA LEU A 172 23.02 0.59 -23.36
C LEU A 172 22.90 0.11 -24.81
N ASP A 173 24.04 -0.37 -25.30
CA ASP A 173 24.23 -0.67 -26.72
C ASP A 173 24.62 -2.13 -26.95
N LYS A 174 24.53 -2.95 -25.91
CA LYS A 174 24.90 -4.36 -26.03
C LYS A 174 24.08 -5.13 -25.04
N ASN A 175 23.51 -6.24 -25.49
CA ASN A 175 22.69 -7.08 -24.65
C ASN A 175 23.58 -7.94 -23.75
N LYS A 176 23.05 -8.30 -22.59
CA LYS A 176 23.74 -9.17 -21.61
C LYS A 176 25.20 -8.79 -21.33
N ALA A 177 25.42 -7.49 -21.10
CA ALA A 177 26.74 -6.92 -20.92
C ALA A 177 26.86 -5.89 -19.78
N TYR A 178 25.82 -5.12 -19.57
CA TYR A 178 25.83 -4.02 -18.60
C TYR A 178 25.17 -4.48 -17.32
N PRO A 179 25.95 -4.70 -16.24
CA PRO A 179 25.25 -5.23 -15.08
C PRO A 179 24.24 -4.25 -14.48
N VAL A 180 23.14 -4.81 -14.00
CA VAL A 180 22.09 -4.00 -13.40
C VAL A 180 22.61 -3.21 -12.21
N GLU A 181 23.42 -3.84 -11.36
CA GLU A 181 23.79 -3.23 -10.09
C GLU A 181 24.70 -2.01 -10.17
N CYS A 182 25.35 -1.77 -11.32
CA CYS A 182 26.30 -0.66 -11.41
C CYS A 182 25.93 0.40 -12.44
N TRP A 183 24.74 0.29 -13.02
CA TRP A 183 24.28 1.29 -13.97
C TRP A 183 22.83 1.64 -13.75
N VAL A 184 22.51 2.92 -13.93
CA VAL A 184 21.13 3.40 -13.96
C VAL A 184 20.95 4.34 -15.15
N PRO A 185 19.70 4.59 -15.53
CA PRO A 185 19.46 5.61 -16.50
C PRO A 185 20.04 6.94 -16.04
N ASP A 186 20.69 7.65 -16.95
CA ASP A 186 21.31 8.94 -16.67
C ASP A 186 20.23 10.03 -16.73
N PRO A 187 19.87 10.62 -15.60
CA PRO A 187 18.79 11.63 -15.63
C PRO A 187 19.20 12.97 -16.27
N THR A 188 20.51 13.16 -16.51
CA THR A 188 21.02 14.35 -17.16
C THR A 188 20.94 14.26 -18.68
N ARG A 189 20.60 13.07 -19.19
CA ARG A 189 20.46 12.88 -20.63
CA ARG A 189 20.47 12.88 -20.63
C ARG A 189 19.09 12.24 -20.88
N ASN A 190 18.99 11.31 -21.82
CA ASN A 190 17.74 10.63 -22.12
C ASN A 190 16.56 11.55 -22.51
N GLU A 191 16.85 12.67 -23.16
CA GLU A 191 15.77 13.54 -23.71
C GLU A 191 14.88 12.80 -24.71
N ASN A 192 15.43 11.80 -25.39
CA ASN A 192 14.72 11.10 -26.48
C ASN A 192 14.31 9.68 -26.12
N THR A 193 14.13 9.44 -24.82
CA THR A 193 13.74 8.15 -24.27
C THR A 193 12.76 8.44 -23.15
N ARG A 194 11.84 7.52 -22.93
CA ARG A 194 10.96 7.53 -21.74
C ARG A 194 11.30 6.28 -20.97
N TYR A 195 11.69 6.44 -19.71
CA TYR A 195 12.05 5.26 -18.89
C TYR A 195 11.29 5.23 -17.58
N PHE A 196 11.10 4.02 -17.07
CA PHE A 196 10.31 3.80 -15.83
C PHE A 196 10.89 2.61 -15.09
N GLY A 197 11.15 2.76 -13.79
CA GLY A 197 11.63 1.62 -13.02
C GLY A 197 11.32 1.69 -11.55
N THR A 198 11.28 0.51 -10.92
CA THR A 198 11.07 0.43 -9.48
C THR A 198 11.97 -0.65 -8.91
N LEU A 199 12.79 -0.24 -7.95
CA LEU A 199 13.55 -1.17 -7.09
C LEU A 199 12.77 -1.39 -5.81
N THR A 200 12.40 -2.63 -5.54
CA THR A 200 11.75 -3.00 -4.28
C THR A 200 12.72 -3.94 -3.55
N GLY A 201 13.27 -3.47 -2.44
CA GLY A 201 14.32 -4.20 -1.71
C GLY A 201 13.74 -5.09 -0.63
N GLY A 202 14.61 -5.58 0.24
CA GLY A 202 14.24 -6.48 1.37
C GLY A 202 14.43 -7.95 0.98
N GLU A 203 14.93 -8.80 1.89
CA GLU A 203 15.16 -10.20 1.48
C GLU A 203 13.89 -11.03 1.39
N ASN A 204 12.82 -10.57 2.01
CA ASN A 204 11.60 -11.37 2.04
C ASN A 204 10.46 -10.74 1.28
N VAL A 205 10.72 -9.64 0.57
CA VAL A 205 9.61 -8.90 -0.03
C VAL A 205 8.88 -9.73 -1.11
N PRO A 206 7.54 -9.72 -1.05
CA PRO A 206 6.75 -10.54 -1.97
C PRO A 206 6.60 -9.88 -3.33
N PRO A 207 6.79 -10.65 -4.40
CA PRO A 207 6.46 -10.12 -5.72
C PRO A 207 4.99 -9.73 -5.82
N VAL A 208 4.73 -8.61 -6.51
CA VAL A 208 3.36 -8.26 -6.88
C VAL A 208 3.37 -7.92 -8.38
N LEU A 209 2.78 -8.80 -9.19
CA LEU A 209 2.91 -8.73 -10.63
C LEU A 209 1.52 -8.64 -11.23
N HIS A 210 1.23 -7.53 -11.89
CA HIS A 210 -0.08 -7.32 -12.52
C HIS A 210 0.00 -7.55 -14.02
N ILE A 211 -1.04 -8.14 -14.58
CA ILE A 211 -1.13 -8.35 -16.02
C ILE A 211 -2.47 -7.87 -16.52
N THR A 212 -2.48 -7.24 -17.68
CA THR A 212 -3.72 -6.84 -18.33
C THR A 212 -3.40 -6.40 -19.77
N ASN A 213 -4.33 -6.56 -20.69
CA ASN A 213 -4.16 -6.02 -22.05
C ASN A 213 -4.95 -4.72 -22.27
N THR A 214 -5.37 -4.10 -21.16
CA THR A 214 -6.19 -2.88 -21.21
C THR A 214 -5.47 -1.60 -20.82
N ALA A 215 -4.18 -1.68 -20.54
CA ALA A 215 -3.39 -0.56 -20.01
C ALA A 215 -2.43 -0.03 -21.06
N THR A 216 -2.46 1.27 -21.30
CA THR A 216 -1.58 1.89 -22.29
C THR A 216 -0.85 3.05 -21.62
N THR A 217 0.46 3.13 -21.83
CA THR A 217 1.25 4.29 -21.46
C THR A 217 1.49 5.22 -22.66
N VAL A 218 1.18 6.49 -22.49
CA VAL A 218 1.43 7.51 -23.51
C VAL A 218 2.87 8.02 -23.36
N LEU A 219 3.58 8.11 -24.48
CA LEU A 219 5.00 8.39 -24.50
C LEU A 219 5.32 9.84 -24.87
N LEU A 220 4.29 10.63 -25.09
CA LEU A 220 4.45 12.02 -25.50
C LEU A 220 4.94 12.83 -24.31
N ASP A 221 5.85 13.76 -24.57
CA ASP A 221 6.31 14.68 -23.53
C ASP A 221 5.28 15.80 -23.34
N GLU A 222 5.66 16.81 -22.56
CA GLU A 222 4.76 17.91 -22.24
C GLU A 222 4.44 18.80 -23.44
N PHE A 223 5.20 18.66 -24.52
CA PHE A 223 4.96 19.40 -25.76
C PHE A 223 4.23 18.55 -26.80
N GLY A 224 3.84 17.33 -26.43
CA GLY A 224 3.09 16.47 -27.33
C GLY A 224 3.97 15.67 -28.27
N VAL A 225 5.26 15.55 -27.94
CA VAL A 225 6.23 14.88 -28.81
C VAL A 225 6.77 13.62 -28.16
N GLY A 226 6.69 12.51 -28.90
CA GLY A 226 7.22 11.22 -28.45
C GLY A 226 8.68 11.05 -28.86
N PRO A 227 9.31 9.96 -28.42
CA PRO A 227 10.67 9.65 -28.89
C PRO A 227 10.73 9.59 -30.43
N LEU A 228 11.76 10.20 -31.01
CA LEU A 228 11.93 10.26 -32.47
C LEU A 228 13.05 9.33 -32.85
N CYS A 229 12.77 8.41 -33.77
CA CYS A 229 13.65 7.25 -33.99
C CYS A 229 14.76 7.53 -35.00
N LYS A 230 15.94 7.82 -34.47
CA LYS A 230 17.07 8.13 -35.32
C LYS A 230 17.46 6.92 -36.17
N GLY A 231 17.64 7.16 -37.45
CA GLY A 231 18.00 6.08 -38.36
C GLY A 231 16.94 4.99 -38.51
N ASP A 232 15.68 5.32 -38.21
CA ASP A 232 14.57 4.36 -38.31
C ASP A 232 14.80 3.12 -37.45
N ASN A 233 15.31 3.35 -36.25
CA ASN A 233 15.46 2.29 -35.24
C ASN A 233 14.80 2.69 -33.94
N LEU A 234 14.12 1.71 -33.32
CA LEU A 234 13.47 1.88 -32.03
C LEU A 234 14.26 1.10 -31.01
N TYR A 235 14.58 1.72 -29.89
CA TYR A 235 15.30 1.05 -28.80
C TYR A 235 14.40 0.70 -27.63
N LEU A 236 14.37 -0.57 -27.30
CA LEU A 236 13.61 -1.06 -26.17
C LEU A 236 14.58 -1.64 -25.14
N SER A 237 14.39 -1.31 -23.88
CA SER A 237 15.26 -1.80 -22.82
C SER A 237 14.43 -2.30 -21.66
N ALA A 238 14.95 -3.27 -20.90
CA ALA A 238 14.21 -3.81 -19.78
C ALA A 238 15.08 -4.50 -18.76
N VAL A 239 14.59 -4.47 -17.51
CA VAL A 239 15.04 -5.41 -16.48
C VAL A 239 13.82 -5.93 -15.74
N ASP A 240 13.75 -7.24 -15.50
CA ASP A 240 12.68 -7.80 -14.70
C ASP A 240 13.20 -8.89 -13.82
N VAL A 241 14.01 -8.45 -12.86
CA VAL A 241 14.50 -9.31 -11.79
C VAL A 241 13.35 -9.41 -10.80
N CYS A 242 12.79 -10.61 -10.68
CA CYS A 242 11.56 -10.79 -9.90
C CYS A 242 11.80 -11.04 -8.41
N GLY A 243 13.04 -11.40 -8.06
CA GLY A 243 13.39 -11.83 -6.72
C GLY A 243 14.42 -12.94 -6.84
N MET A 244 14.60 -13.65 -5.74
CA MET A 244 15.51 -14.79 -5.68
C MET A 244 14.76 -16.07 -5.41
N PHE A 245 15.22 -17.12 -6.08
CA PHE A 245 14.82 -18.52 -5.82
C PHE A 245 15.81 -19.13 -4.85
N THR A 246 15.28 -19.80 -3.81
CA THR A 246 16.09 -20.44 -2.80
C THR A 246 16.03 -21.93 -3.06
N ASN A 247 17.19 -22.55 -3.25
CA ASN A 247 17.14 -24.01 -3.40
CA ASN A 247 17.30 -24.01 -3.39
C ASN A 247 17.19 -24.71 -2.06
N ARG A 248 17.04 -26.03 -2.10
CA ARG A 248 17.05 -26.88 -0.93
C ARG A 248 18.16 -26.55 0.08
N SER A 249 19.37 -26.29 -0.42
CA SER A 249 20.53 -26.03 0.44
C SER A 249 20.49 -24.66 1.10
N GLY A 250 19.62 -23.78 0.63
CA GLY A 250 19.63 -22.37 1.09
C GLY A 250 20.28 -21.41 0.09
N SER A 251 20.98 -21.94 -0.91
CA SER A 251 21.62 -21.05 -1.89
CA SER A 251 21.62 -21.10 -1.95
C SER A 251 20.56 -20.32 -2.71
N GLN A 252 20.87 -19.09 -3.08
CA GLN A 252 19.89 -18.25 -3.75
C GLN A 252 20.37 -17.80 -5.10
N GLN A 253 19.45 -17.74 -6.04
CA GLN A 253 19.76 -17.31 -7.41
C GLN A 253 18.72 -16.28 -7.84
N TRP A 254 19.13 -15.23 -8.54
CA TRP A 254 18.13 -14.34 -9.13
C TRP A 254 17.27 -15.09 -10.16
N ARG A 255 15.99 -14.76 -10.23
CA ARG A 255 15.09 -15.25 -11.29
C ARG A 255 14.47 -14.06 -12.00
N GLY A 256 14.53 -14.07 -13.33
CA GLY A 256 13.97 -13.04 -14.17
C GLY A 256 12.93 -13.59 -15.14
N LEU A 257 12.15 -12.69 -15.71
CA LEU A 257 11.12 -13.04 -16.70
C LEU A 257 11.21 -12.08 -17.88
N SER A 258 10.72 -12.56 -19.02
CA SER A 258 10.64 -11.75 -20.24
C SER A 258 9.61 -10.62 -20.15
N ARG A 259 9.81 -9.60 -20.96
CA ARG A 259 8.89 -8.47 -21.04
C ARG A 259 8.41 -8.26 -22.48
N TYR A 260 7.09 -8.22 -22.61
CA TYR A 260 6.40 -7.85 -23.85
C TYR A 260 6.32 -6.35 -24.05
N PHE A 261 6.55 -5.90 -25.28
CA PHE A 261 6.41 -4.50 -25.72
C PHE A 261 5.52 -4.45 -26.96
N LYS A 262 4.53 -3.56 -26.95
CA LYS A 262 3.84 -3.17 -28.20
C LYS A 262 3.90 -1.65 -28.26
N VAL A 263 4.54 -1.12 -29.30
CA VAL A 263 4.67 0.34 -29.47
C VAL A 263 3.98 0.79 -30.76
N GLN A 264 3.14 1.82 -30.66
CA GLN A 264 2.51 2.45 -31.82
CA GLN A 264 2.51 2.45 -31.82
C GLN A 264 3.34 3.67 -32.20
N LEU A 265 3.63 3.80 -33.49
CA LEU A 265 4.44 4.90 -34.02
C LEU A 265 3.73 5.62 -35.14
N ARG A 266 4.05 6.90 -35.28
CA ARG A 266 3.49 7.71 -36.38
C ARG A 266 4.60 8.48 -37.05
N LYS A 267 4.41 8.81 -38.32
CA LYS A 267 5.42 9.57 -39.04
C LYS A 267 5.31 11.05 -38.69
N ARG A 268 6.44 11.65 -38.36
CA ARG A 268 6.53 13.04 -37.96
C ARG A 268 7.53 13.78 -38.86
N ARG A 269 7.17 14.93 -39.38
CA ARG A 269 8.11 15.74 -40.17
C ARG A 269 8.92 16.63 -39.24
N VAL A 270 10.22 16.68 -39.46
CA VAL A 270 11.14 17.50 -38.68
C VAL A 270 12.02 18.33 -39.63
N LYS A 271 12.57 19.44 -39.13
CA LYS A 271 13.42 20.36 -39.92
C LYS A 271 14.91 20.00 -39.80
N GLU B 8 -15.02 -4.66 -39.92
CA GLU B 8 -15.68 -3.31 -40.02
C GLU B 8 -16.84 -3.23 -39.01
N VAL B 9 -16.61 -2.53 -37.90
CA VAL B 9 -17.62 -2.37 -36.87
C VAL B 9 -18.50 -1.17 -37.19
N LEU B 10 -19.81 -1.40 -37.33
CA LEU B 10 -20.74 -0.33 -37.66
C LEU B 10 -21.55 0.07 -36.41
N GLU B 11 -22.83 0.41 -36.58
CA GLU B 11 -23.59 0.99 -35.49
C GLU B 11 -24.11 -0.05 -34.50
N VAL B 12 -24.33 0.41 -33.27
CA VAL B 12 -25.03 -0.36 -32.26
C VAL B 12 -26.53 -0.33 -32.58
N LYS B 13 -27.18 -1.49 -32.48
CA LYS B 13 -28.65 -1.57 -32.58
C LYS B 13 -29.25 -1.07 -31.29
N THR B 14 -30.40 -0.41 -31.37
CA THR B 14 -31.12 0.03 -30.16
C THR B 14 -32.52 -0.56 -30.14
N GLY B 15 -33.30 -0.22 -29.12
CA GLY B 15 -34.62 -0.81 -28.91
C GLY B 15 -34.56 -1.81 -27.78
N VAL B 16 -35.72 -2.20 -27.26
CA VAL B 16 -35.79 -3.07 -26.07
C VAL B 16 -35.12 -4.44 -26.32
N ASP B 17 -35.21 -4.90 -27.57
CA ASP B 17 -34.67 -6.18 -28.03
C ASP B 17 -33.11 -6.29 -28.14
N SER B 18 -32.42 -5.18 -27.95
CA SER B 18 -31.04 -5.04 -28.41
C SER B 18 -30.00 -5.26 -27.34
N ILE B 19 -30.41 -5.60 -26.11
CA ILE B 19 -29.46 -5.83 -25.03
C ILE B 19 -29.77 -7.16 -24.35
N THR B 20 -28.76 -7.77 -23.76
CA THR B 20 -28.97 -8.97 -22.96
C THR B 20 -27.91 -9.00 -21.86
N GLU B 21 -28.12 -9.86 -20.87
CA GLU B 21 -27.10 -10.04 -19.84
C GLU B 21 -26.83 -11.52 -19.57
N VAL B 22 -25.59 -11.79 -19.19
CA VAL B 22 -25.14 -13.13 -18.79
C VAL B 22 -24.76 -13.00 -17.33
N GLU B 23 -25.22 -13.95 -16.52
CA GLU B 23 -24.84 -14.03 -15.11
C GLU B 23 -24.50 -15.47 -14.86
N CYS B 24 -23.33 -15.70 -14.25
CA CYS B 24 -22.94 -17.05 -13.88
C CYS B 24 -21.81 -17.04 -12.86
N PHE B 25 -21.42 -18.23 -12.42
CA PHE B 25 -20.22 -18.36 -11.61
C PHE B 25 -19.34 -19.46 -12.18
N LEU B 26 -18.03 -19.31 -11.97
CA LEU B 26 -17.03 -20.30 -12.35
C LEU B 26 -16.47 -20.86 -11.08
N THR B 27 -16.52 -22.18 -10.94
CA THR B 27 -15.92 -22.81 -9.77
C THR B 27 -14.41 -22.89 -9.96
N PRO B 28 -13.66 -22.88 -8.85
CA PRO B 28 -12.23 -23.02 -8.91
C PRO B 28 -11.85 -24.47 -9.20
N GLU B 29 -10.69 -24.69 -9.84
CA GLU B 29 -10.24 -26.04 -10.17
C GLU B 29 -8.84 -26.23 -9.61
N MET B 30 -8.78 -26.53 -8.31
CA MET B 30 -7.55 -26.56 -7.55
C MET B 30 -6.91 -27.92 -7.51
N GLY B 31 -7.62 -28.97 -7.95
CA GLY B 31 -7.08 -30.33 -8.00
C GLY B 31 -8.00 -31.37 -7.37
N ASP B 32 -8.71 -31.00 -6.30
CA ASP B 32 -9.76 -31.83 -5.69
C ASP B 32 -9.27 -33.25 -5.40
N PRO B 33 -8.33 -33.38 -4.46
CA PRO B 33 -7.63 -34.67 -4.26
C PRO B 33 -8.47 -35.81 -3.68
N ASP B 34 -9.59 -35.50 -3.04
CA ASP B 34 -10.53 -36.53 -2.62
C ASP B 34 -11.97 -36.01 -2.60
N GLU B 35 -12.89 -36.90 -2.27
CA GLU B 35 -14.31 -36.58 -2.26
C GLU B 35 -14.75 -35.54 -1.24
N HIS B 36 -13.87 -35.15 -0.31
CA HIS B 36 -14.20 -34.16 0.71
C HIS B 36 -13.47 -32.83 0.49
N LEU B 37 -12.65 -32.73 -0.56
CA LEU B 37 -11.68 -31.63 -0.69
C LEU B 37 -11.82 -30.76 -1.95
N ARG B 38 -13.06 -30.66 -2.45
CA ARG B 38 -13.41 -29.71 -3.49
C ARG B 38 -12.96 -28.30 -3.08
N GLY B 39 -12.21 -27.63 -3.96
CA GLY B 39 -11.72 -26.29 -3.73
C GLY B 39 -10.30 -26.26 -3.19
N PHE B 40 -9.76 -27.43 -2.90
CA PHE B 40 -8.38 -27.58 -2.40
C PHE B 40 -7.55 -28.39 -3.41
N SER B 41 -6.23 -28.21 -3.36
CA SER B 41 -5.31 -29.11 -4.06
C SER B 41 -4.86 -30.22 -3.09
N LYS B 42 -4.21 -31.21 -3.68
CA LYS B 42 -3.42 -32.16 -2.91
C LYS B 42 -2.33 -31.40 -2.16
N SER B 43 -1.92 -31.94 -1.03
CA SER B 43 -0.78 -31.37 -0.35
CA SER B 43 -0.73 -31.45 -0.32
C SER B 43 0.43 -31.26 -1.29
N ILE B 44 1.18 -30.20 -1.12
CA ILE B 44 2.29 -29.91 -1.99
C ILE B 44 3.54 -30.66 -1.54
N SER B 45 4.16 -31.41 -2.45
CA SER B 45 5.44 -32.08 -2.21
CA SER B 45 5.45 -32.04 -2.17
C SER B 45 6.51 -31.41 -3.05
N ILE B 46 7.75 -31.44 -2.58
CA ILE B 46 8.87 -30.78 -3.26
C ILE B 46 9.82 -31.80 -3.87
N SER B 47 10.09 -31.70 -5.17
CA SER B 47 11.03 -32.62 -5.80
C SER B 47 12.46 -32.37 -5.28
N ASP B 48 13.30 -33.38 -5.31
CA ASP B 48 14.64 -33.18 -4.79
C ASP B 48 15.62 -32.58 -5.80
N THR B 49 15.29 -32.60 -7.08
CA THR B 49 16.06 -31.87 -8.10
C THR B 49 15.10 -31.26 -9.10
N PHE B 50 15.58 -30.31 -9.91
CA PHE B 50 14.78 -29.77 -11.01
C PHE B 50 14.43 -30.91 -11.97
N GLU B 51 15.39 -31.79 -12.21
CA GLU B 51 15.20 -32.87 -13.15
C GLU B 51 14.04 -33.77 -12.75
N SER B 52 13.87 -34.00 -11.43
CA SER B 52 12.87 -34.95 -10.96
C SER B 52 11.51 -34.34 -10.66
N ASP B 53 11.29 -33.07 -11.01
CA ASP B 53 10.01 -32.42 -10.75
C ASP B 53 8.90 -33.06 -11.61
N SER B 54 7.90 -33.62 -10.95
CA SER B 54 6.87 -34.39 -11.65
CA SER B 54 6.86 -34.39 -11.64
C SER B 54 5.56 -34.31 -10.84
N PRO B 55 4.94 -33.13 -10.83
CA PRO B 55 3.76 -32.92 -10.01
C PRO B 55 2.54 -33.76 -10.43
N ASN B 56 1.82 -34.29 -9.45
CA ASN B 56 0.58 -34.97 -9.75
C ASN B 56 -0.50 -33.98 -10.13
N LYS B 57 -1.41 -34.45 -10.97
CA LYS B 57 -2.46 -33.57 -11.47
C LYS B 57 -3.27 -32.93 -10.34
N ASP B 58 -3.59 -33.71 -9.31
CA ASP B 58 -4.41 -33.17 -8.23
CA ASP B 58 -4.37 -33.24 -8.17
C ASP B 58 -3.67 -32.15 -7.34
N MET B 59 -2.37 -31.93 -7.59
CA MET B 59 -1.58 -30.92 -6.89
C MET B 59 -1.52 -29.59 -7.66
N LEU B 60 -2.03 -29.59 -8.90
CA LEU B 60 -1.94 -28.42 -9.79
C LEU B 60 -3.26 -27.65 -10.04
N PRO B 61 -3.36 -26.44 -9.48
CA PRO B 61 -4.48 -25.59 -9.88
C PRO B 61 -4.48 -25.38 -11.41
N CYS B 62 -5.66 -25.34 -11.99
CA CYS B 62 -5.85 -25.10 -13.42
C CYS B 62 -6.74 -23.88 -13.66
N TYR B 63 -6.67 -23.34 -14.86
CA TYR B 63 -7.54 -22.26 -15.24
C TYR B 63 -8.98 -22.78 -15.32
N SER B 64 -9.92 -21.91 -14.95
CA SER B 64 -11.36 -22.17 -15.14
C SER B 64 -11.85 -21.46 -16.39
N VAL B 65 -12.80 -22.09 -17.07
CA VAL B 65 -13.41 -21.49 -18.27
C VAL B 65 -14.85 -21.92 -18.43
N ALA B 66 -15.69 -20.99 -18.87
CA ALA B 66 -17.06 -21.34 -19.25
C ALA B 66 -17.33 -20.66 -20.57
N ARG B 67 -17.99 -21.39 -21.45
CA ARG B 67 -18.47 -20.80 -22.71
C ARG B 67 -19.98 -20.72 -22.62
N ILE B 68 -20.52 -19.51 -22.73
CA ILE B 68 -21.95 -19.29 -22.49
C ILE B 68 -22.64 -18.93 -23.81
N PRO B 69 -23.65 -19.72 -24.21
CA PRO B 69 -24.38 -19.40 -25.43
C PRO B 69 -25.27 -18.18 -25.22
N LEU B 70 -25.32 -17.33 -26.24
CA LEU B 70 -26.09 -16.09 -26.21
C LEU B 70 -27.29 -16.25 -27.12
N PRO B 71 -28.24 -15.32 -27.03
CA PRO B 71 -29.38 -15.47 -27.93
C PRO B 71 -28.96 -15.47 -29.40
N ASN B 72 -29.57 -16.35 -30.17
CA ASN B 72 -29.12 -16.65 -31.53
C ASN B 72 -29.36 -15.44 -32.44
N LEU B 73 -28.34 -15.04 -33.17
CA LEU B 73 -28.45 -13.91 -34.10
C LEU B 73 -28.42 -14.39 -35.56
N ASN B 74 -28.76 -13.50 -36.47
CA ASN B 74 -28.64 -13.75 -37.93
C ASN B 74 -29.34 -15.03 -38.48
N ILE B 82 -24.91 -8.74 -40.79
CA ILE B 82 -24.51 -9.51 -39.62
C ILE B 82 -24.49 -8.69 -38.32
N LEU B 83 -25.19 -9.21 -37.30
CA LEU B 83 -25.12 -8.68 -35.94
C LEU B 83 -24.27 -9.60 -35.09
N MET B 84 -23.53 -9.02 -34.14
CA MET B 84 -22.84 -9.77 -33.10
C MET B 84 -23.15 -9.14 -31.76
N TRP B 85 -23.18 -9.96 -30.72
CA TRP B 85 -23.27 -9.46 -29.38
C TRP B 85 -21.89 -8.88 -29.00
N GLU B 86 -21.93 -7.68 -28.44
CA GLU B 86 -20.76 -6.95 -27.96
C GLU B 86 -20.81 -6.86 -26.45
N ALA B 87 -19.78 -7.35 -25.78
CA ALA B 87 -19.72 -7.31 -24.29
C ALA B 87 -19.25 -5.90 -23.89
N VAL B 88 -20.04 -5.23 -23.06
CA VAL B 88 -19.82 -3.82 -22.76
C VAL B 88 -19.36 -3.58 -21.32
N THR B 89 -19.97 -4.25 -20.37
CA THR B 89 -19.57 -4.12 -18.97
C THR B 89 -19.50 -5.43 -18.26
N LEU B 90 -18.75 -5.41 -17.16
CA LEU B 90 -18.57 -6.57 -16.29
C LEU B 90 -18.70 -6.13 -14.82
N LYS B 91 -19.45 -6.90 -14.04
CA LYS B 91 -19.33 -6.91 -12.60
C LYS B 91 -18.84 -8.29 -12.20
N THR B 92 -17.85 -8.35 -11.30
CA THR B 92 -17.29 -9.62 -10.88
C THR B 92 -16.92 -9.56 -9.42
N GLU B 93 -16.96 -10.73 -8.79
CA GLU B 93 -16.79 -10.87 -7.35
C GLU B 93 -16.31 -12.28 -7.02
N VAL B 94 -15.37 -12.38 -6.09
CA VAL B 94 -14.97 -13.66 -5.53
C VAL B 94 -16.00 -14.07 -4.49
N ILE B 95 -16.47 -15.31 -4.56
CA ILE B 95 -17.60 -15.78 -3.78
C ILE B 95 -17.12 -16.60 -2.59
N GLY B 96 -17.53 -16.20 -1.39
CA GLY B 96 -17.19 -16.95 -0.17
C GLY B 96 -15.93 -16.48 0.54
N VAL B 97 -15.63 -15.18 0.45
CA VAL B 97 -14.41 -14.65 1.08
C VAL B 97 -14.32 -14.91 2.59
N THR B 98 -15.47 -14.97 3.27
CA THR B 98 -15.52 -15.13 4.72
C THR B 98 -15.20 -16.55 5.19
N THR B 99 -15.11 -17.50 4.27
CA THR B 99 -14.74 -18.88 4.63
C THR B 99 -13.33 -18.90 5.24
N LEU B 100 -12.54 -17.89 4.86
CA LEU B 100 -11.17 -17.80 5.39
C LEU B 100 -11.13 -17.46 6.87
N MET B 101 -12.28 -17.19 7.48
CA MET B 101 -12.36 -17.05 8.94
C MET B 101 -12.45 -18.38 9.70
N ASN B 102 -12.53 -19.48 8.98
CA ASN B 102 -12.47 -20.78 9.65
C ASN B 102 -11.02 -21.11 9.98
N VAL B 103 -10.59 -20.68 11.16
CA VAL B 103 -9.25 -20.94 11.70
C VAL B 103 -9.40 -21.91 12.89
N HIS B 104 -10.41 -22.77 12.84
CA HIS B 104 -10.73 -23.65 13.94
C HIS B 104 -10.80 -25.14 13.56
N SER B 105 -10.13 -25.52 12.48
CA SER B 105 -10.16 -26.93 12.09
C SER B 105 -8.98 -27.40 11.26
N ASN B 106 -8.37 -28.49 11.70
CA ASN B 106 -7.41 -29.25 10.89
C ASN B 106 -6.19 -28.39 10.56
N GLY B 107 -5.86 -27.47 11.44
CA GLY B 107 -4.81 -26.49 11.16
C GLY B 107 -3.69 -26.56 12.18
N GLN B 108 -2.72 -25.67 11.97
CA GLN B 108 -1.54 -25.59 12.82
C GLN B 108 -1.56 -24.30 13.60
N ALA B 109 -1.51 -24.38 14.93
CA ALA B 109 -1.55 -23.18 15.74
C ALA B 109 -0.40 -22.24 15.38
N THR B 110 -0.73 -20.96 15.28
CA THR B 110 0.25 -19.94 14.95
C THR B 110 1.37 -19.87 16.00
N HIS B 111 1.00 -20.09 17.27
CA HIS B 111 1.89 -20.12 18.41
C HIS B 111 1.17 -20.97 19.44
N ASP B 112 1.82 -21.29 20.55
CA ASP B 112 1.19 -22.14 21.56
C ASP B 112 -0.16 -21.59 22.00
N ASN B 113 -1.19 -22.43 21.89
CA ASN B 113 -2.56 -22.13 22.31
C ASN B 113 -3.34 -21.18 21.40
N GLY B 114 -2.73 -20.75 20.30
CA GLY B 114 -3.37 -19.83 19.35
C GLY B 114 -4.34 -20.49 18.40
N ALA B 115 -4.98 -19.66 17.58
CA ALA B 115 -5.85 -20.14 16.53
C ALA B 115 -4.99 -20.72 15.41
N ALA B 116 -5.62 -21.42 14.47
CA ALA B 116 -4.91 -22.00 13.35
C ALA B 116 -4.39 -20.91 12.42
N LYS B 117 -3.23 -21.14 11.85
CA LYS B 117 -2.71 -20.27 10.79
C LYS B 117 -3.73 -20.23 9.64
N PRO B 118 -4.13 -19.03 9.18
CA PRO B 118 -5.13 -18.97 8.12
C PRO B 118 -4.53 -19.19 6.74
N VAL B 119 -5.37 -19.23 5.73
CA VAL B 119 -4.92 -19.32 4.35
C VAL B 119 -4.09 -18.06 4.02
N GLN B 120 -2.90 -18.28 3.50
CA GLN B 120 -1.96 -17.22 3.17
C GLN B 120 -0.89 -17.73 2.22
N GLY B 121 -0.07 -16.82 1.74
CA GLY B 121 0.96 -17.16 0.75
C GLY B 121 0.46 -16.89 -0.65
N THR B 122 1.20 -17.38 -1.63
CA THR B 122 1.01 -16.99 -3.01
C THR B 122 -0.45 -17.07 -3.44
N SER B 123 -0.92 -16.02 -4.09
CA SER B 123 -2.25 -16.00 -4.67
C SER B 123 -2.16 -15.57 -6.13
N PHE B 124 -3.12 -16.01 -6.92
CA PHE B 124 -3.30 -15.53 -8.30
C PHE B 124 -4.79 -15.32 -8.49
N HIS B 125 -5.19 -14.08 -8.75
CA HIS B 125 -6.58 -13.71 -9.02
C HIS B 125 -6.64 -13.12 -10.41
N PHE B 126 -7.42 -13.78 -11.26
CA PHE B 126 -7.39 -13.53 -12.69
C PHE B 126 -8.80 -13.71 -13.22
N PHE B 127 -9.17 -12.82 -14.14
CA PHE B 127 -10.42 -12.98 -14.89
C PHE B 127 -10.33 -12.37 -16.28
N SER B 128 -11.13 -12.93 -17.19
CA SER B 128 -11.18 -12.42 -18.54
C SER B 128 -12.57 -12.63 -19.10
N VAL B 129 -12.90 -11.76 -20.07
CA VAL B 129 -14.16 -11.81 -20.81
C VAL B 129 -13.79 -11.61 -22.27
N GLY B 130 -14.22 -12.54 -23.12
CA GLY B 130 -13.88 -12.48 -24.52
C GLY B 130 -14.96 -13.00 -25.46
N GLY B 131 -14.83 -12.66 -26.73
CA GLY B 131 -15.75 -13.16 -27.74
C GLY B 131 -15.23 -14.42 -28.42
N GLU B 132 -14.20 -15.02 -27.82
CA GLU B 132 -13.59 -16.27 -28.26
C GLU B 132 -12.70 -16.75 -27.13
N ALA B 133 -12.17 -17.96 -27.26
CA ALA B 133 -11.34 -18.50 -26.19
C ALA B 133 -10.14 -17.61 -25.88
N LEU B 134 -9.80 -17.53 -24.60
CA LEU B 134 -8.57 -16.88 -24.16
C LEU B 134 -7.36 -17.55 -24.81
N GLU B 135 -6.47 -16.75 -25.36
CA GLU B 135 -5.27 -17.26 -26.00
C GLU B 135 -4.13 -17.27 -24.98
N LEU B 136 -3.45 -18.41 -24.91
CA LEU B 136 -2.40 -18.63 -23.92
C LEU B 136 -1.01 -18.77 -24.54
N GLN B 137 -0.03 -18.32 -23.76
CA GLN B 137 1.39 -18.49 -24.05
C GLN B 137 1.97 -19.33 -22.90
N GLY B 138 2.70 -20.38 -23.24
CA GLY B 138 3.32 -21.23 -22.20
C GLY B 138 4.65 -20.70 -21.73
N VAL B 139 4.88 -20.72 -20.40
CA VAL B 139 6.16 -20.36 -19.84
C VAL B 139 6.29 -21.26 -18.62
N VAL B 140 7.47 -21.86 -18.43
CA VAL B 140 7.65 -22.79 -17.32
C VAL B 140 8.74 -22.31 -16.36
N PHE B 141 8.53 -22.54 -15.08
CA PHE B 141 9.58 -22.24 -14.10
C PHE B 141 10.83 -23.06 -14.37
N ASN B 142 10.61 -24.35 -14.67
CA ASN B 142 11.65 -25.35 -14.82
C ASN B 142 11.28 -26.21 -16.03
N TYR B 143 12.08 -26.17 -17.09
CA TYR B 143 11.68 -26.83 -18.33
C TYR B 143 11.70 -28.35 -18.21
N ARG B 144 12.38 -28.87 -17.20
CA ARG B 144 12.44 -30.32 -16.96
C ARG B 144 11.27 -30.85 -16.12
N THR B 145 10.37 -29.97 -15.70
CA THR B 145 9.13 -30.40 -15.05
C THR B 145 8.35 -31.30 -15.99
N THR B 146 7.94 -32.47 -15.50
CA THR B 146 7.06 -33.36 -16.25
C THR B 146 5.65 -33.10 -15.79
N TYR B 147 4.85 -32.47 -16.65
CA TYR B 147 3.46 -32.23 -16.34
C TYR B 147 2.68 -33.54 -16.54
N PRO B 148 1.62 -33.75 -15.73
CA PRO B 148 1.03 -35.07 -15.67
C PRO B 148 0.00 -35.34 -16.76
N ASP B 149 -0.18 -36.62 -17.04
CA ASP B 149 -1.30 -37.05 -17.87
C ASP B 149 -2.61 -36.45 -17.38
N GLY B 150 -3.39 -35.94 -18.33
CA GLY B 150 -4.66 -35.35 -18.04
C GLY B 150 -4.61 -33.84 -17.99
N THR B 151 -3.42 -33.27 -18.06
CA THR B 151 -3.26 -31.84 -18.24
C THR B 151 -2.73 -31.52 -19.62
N ILE B 152 -2.95 -30.28 -20.03
CA ILE B 152 -2.47 -29.75 -21.30
C ILE B 152 -1.41 -28.71 -20.95
N PHE B 153 -0.21 -28.94 -21.45
CA PHE B 153 0.99 -28.23 -21.02
C PHE B 153 1.90 -27.94 -22.20
N PRO B 154 2.90 -27.06 -22.00
CA PRO B 154 3.83 -26.76 -23.09
C PRO B 154 4.62 -28.01 -23.53
N LYS B 155 4.42 -28.38 -24.80
CA LYS B 155 5.04 -29.59 -25.37
C LYS B 155 6.42 -29.28 -25.96
N ASN B 156 7.31 -30.27 -25.93
CA ASN B 156 8.67 -30.10 -26.43
C ASN B 156 9.37 -28.94 -25.71
N ALA B 157 9.18 -28.80 -24.40
CA ALA B 157 9.80 -27.70 -23.67
C ALA B 157 11.31 -27.77 -23.79
N THR B 158 11.96 -26.63 -23.92
CA THR B 158 13.41 -26.53 -23.93
C THR B 158 13.82 -25.56 -22.85
N VAL B 159 15.13 -25.41 -22.65
CA VAL B 159 15.57 -24.47 -21.62
C VAL B 159 15.06 -23.05 -21.95
N GLN B 160 14.93 -22.71 -23.23
CA GLN B 160 14.37 -21.39 -23.59
C GLN B 160 12.92 -21.17 -23.10
N SER B 161 12.17 -22.26 -22.90
CA SER B 161 10.80 -22.22 -22.41
C SER B 161 10.70 -21.62 -21.01
N GLN B 162 11.84 -21.58 -20.30
CA GLN B 162 11.91 -20.91 -19.00
C GLN B 162 11.82 -19.38 -19.07
N VAL B 163 12.03 -18.81 -20.26
CA VAL B 163 11.91 -17.36 -20.48
C VAL B 163 10.93 -17.00 -21.61
N MET B 164 11.01 -17.69 -22.75
CA MET B 164 10.04 -17.48 -23.82
C MET B 164 10.34 -18.41 -24.97
N ASN B 165 9.37 -19.25 -25.31
CA ASN B 165 9.46 -20.11 -26.46
C ASN B 165 8.14 -19.93 -27.19
N THR B 166 8.19 -19.33 -28.36
CA THR B 166 6.97 -18.99 -29.08
C THR B 166 6.22 -20.20 -29.64
N GLU B 167 6.81 -21.39 -29.57
CA GLU B 167 6.09 -22.61 -29.92
C GLU B 167 4.88 -22.88 -29.01
N HIS B 168 4.92 -22.42 -27.75
CA HIS B 168 3.92 -22.78 -26.75
C HIS B 168 2.68 -21.88 -26.81
N LYS B 169 1.85 -22.12 -27.82
CA LYS B 169 0.60 -21.39 -28.02
C LYS B 169 -0.56 -22.34 -27.79
N ALA B 170 -1.59 -21.89 -27.09
CA ALA B 170 -2.77 -22.71 -26.89
C ALA B 170 -3.98 -21.82 -26.70
N TYR B 171 -5.16 -22.46 -26.70
CA TYR B 171 -6.42 -21.83 -26.39
C TYR B 171 -6.93 -22.38 -25.08
N LEU B 172 -7.47 -21.54 -24.21
CA LEU B 172 -8.15 -22.05 -23.01
C LEU B 172 -9.52 -22.55 -23.41
N ASP B 173 -9.57 -23.81 -23.83
CA ASP B 173 -10.76 -24.41 -24.43
C ASP B 173 -11.22 -25.66 -23.69
N LYS B 174 -10.69 -25.89 -22.49
CA LYS B 174 -11.07 -27.04 -21.70
C LYS B 174 -10.88 -26.66 -20.24
N ASN B 175 -11.90 -26.98 -19.45
CA ASN B 175 -11.86 -26.68 -18.02
CA ASN B 175 -11.88 -26.78 -18.01
C ASN B 175 -11.02 -27.76 -17.30
N LYS B 176 -10.42 -27.37 -16.19
CA LYS B 176 -9.81 -28.39 -15.35
C LYS B 176 -8.65 -29.09 -16.09
N ALA B 177 -7.93 -28.36 -16.96
CA ALA B 177 -6.92 -28.98 -17.83
C ALA B 177 -5.60 -28.21 -18.01
N TYR B 178 -5.66 -26.89 -18.07
CA TYR B 178 -4.49 -26.04 -18.31
C TYR B 178 -3.94 -25.59 -16.96
N PRO B 179 -2.76 -26.11 -16.55
CA PRO B 179 -2.29 -25.69 -15.24
C PRO B 179 -1.95 -24.21 -15.19
N VAL B 180 -2.27 -23.60 -14.06
CA VAL B 180 -2.03 -22.18 -13.91
C VAL B 180 -0.53 -21.86 -14.06
N GLU B 181 0.34 -22.71 -13.51
CA GLU B 181 1.75 -22.36 -13.36
C GLU B 181 2.53 -22.33 -14.66
N CYS B 182 2.00 -22.95 -15.70
CA CYS B 182 2.72 -23.03 -16.99
C CYS B 182 2.07 -22.29 -18.16
N TRP B 183 0.99 -21.59 -17.90
CA TRP B 183 0.35 -20.77 -18.93
C TRP B 183 -0.03 -19.38 -18.43
N VAL B 184 0.07 -18.41 -19.33
CA VAL B 184 -0.41 -17.04 -19.07
C VAL B 184 -1.16 -16.56 -20.30
N PRO B 185 -1.96 -15.51 -20.14
CA PRO B 185 -2.53 -14.90 -21.34
C PRO B 185 -1.44 -14.45 -22.30
N ASP B 186 -1.65 -14.70 -23.59
CA ASP B 186 -0.71 -14.36 -24.62
C ASP B 186 -0.90 -12.88 -24.99
N PRO B 187 0.07 -12.03 -24.64
CA PRO B 187 -0.12 -10.60 -24.93
C PRO B 187 0.01 -10.23 -26.42
N THR B 188 0.56 -11.13 -27.24
CA THR B 188 0.65 -10.93 -28.67
C THR B 188 -0.65 -11.23 -29.38
N ARG B 189 -1.63 -11.80 -28.68
CA ARG B 189 -2.92 -12.09 -29.27
C ARG B 189 -4.01 -11.47 -28.38
N ASN B 190 -5.14 -12.14 -28.20
CA ASN B 190 -6.23 -11.63 -27.33
C ASN B 190 -6.80 -10.24 -27.70
N GLU B 191 -6.78 -9.89 -28.98
CA GLU B 191 -7.44 -8.64 -29.42
C GLU B 191 -8.93 -8.58 -29.05
N ASN B 192 -9.57 -9.74 -28.91
CA ASN B 192 -11.01 -9.82 -28.75
C ASN B 192 -11.39 -10.29 -27.36
N THR B 193 -10.46 -10.10 -26.42
CA THR B 193 -10.66 -10.45 -25.02
C THR B 193 -10.11 -9.32 -24.17
N ARG B 194 -10.71 -9.13 -23.00
CA ARG B 194 -10.14 -8.23 -21.99
C ARG B 194 -9.74 -9.07 -20.80
N TYR B 195 -8.47 -9.00 -20.38
CA TYR B 195 -8.02 -9.80 -19.24
C TYR B 195 -7.32 -9.00 -18.18
N PHE B 196 -7.40 -9.50 -16.94
CA PHE B 196 -6.90 -8.79 -15.77
C PHE B 196 -6.41 -9.83 -14.75
N GLY B 197 -5.18 -9.69 -14.26
CA GLY B 197 -4.68 -10.64 -13.27
C GLY B 197 -3.64 -10.06 -12.36
N THR B 198 -3.55 -10.59 -11.14
CA THR B 198 -2.50 -10.20 -10.22
C THR B 198 -1.95 -11.45 -9.53
N LEU B 199 -0.63 -11.63 -9.63
CA LEU B 199 0.11 -12.62 -8.85
C LEU B 199 0.68 -11.89 -7.66
N THR B 200 0.28 -12.34 -6.45
CA THR B 200 0.86 -11.83 -5.22
C THR B 200 1.63 -12.98 -4.58
N GLY B 201 2.96 -12.89 -4.59
CA GLY B 201 3.84 -13.96 -4.09
C GLY B 201 4.14 -13.85 -2.60
N GLY B 202 5.11 -14.63 -2.15
CA GLY B 202 5.57 -14.67 -0.74
C GLY B 202 4.94 -15.82 0.01
N GLU B 203 5.65 -16.49 0.93
CA GLU B 203 5.01 -17.65 1.58
C GLU B 203 4.04 -17.26 2.66
N ASN B 204 4.10 -16.03 3.13
CA ASN B 204 3.23 -15.61 4.22
C ASN B 204 2.29 -14.48 3.88
N VAL B 205 2.21 -14.10 2.60
CA VAL B 205 1.48 -12.91 2.22
C VAL B 205 -0.01 -13.06 2.58
N PRO B 206 -0.59 -12.05 3.23
CA PRO B 206 -1.99 -12.13 3.64
C PRO B 206 -2.96 -11.87 2.48
N PRO B 207 -4.03 -12.66 2.40
CA PRO B 207 -5.07 -12.33 1.41
C PRO B 207 -5.75 -11.01 1.72
N VAL B 208 -6.07 -10.25 0.67
CA VAL B 208 -6.90 -9.05 0.81
C VAL B 208 -7.99 -9.16 -0.25
N LEU B 209 -9.21 -9.38 0.19
CA LEU B 209 -10.30 -9.72 -0.72
C LEU B 209 -11.41 -8.71 -0.50
N HIS B 210 -11.77 -7.98 -1.54
CA HIS B 210 -12.81 -6.96 -1.45
C HIS B 210 -14.06 -7.48 -2.14
N ILE B 211 -15.22 -7.15 -1.58
CA ILE B 211 -16.50 -7.46 -2.21
C ILE B 211 -17.37 -6.21 -2.27
N THR B 212 -18.10 -6.05 -3.36
CA THR B 212 -19.09 -4.98 -3.47
C THR B 212 -19.93 -5.25 -4.69
N ASN B 213 -21.18 -4.80 -4.69
CA ASN B 213 -22.00 -4.87 -5.91
C ASN B 213 -22.13 -3.53 -6.60
N THR B 214 -21.23 -2.61 -6.28
CA THR B 214 -21.29 -1.26 -6.81
C THR B 214 -20.20 -0.94 -7.86
N ALA B 215 -19.38 -1.92 -8.23
CA ALA B 215 -18.22 -1.69 -9.07
C ALA B 215 -18.43 -2.33 -10.43
N THR B 216 -18.20 -1.56 -11.47
CA THR B 216 -18.34 -2.05 -12.84
C THR B 216 -17.04 -1.79 -13.60
N THR B 217 -16.61 -2.77 -14.38
CA THR B 217 -15.52 -2.61 -15.35
C THR B 217 -16.10 -2.47 -16.76
N VAL B 218 -15.66 -1.43 -17.47
CA VAL B 218 -16.09 -1.19 -18.85
C VAL B 218 -15.13 -1.95 -19.75
N LEU B 219 -15.67 -2.67 -20.74
CA LEU B 219 -14.89 -3.59 -21.58
C LEU B 219 -14.56 -3.04 -22.95
N LEU B 220 -14.96 -1.78 -23.22
CA LEU B 220 -14.72 -1.15 -24.49
C LEU B 220 -13.25 -0.82 -24.63
N ASP B 221 -12.70 -1.00 -25.83
CA ASP B 221 -11.33 -0.58 -26.12
C ASP B 221 -11.30 0.93 -26.39
N GLU B 222 -10.14 1.43 -26.81
CA GLU B 222 -9.98 2.87 -27.06
C GLU B 222 -10.84 3.41 -28.23
N PHE B 223 -11.35 2.51 -29.08
CA PHE B 223 -12.26 2.90 -30.16
C PHE B 223 -13.73 2.77 -29.77
N GLY B 224 -14.02 2.39 -28.54
CA GLY B 224 -15.39 2.26 -28.07
C GLY B 224 -16.00 0.89 -28.42
N VAL B 225 -15.14 -0.10 -28.70
CA VAL B 225 -15.63 -1.43 -29.11
C VAL B 225 -15.28 -2.49 -28.06
N GLY B 226 -16.29 -3.23 -27.61
CA GLY B 226 -16.06 -4.34 -26.68
C GLY B 226 -15.82 -5.66 -27.41
N PRO B 227 -15.55 -6.71 -26.65
CA PRO B 227 -15.41 -8.02 -27.28
C PRO B 227 -16.66 -8.41 -28.10
N LEU B 228 -16.43 -8.91 -29.30
CA LEU B 228 -17.48 -9.29 -30.23
C LEU B 228 -17.58 -10.82 -30.23
N CYS B 229 -18.78 -11.33 -29.98
CA CYS B 229 -18.94 -12.74 -29.65
C CYS B 229 -19.10 -13.65 -30.86
N LYS B 230 -18.03 -14.31 -31.27
CA LYS B 230 -18.10 -15.15 -32.46
C LYS B 230 -19.02 -16.36 -32.26
N GLY B 231 -19.91 -16.61 -33.20
CA GLY B 231 -20.85 -17.72 -33.10
C GLY B 231 -21.83 -17.57 -31.95
N ASP B 232 -22.05 -16.33 -31.49
CA ASP B 232 -22.93 -16.04 -30.36
C ASP B 232 -22.54 -16.80 -29.09
N ASN B 233 -21.26 -16.85 -28.79
CA ASN B 233 -20.75 -17.44 -27.54
C ASN B 233 -19.89 -16.43 -26.81
N LEU B 234 -20.07 -16.37 -25.50
CA LEU B 234 -19.25 -15.54 -24.61
C LEU B 234 -18.31 -16.43 -23.81
N TYR B 235 -17.04 -16.05 -23.76
CA TYR B 235 -16.04 -16.81 -23.02
C TYR B 235 -15.65 -16.09 -21.75
N LEU B 236 -15.84 -16.78 -20.63
CA LEU B 236 -15.42 -16.29 -19.33
C LEU B 236 -14.33 -17.21 -18.78
N SER B 237 -13.27 -16.63 -18.24
CA SER B 237 -12.15 -17.38 -17.68
C SER B 237 -11.76 -16.79 -16.34
N ALA B 238 -11.24 -17.65 -15.45
CA ALA B 238 -10.87 -17.21 -14.10
C ALA B 238 -9.85 -18.10 -13.43
N VAL B 239 -9.04 -17.47 -12.57
CA VAL B 239 -8.30 -18.17 -11.53
C VAL B 239 -8.43 -17.38 -10.24
N ASP B 240 -8.74 -18.06 -9.13
CA ASP B 240 -8.76 -17.44 -7.81
C ASP B 240 -8.14 -18.37 -6.77
N VAL B 241 -6.85 -18.53 -6.93
CA VAL B 241 -6.02 -19.21 -5.93
C VAL B 241 -5.78 -18.20 -4.81
N CYS B 242 -6.33 -18.48 -3.63
CA CYS B 242 -6.33 -17.48 -2.55
C CYS B 242 -5.09 -17.55 -1.68
N GLY B 243 -4.41 -18.67 -1.73
CA GLY B 243 -3.24 -18.91 -0.91
C GLY B 243 -3.23 -20.40 -0.59
N MET B 244 -2.49 -20.77 0.44
CA MET B 244 -2.36 -22.14 0.89
C MET B 244 -2.91 -22.29 2.29
N PHE B 245 -3.60 -23.42 2.50
CA PHE B 245 -4.04 -23.88 3.80
C PHE B 245 -2.99 -24.82 4.36
N THR B 246 -2.62 -24.61 5.62
CA THR B 246 -1.64 -25.44 6.32
C THR B 246 -2.33 -26.36 7.35
N ASN B 247 -2.06 -27.66 7.26
CA ASN B 247 -2.62 -28.57 8.27
CA ASN B 247 -2.55 -28.65 8.23
C ASN B 247 -1.71 -28.69 9.49
N ARG B 248 -2.16 -29.43 10.52
CA ARG B 248 -1.40 -29.51 11.76
C ARG B 248 0.06 -29.93 11.54
N SER B 249 0.26 -30.85 10.60
CA SER B 249 1.60 -31.42 10.33
C SER B 249 2.50 -30.44 9.60
N GLY B 250 1.89 -29.40 9.02
CA GLY B 250 2.61 -28.40 8.23
C GLY B 250 2.42 -28.57 6.75
N SER B 251 1.76 -29.65 6.31
CA SER B 251 1.52 -29.86 4.89
CA SER B 251 1.49 -29.87 4.88
C SER B 251 0.60 -28.76 4.37
N GLN B 252 0.86 -28.31 3.14
CA GLN B 252 0.12 -27.16 2.59
C GLN B 252 -0.61 -27.55 1.32
N GLN B 253 -1.81 -27.01 1.15
CA GLN B 253 -2.64 -27.26 -0.03
C GLN B 253 -3.16 -25.93 -0.54
N TRP B 254 -3.21 -25.74 -1.85
CA TRP B 254 -3.82 -24.54 -2.37
C TRP B 254 -5.31 -24.54 -2.05
N ARG B 255 -5.87 -23.35 -1.82
CA ARG B 255 -7.32 -23.14 -1.65
C ARG B 255 -7.79 -22.08 -2.61
N GLY B 256 -8.85 -22.39 -3.34
CA GLY B 256 -9.47 -21.45 -4.27
C GLY B 256 -10.92 -21.21 -3.99
N LEU B 257 -11.45 -20.15 -4.60
CA LEU B 257 -12.87 -19.79 -4.45
C LEU B 257 -13.46 -19.53 -5.83
N SER B 258 -14.79 -19.63 -5.90
CA SER B 258 -15.54 -19.35 -7.12
C SER B 258 -15.60 -17.86 -7.43
N ARG B 259 -15.84 -17.56 -8.70
CA ARG B 259 -15.95 -16.19 -9.17
C ARG B 259 -17.28 -16.00 -9.86
N TYR B 260 -17.98 -14.94 -9.45
CA TYR B 260 -19.21 -14.46 -10.12
C TYR B 260 -18.91 -13.52 -11.26
N PHE B 261 -19.65 -13.68 -12.37
CA PHE B 261 -19.61 -12.76 -13.51
C PHE B 261 -21.02 -12.28 -13.85
N LYS B 262 -21.18 -10.98 -14.09
CA LYS B 262 -22.34 -10.45 -14.77
C LYS B 262 -21.87 -9.57 -15.91
N VAL B 263 -22.25 -9.93 -17.13
CA VAL B 263 -21.83 -9.18 -18.30
C VAL B 263 -23.06 -8.64 -19.02
N GLN B 264 -23.02 -7.34 -19.35
CA GLN B 264 -24.04 -6.72 -20.17
CA GLN B 264 -24.05 -6.73 -20.17
C GLN B 264 -23.53 -6.67 -21.61
N LEU B 265 -24.38 -7.09 -22.55
CA LEU B 265 -24.05 -7.08 -23.98
C LEU B 265 -25.08 -6.31 -24.78
N ARG B 266 -24.65 -5.81 -25.94
CA ARG B 266 -25.53 -5.12 -26.87
C ARG B 266 -25.27 -5.64 -28.27
N LYS B 267 -26.28 -5.56 -29.13
CA LYS B 267 -26.12 -5.94 -30.53
C LYS B 267 -25.42 -4.88 -31.36
N ARG B 268 -24.38 -5.32 -32.09
CA ARG B 268 -23.58 -4.46 -32.93
C ARG B 268 -23.63 -5.01 -34.36
N ARG B 269 -23.80 -4.13 -35.34
CA ARG B 269 -23.76 -4.55 -36.77
C ARG B 269 -22.31 -4.46 -37.22
N VAL B 270 -21.88 -5.47 -37.99
CA VAL B 270 -20.51 -5.53 -38.52
C VAL B 270 -20.59 -5.89 -40.02
N LYS B 271 -19.55 -5.58 -40.79
CA LYS B 271 -19.58 -5.77 -42.25
C LYS B 271 -18.63 -6.86 -42.74
N GLU C 8 -41.32 0.65 -12.26
CA GLU C 8 -41.19 2.00 -12.92
C GLU C 8 -40.92 3.07 -11.86
N VAL C 9 -39.66 3.53 -11.81
CA VAL C 9 -39.26 4.64 -10.97
C VAL C 9 -39.56 5.94 -11.68
N LEU C 10 -40.32 6.84 -11.05
CA LEU C 10 -40.64 8.14 -11.62
C LEU C 10 -39.90 9.25 -10.87
N GLU C 11 -40.51 10.40 -10.64
CA GLU C 11 -39.80 11.57 -10.17
C GLU C 11 -39.61 11.55 -8.64
N VAL C 12 -38.57 12.25 -8.21
CA VAL C 12 -38.31 12.53 -6.81
C VAL C 12 -39.25 13.65 -6.35
N LYS C 13 -39.77 13.51 -5.14
CA LYS C 13 -40.57 14.57 -4.54
C LYS C 13 -39.65 15.61 -3.97
N THR C 14 -40.03 16.87 -4.04
CA THR C 14 -39.26 17.92 -3.41
C THR C 14 -40.12 18.62 -2.37
N GLY C 15 -39.52 19.57 -1.68
CA GLY C 15 -40.20 20.24 -0.58
C GLY C 15 -39.53 19.82 0.71
N VAL C 16 -39.72 20.64 1.73
CA VAL C 16 -39.10 20.41 3.06
C VAL C 16 -39.50 19.04 3.65
N ASP C 17 -40.73 18.61 3.36
CA ASP C 17 -41.30 17.35 3.84
C ASP C 17 -40.75 16.07 3.14
N SER C 18 -39.92 16.24 2.12
CA SER C 18 -39.60 15.17 1.19
C SER C 18 -38.35 14.41 1.54
N ILE C 19 -37.67 14.79 2.63
CA ILE C 19 -36.44 14.11 3.03
C ILE C 19 -36.53 13.63 4.48
N THR C 20 -35.79 12.58 4.82
CA THR C 20 -35.66 12.13 6.21
C THR C 20 -34.28 11.54 6.40
N GLU C 21 -33.85 11.40 7.65
CA GLU C 21 -32.60 10.71 7.92
C GLU C 21 -32.70 9.68 9.03
N VAL C 22 -31.89 8.65 8.92
CA VAL C 22 -31.79 7.56 9.90
C VAL C 22 -30.39 7.64 10.47
N GLU C 23 -30.29 7.62 11.79
CA GLU C 23 -29.01 7.54 12.44
C GLU C 23 -29.09 6.45 13.48
N CYS C 24 -28.10 5.57 13.48
CA CYS C 24 -28.05 4.52 14.49
C CYS C 24 -26.69 3.86 14.54
N PHE C 25 -26.52 2.94 15.49
CA PHE C 25 -25.34 2.10 15.51
C PHE C 25 -25.77 0.64 15.65
N LEU C 26 -24.95 -0.23 15.09
CA LEU C 26 -25.08 -1.66 15.22
C LEU C 26 -23.95 -2.19 16.10
N THR C 27 -24.31 -2.91 17.15
CA THR C 27 -23.29 -3.56 17.99
C THR C 27 -22.73 -4.79 17.28
N PRO C 28 -21.45 -5.12 17.53
CA PRO C 28 -20.87 -6.33 16.97
C PRO C 28 -21.40 -7.52 17.73
N GLU C 29 -21.47 -8.65 17.05
CA GLU C 29 -21.98 -9.89 17.64
C GLU C 29 -20.92 -10.96 17.47
N MET C 30 -19.96 -10.94 18.40
CA MET C 30 -18.77 -11.75 18.32
C MET C 30 -18.89 -13.11 19.02
N GLY C 31 -19.92 -13.29 19.82
CA GLY C 31 -20.10 -14.53 20.59
C GLY C 31 -20.44 -14.29 22.05
N ASP C 32 -19.78 -13.31 22.66
CA ASP C 32 -20.06 -12.91 24.05
C ASP C 32 -20.08 -14.07 25.03
N PRO C 33 -18.90 -14.68 25.27
CA PRO C 33 -18.82 -15.97 25.96
C PRO C 33 -19.09 -15.92 27.46
N ASP C 34 -19.02 -14.73 28.08
CA ASP C 34 -19.47 -14.56 29.46
C ASP C 34 -19.92 -13.14 29.74
N GLU C 35 -20.37 -12.90 30.99
CA GLU C 35 -20.94 -11.60 31.35
C GLU C 35 -19.93 -10.42 31.31
N HIS C 36 -18.63 -10.70 31.12
CA HIS C 36 -17.61 -9.67 31.07
C HIS C 36 -17.02 -9.46 29.68
N LEU C 37 -17.47 -10.22 28.68
CA LEU C 37 -16.75 -10.29 27.42
C LEU C 37 -17.59 -9.92 26.21
N ARG C 38 -18.53 -9.01 26.41
CA ARG C 38 -19.24 -8.41 25.29
C ARG C 38 -18.23 -7.80 24.32
N GLY C 39 -18.38 -8.13 23.04
CA GLY C 39 -17.49 -7.64 22.00
C GLY C 39 -16.37 -8.58 21.66
N PHE C 40 -16.28 -9.69 22.38
CA PHE C 40 -15.29 -10.74 22.17
C PHE C 40 -16.00 -12.07 21.88
N SER C 41 -15.30 -12.95 21.18
CA SER C 41 -15.73 -14.35 21.06
C SER C 41 -15.11 -15.17 22.18
N LYS C 42 -15.57 -16.40 22.30
CA LYS C 42 -14.90 -17.38 23.10
C LYS C 42 -13.51 -17.67 22.51
N SER C 43 -12.59 -18.15 23.34
CA SER C 43 -11.30 -18.60 22.86
CA SER C 43 -11.29 -18.56 22.84
C SER C 43 -11.45 -19.55 21.69
N ILE C 44 -10.58 -19.39 20.69
CA ILE C 44 -10.59 -20.21 19.48
C ILE C 44 -9.83 -21.52 19.68
N SER C 45 -10.50 -22.63 19.43
CA SER C 45 -9.91 -23.95 19.49
CA SER C 45 -9.88 -23.96 19.50
C SER C 45 -9.80 -24.53 18.09
N ILE C 46 -9.02 -25.60 17.94
CA ILE C 46 -8.79 -26.18 16.60
C ILE C 46 -9.18 -27.65 16.60
N SER C 47 -10.18 -28.03 15.81
CA SER C 47 -10.56 -29.45 15.77
C SER C 47 -9.47 -30.25 15.06
N ASP C 48 -9.38 -31.53 15.39
CA ASP C 48 -8.29 -32.36 14.85
C ASP C 48 -8.42 -32.64 13.34
N THR C 49 -9.65 -32.72 12.84
CA THR C 49 -9.92 -33.04 11.44
C THR C 49 -11.04 -32.15 10.94
N PHE C 50 -11.21 -32.10 9.63
CA PHE C 50 -12.36 -31.41 9.07
C PHE C 50 -13.65 -32.09 9.53
N GLU C 51 -13.62 -33.42 9.63
CA GLU C 51 -14.79 -34.16 10.01
C GLU C 51 -15.23 -33.78 11.42
N SER C 52 -14.28 -33.50 12.31
CA SER C 52 -14.65 -33.26 13.72
C SER C 52 -14.93 -31.79 14.04
N ASP C 53 -14.92 -30.91 13.06
CA ASP C 53 -15.11 -29.48 13.30
C ASP C 53 -16.53 -29.21 13.80
N SER C 54 -16.64 -28.70 15.02
CA SER C 54 -17.93 -28.48 15.67
CA SER C 54 -17.94 -28.46 15.66
C SER C 54 -17.85 -27.21 16.52
N PRO C 55 -17.73 -26.04 15.86
CA PRO C 55 -17.52 -24.79 16.61
C PRO C 55 -18.65 -24.47 17.60
N ASN C 56 -18.23 -24.14 18.82
CA ASN C 56 -19.13 -23.62 19.83
C ASN C 56 -19.78 -22.32 19.35
N LYS C 57 -21.08 -22.16 19.60
CA LYS C 57 -21.76 -20.93 19.20
C LYS C 57 -21.07 -19.64 19.66
N ASP C 58 -20.56 -19.65 20.89
CA ASP C 58 -19.92 -18.46 21.45
C ASP C 58 -18.57 -18.15 20.80
N MET C 59 -18.04 -19.08 20.01
CA MET C 59 -16.82 -18.88 19.26
C MET C 59 -17.02 -18.27 17.87
N LEU C 60 -18.27 -18.07 17.45
CA LEU C 60 -18.57 -17.70 16.07
C LEU C 60 -19.13 -16.28 15.94
N PRO C 61 -18.34 -15.36 15.37
CA PRO C 61 -18.93 -14.06 15.05
C PRO C 61 -20.06 -14.23 14.07
N CYS C 62 -21.07 -13.36 14.21
CA CYS C 62 -22.25 -13.38 13.34
C CYS C 62 -22.45 -12.02 12.70
N TYR C 63 -23.23 -11.98 11.63
CA TYR C 63 -23.61 -10.71 11.02
C TYR C 63 -24.52 -9.91 11.95
N SER C 64 -24.37 -8.59 11.90
CA SER C 64 -25.26 -7.66 12.59
C SER C 64 -26.28 -7.14 11.60
N VAL C 65 -27.51 -6.94 12.06
CA VAL C 65 -28.56 -6.35 11.24
C VAL C 65 -29.56 -5.58 12.05
N ALA C 66 -30.03 -4.46 11.50
CA ALA C 66 -31.13 -3.72 12.08
C ALA C 66 -32.10 -3.38 10.97
N ARG C 67 -33.38 -3.60 11.26
CA ARG C 67 -34.46 -3.15 10.40
C ARG C 67 -35.04 -1.87 11.01
N ILE C 68 -34.99 -0.77 10.26
CA ILE C 68 -35.34 0.56 10.78
C ILE C 68 -36.65 1.04 10.11
N PRO C 69 -37.75 1.11 10.88
CA PRO C 69 -39.01 1.63 10.31
C PRO C 69 -38.88 3.11 9.99
N LEU C 70 -39.36 3.48 8.80
CA LEU C 70 -39.34 4.84 8.33
C LEU C 70 -40.73 5.44 8.40
N PRO C 71 -40.85 6.77 8.23
CA PRO C 71 -42.19 7.37 8.25
C PRO C 71 -43.10 6.78 7.19
N ASN C 72 -44.33 6.48 7.59
CA ASN C 72 -45.27 5.80 6.71
C ASN C 72 -45.62 6.66 5.51
N LEU C 73 -45.65 6.06 4.32
CA LEU C 73 -45.87 6.82 3.09
C LEU C 73 -47.24 6.65 2.42
N ASN C 74 -47.77 5.44 2.42
CA ASN C 74 -49.00 5.22 1.65
C ASN C 74 -50.13 4.66 2.51
N ILE C 82 -48.14 5.99 -5.47
CA ILE C 82 -47.27 5.22 -4.55
C ILE C 82 -45.90 5.84 -4.38
N LEU C 83 -45.56 6.21 -3.15
CA LEU C 83 -44.23 6.75 -2.81
C LEU C 83 -43.41 5.74 -2.02
N MET C 84 -42.09 5.80 -2.22
CA MET C 84 -41.15 5.00 -1.47
C MET C 84 -39.98 5.86 -1.02
N TRP C 85 -39.46 5.57 0.16
CA TRP C 85 -38.23 6.20 0.57
C TRP C 85 -37.05 5.59 -0.20
N GLU C 86 -36.20 6.47 -0.72
CA GLU C 86 -35.02 6.10 -1.49
C GLU C 86 -33.76 6.50 -0.70
N ALA C 87 -32.87 5.56 -0.42
CA ALA C 87 -31.66 5.84 0.33
C ALA C 87 -30.62 6.42 -0.65
N VAL C 88 -30.11 7.62 -0.34
CA VAL C 88 -29.25 8.38 -1.25
C VAL C 88 -27.81 8.47 -0.82
N THR C 89 -27.56 8.70 0.46
CA THR C 89 -26.20 8.77 0.97
C THR C 89 -26.04 8.06 2.28
N LEU C 90 -24.79 7.63 2.52
CA LEU C 90 -24.37 6.96 3.75
C LEU C 90 -23.12 7.66 4.31
N LYS C 91 -23.12 7.93 5.61
CA LYS C 91 -21.88 8.14 6.36
C LYS C 91 -21.77 7.01 7.38
N THR C 92 -20.58 6.43 7.48
CA THR C 92 -20.43 5.28 8.37
C THR C 92 -19.05 5.34 9.01
N GLU C 93 -18.97 4.77 10.20
CA GLU C 93 -17.75 4.85 10.99
C GLU C 93 -17.69 3.71 11.99
N VAL C 94 -16.51 3.11 12.15
CA VAL C 94 -16.30 2.12 13.22
C VAL C 94 -16.08 2.91 14.51
N ILE C 95 -16.80 2.51 15.58
CA ILE C 95 -16.81 3.27 16.84
C ILE C 95 -15.89 2.61 17.87
N GLY C 96 -14.92 3.37 18.38
CA GLY C 96 -14.04 2.89 19.43
C GLY C 96 -12.70 2.38 18.96
N VAL C 97 -12.20 2.91 17.84
CA VAL C 97 -10.93 2.41 17.29
C VAL C 97 -9.76 2.51 18.27
N THR C 98 -9.78 3.50 19.15
CA THR C 98 -8.67 3.74 20.08
C THR C 98 -8.60 2.70 21.22
N THR C 99 -9.65 1.91 21.40
CA THR C 99 -9.60 0.82 22.40
C THR C 99 -8.44 -0.14 22.14
N LEU C 100 -8.00 -0.20 20.88
CA LEU C 100 -6.90 -1.08 20.52
C LEU C 100 -5.56 -0.59 21.08
N MET C 101 -5.53 0.60 21.68
CA MET C 101 -4.35 1.08 22.40
C MET C 101 -4.22 0.53 23.82
N ASN C 102 -5.21 -0.21 24.30
CA ASN C 102 -5.05 -0.91 25.58
C ASN C 102 -4.22 -2.16 25.41
N VAL C 103 -2.92 -1.98 25.58
CA VAL C 103 -1.94 -3.07 25.48
C VAL C 103 -1.35 -3.31 26.88
N HIS C 104 -2.17 -3.07 27.90
CA HIS C 104 -1.74 -3.23 29.30
C HIS C 104 -2.68 -4.11 30.11
N SER C 105 -3.51 -4.89 29.44
CA SER C 105 -4.59 -5.67 30.11
C SER C 105 -4.58 -7.14 29.72
N ASN C 106 -4.10 -8.05 30.59
CA ASN C 106 -4.34 -9.50 30.41
C ASN C 106 -3.77 -10.09 29.12
N GLY C 107 -2.70 -9.49 28.62
CA GLY C 107 -2.21 -9.84 27.30
C GLY C 107 -0.89 -10.57 27.42
N GLN C 108 -0.32 -10.85 26.25
CA GLN C 108 0.93 -11.59 26.17
C GLN C 108 2.04 -10.64 25.70
N ALA C 109 3.04 -10.47 26.55
CA ALA C 109 4.17 -9.60 26.21
C ALA C 109 4.81 -10.08 24.92
N THR C 110 5.09 -9.13 24.04
CA THR C 110 5.66 -9.40 22.74
C THR C 110 7.09 -9.95 22.87
N HIS C 111 7.78 -9.57 23.94
CA HIS C 111 9.13 -10.05 24.24
C HIS C 111 9.34 -9.72 25.72
N ASP C 112 10.43 -10.19 26.32
CA ASP C 112 10.66 -9.93 27.73
C ASP C 112 10.58 -8.43 28.09
N ASN C 113 9.70 -8.11 29.05
CA ASN C 113 9.49 -6.77 29.55
C ASN C 113 8.66 -5.88 28.64
N GLY C 114 8.17 -6.41 27.54
CA GLY C 114 7.45 -5.61 26.56
C GLY C 114 5.96 -5.42 26.89
N ALA C 115 5.33 -4.57 26.10
CA ALA C 115 3.88 -4.40 26.17
C ALA C 115 3.15 -5.60 25.60
N ALA C 116 1.84 -5.67 25.78
CA ALA C 116 1.06 -6.80 25.28
C ALA C 116 0.95 -6.72 23.78
N LYS C 117 1.00 -7.86 23.13
CA LYS C 117 0.69 -7.97 21.72
C LYS C 117 -0.72 -7.38 21.49
N PRO C 118 -0.88 -6.45 20.51
CA PRO C 118 -2.19 -5.84 20.27
C PRO C 118 -3.09 -6.71 19.41
N VAL C 119 -4.34 -6.30 19.27
CA VAL C 119 -5.28 -7.01 18.42
C VAL C 119 -4.75 -6.97 16.97
N GLN C 120 -4.70 -8.13 16.35
CA GLN C 120 -4.19 -8.28 14.99
C GLN C 120 -4.66 -9.61 14.42
N GLY C 121 -4.36 -9.83 13.15
CA GLY C 121 -4.81 -11.04 12.46
C GLY C 121 -6.07 -10.76 11.65
N THR C 122 -6.69 -11.84 11.19
CA THR C 122 -7.79 -11.75 10.26
C THR C 122 -8.88 -10.77 10.70
N SER C 123 -9.24 -9.88 9.76
CA SER C 123 -10.32 -8.94 9.96
C SER C 123 -11.34 -9.04 8.83
N PHE C 124 -12.58 -8.70 9.15
CA PHE C 124 -13.61 -8.55 8.12
C PHE C 124 -14.42 -7.33 8.48
N HIS C 125 -14.35 -6.32 7.62
CA HIS C 125 -15.10 -5.08 7.81
C HIS C 125 -16.09 -4.97 6.65
N PHE C 126 -17.37 -4.90 7.00
CA PHE C 126 -18.44 -5.02 6.02
C PHE C 126 -19.62 -4.15 6.43
N PHE C 127 -20.27 -3.50 5.46
CA PHE C 127 -21.51 -2.81 5.73
C PHE C 127 -22.40 -2.79 4.50
N SER C 128 -23.70 -2.71 4.73
CA SER C 128 -24.68 -2.60 3.63
C SER C 128 -25.88 -1.80 4.03
N VAL C 129 -26.49 -1.20 3.02
CA VAL C 129 -27.72 -0.43 3.16
C VAL C 129 -28.66 -0.89 2.09
N GLY C 130 -29.87 -1.29 2.48
CA GLY C 130 -30.84 -1.74 1.49
C GLY C 130 -32.28 -1.47 1.81
N GLY C 131 -33.13 -1.64 0.81
CA GLY C 131 -34.56 -1.47 0.98
C GLY C 131 -35.30 -2.74 1.34
N GLU C 132 -34.54 -3.77 1.69
CA GLU C 132 -35.02 -5.10 2.04
C GLU C 132 -33.84 -5.85 2.64
N ALA C 133 -34.08 -6.99 3.26
CA ALA C 133 -33.01 -7.72 3.91
C ALA C 133 -31.90 -8.05 2.93
N LEU C 134 -30.68 -8.01 3.42
CA LEU C 134 -29.52 -8.45 2.65
C LEU C 134 -29.71 -9.90 2.27
N GLU C 135 -29.47 -10.21 1.00
CA GLU C 135 -29.59 -11.59 0.50
C GLU C 135 -28.22 -12.30 0.58
N LEU C 136 -28.24 -13.50 1.17
CA LEU C 136 -27.03 -14.24 1.48
C LEU C 136 -26.92 -15.51 0.66
N GLN C 137 -25.66 -15.84 0.34
CA GLN C 137 -25.27 -17.11 -0.27
C GLN C 137 -24.35 -17.84 0.70
N GLY C 138 -24.67 -19.09 0.96
CA GLY C 138 -23.85 -19.88 1.86
C GLY C 138 -22.65 -20.50 1.17
N VAL C 139 -21.48 -20.35 1.78
CA VAL C 139 -20.24 -20.98 1.28
C VAL C 139 -19.48 -21.38 2.56
N VAL C 140 -18.98 -22.62 2.58
CA VAL C 140 -18.32 -23.13 3.78
C VAL C 140 -16.87 -23.50 3.47
N PHE C 141 -15.99 -23.21 4.41
CA PHE C 141 -14.60 -23.61 4.22
C PHE C 141 -14.49 -25.14 4.14
N ASN C 142 -15.25 -25.80 5.01
CA ASN C 142 -15.26 -27.23 5.22
C ASN C 142 -16.69 -27.70 5.37
N TYR C 143 -17.19 -28.48 4.41
CA TYR C 143 -18.60 -28.84 4.40
C TYR C 143 -19.00 -29.72 5.59
N ARG C 144 -18.00 -30.36 6.23
CA ARG C 144 -18.28 -31.23 7.36
C ARG C 144 -18.34 -30.50 8.70
N THR C 145 -18.14 -29.19 8.67
CA THR C 145 -18.33 -28.38 9.88
C THR C 145 -19.77 -28.55 10.38
N THR C 146 -19.92 -28.82 11.69
CA THR C 146 -21.23 -28.90 12.30
C THR C 146 -21.48 -27.55 12.97
N TYR C 147 -22.37 -26.76 12.39
CA TYR C 147 -22.69 -25.43 12.97
C TYR C 147 -23.66 -25.64 14.12
N PRO C 148 -23.54 -24.81 15.19
CA PRO C 148 -24.25 -25.13 16.41
C PRO C 148 -25.70 -24.70 16.48
N ASP C 149 -26.45 -25.36 17.37
CA ASP C 149 -27.82 -24.95 17.68
CA ASP C 149 -27.82 -24.96 17.70
C ASP C 149 -27.81 -23.49 18.07
N GLY C 150 -28.79 -22.74 17.60
CA GLY C 150 -28.82 -21.31 17.85
C GLY C 150 -28.30 -20.47 16.71
N THR C 151 -27.66 -21.10 15.72
CA THR C 151 -27.20 -20.37 14.54
C THR C 151 -28.01 -20.85 13.33
N ILE C 152 -27.99 -20.01 12.30
CA ILE C 152 -28.63 -20.31 11.04
C ILE C 152 -27.49 -20.43 10.03
N PHE C 153 -27.43 -21.60 9.42
CA PHE C 153 -26.28 -22.04 8.62
C PHE C 153 -26.73 -22.79 7.38
N PRO C 154 -25.79 -23.01 6.45
CA PRO C 154 -26.15 -23.76 5.23
C PRO C 154 -26.57 -25.18 5.54
N LYS C 155 -27.80 -25.52 5.16
CA LYS C 155 -28.38 -26.84 5.43
C LYS C 155 -28.12 -27.81 4.26
N ASN C 156 -28.04 -29.09 4.58
CA ASN C 156 -27.76 -30.12 3.56
C ASN C 156 -26.46 -29.81 2.81
N ALA C 157 -25.42 -29.39 3.52
CA ALA C 157 -24.17 -29.05 2.87
C ALA C 157 -23.57 -30.29 2.25
N THR C 158 -22.95 -30.12 1.11
CA THR C 158 -22.25 -31.21 0.40
C THR C 158 -20.85 -30.68 0.11
N VAL C 159 -19.99 -31.54 -0.44
CA VAL C 159 -18.62 -31.10 -0.74
C VAL C 159 -18.65 -29.91 -1.71
N GLN C 160 -19.68 -29.85 -2.56
CA GLN C 160 -19.78 -28.72 -3.48
C GLN C 160 -20.04 -27.40 -2.76
N SER C 161 -20.56 -27.47 -1.54
CA SER C 161 -20.76 -26.27 -0.73
C SER C 161 -19.45 -25.52 -0.39
N GLN C 162 -18.32 -26.22 -0.53
CA GLN C 162 -17.00 -25.62 -0.33
C GLN C 162 -16.61 -24.63 -1.43
N VAL C 163 -17.30 -24.68 -2.57
CA VAL C 163 -17.05 -23.75 -3.69
C VAL C 163 -18.30 -22.97 -4.16
N MET C 164 -19.41 -23.66 -4.34
CA MET C 164 -20.70 -23.01 -4.67
C MET C 164 -21.81 -24.07 -4.74
N ASN C 165 -22.78 -23.94 -3.85
CA ASN C 165 -23.97 -24.75 -3.86
C ASN C 165 -25.15 -23.78 -3.85
N THR C 166 -25.87 -23.69 -4.96
CA THR C 166 -26.96 -22.68 -5.07
C THR C 166 -28.16 -22.95 -4.16
N GLU C 167 -28.21 -24.10 -3.48
CA GLU C 167 -29.28 -24.35 -2.52
C GLU C 167 -29.19 -23.37 -1.32
N HIS C 168 -27.98 -22.89 -0.99
CA HIS C 168 -27.77 -22.15 0.26
C HIS C 168 -28.11 -20.66 0.11
N LYS C 169 -29.40 -20.38 0.04
CA LYS C 169 -29.92 -19.00 -0.08
C LYS C 169 -30.62 -18.64 1.22
N ALA C 170 -30.34 -17.46 1.76
CA ALA C 170 -31.03 -16.99 2.96
C ALA C 170 -31.14 -15.47 2.94
N TYR C 171 -31.91 -14.93 3.88
CA TYR C 171 -32.02 -13.49 4.12
C TYR C 171 -31.37 -13.19 5.45
N LEU C 172 -30.62 -12.10 5.53
CA LEU C 172 -30.11 -11.66 6.81
C LEU C 172 -31.23 -10.97 7.57
N ASP C 173 -31.97 -11.78 8.30
CA ASP C 173 -33.25 -11.39 8.90
C ASP C 173 -33.30 -11.60 10.41
N LYS C 174 -32.15 -11.82 11.02
CA LYS C 174 -32.10 -12.04 12.44
C LYS C 174 -30.71 -11.67 12.88
N ASN C 175 -30.63 -10.87 13.94
CA ASN C 175 -29.34 -10.42 14.44
C ASN C 175 -28.71 -11.56 15.27
N LYS C 176 -27.39 -11.56 15.34
CA LYS C 176 -26.61 -12.57 16.14
C LYS C 176 -27.02 -14.05 15.91
N ALA C 177 -27.16 -14.41 14.64
CA ALA C 177 -27.64 -15.74 14.25
C ALA C 177 -26.91 -16.36 13.03
N TYR C 178 -26.51 -15.52 12.09
CA TYR C 178 -25.89 -15.94 10.83
C TYR C 178 -24.39 -15.82 10.98
N PRO C 179 -23.68 -16.97 11.09
CA PRO C 179 -22.26 -16.83 11.28
C PRO C 179 -21.55 -16.20 10.09
N VAL C 180 -20.57 -15.35 10.38
CA VAL C 180 -19.85 -14.65 9.33
C VAL C 180 -19.18 -15.66 8.39
N GLU C 181 -18.59 -16.73 8.95
CA GLU C 181 -17.72 -17.57 8.16
C GLU C 181 -18.42 -18.40 7.09
N CYS C 182 -19.74 -18.57 7.19
CA CYS C 182 -20.44 -19.47 6.27
C CYS C 182 -21.46 -18.75 5.38
N TRP C 183 -21.51 -17.42 5.43
CA TRP C 183 -22.41 -16.65 4.57
C TRP C 183 -21.70 -15.44 4.02
N VAL C 184 -22.02 -15.12 2.78
CA VAL C 184 -21.60 -13.87 2.15
C VAL C 184 -22.79 -13.25 1.45
N PRO C 185 -22.69 -11.96 1.13
CA PRO C 185 -23.71 -11.40 0.26
C PRO C 185 -23.81 -12.15 -1.05
N ASP C 186 -25.04 -12.38 -1.52
CA ASP C 186 -25.28 -13.13 -2.75
C ASP C 186 -25.16 -12.17 -3.92
N PRO C 187 -24.10 -12.30 -4.73
CA PRO C 187 -23.92 -11.35 -5.83
C PRO C 187 -24.93 -11.56 -6.96
N THR C 188 -25.64 -12.71 -6.96
CA THR C 188 -26.68 -12.97 -7.96
C THR C 188 -28.01 -12.29 -7.61
N ARG C 189 -28.09 -11.69 -6.43
CA ARG C 189 -29.31 -11.01 -6.02
C ARG C 189 -28.91 -9.61 -5.55
N ASN C 190 -29.52 -9.10 -4.50
CA ASN C 190 -29.16 -7.81 -3.91
C ASN C 190 -29.24 -6.59 -4.85
N GLU C 191 -30.15 -6.62 -5.80
CA GLU C 191 -30.32 -5.45 -6.70
C GLU C 191 -30.76 -4.19 -5.92
N ASN C 192 -31.39 -4.40 -4.75
CA ASN C 192 -31.96 -3.28 -3.97
C ASN C 192 -31.21 -3.00 -2.69
N THR C 193 -29.92 -3.39 -2.70
CA THR C 193 -29.01 -3.15 -1.59
C THR C 193 -27.69 -2.68 -2.16
N ARG C 194 -26.94 -1.88 -1.40
CA ARG C 194 -25.54 -1.61 -1.74
C ARG C 194 -24.68 -2.19 -0.64
N TYR C 195 -23.74 -3.06 -0.99
CA TYR C 195 -22.86 -3.65 0.02
C TYR C 195 -21.38 -3.50 -0.28
N PHE C 196 -20.58 -3.47 0.79
CA PHE C 196 -19.15 -3.23 0.69
C PHE C 196 -18.43 -4.01 1.79
N GLY C 197 -17.40 -4.75 1.43
CA GLY C 197 -16.65 -5.49 2.44
C GLY C 197 -15.23 -5.81 2.07
N THR C 198 -14.41 -6.00 3.08
CA THR C 198 -13.02 -6.38 2.89
C THR C 198 -12.63 -7.42 3.93
N LEU C 199 -12.14 -8.54 3.45
CA LEU C 199 -11.50 -9.56 4.26
C LEU C 199 -10.00 -9.33 4.18
N THR C 200 -9.35 -9.07 5.32
CA THR C 200 -7.90 -8.96 5.35
C THR C 200 -7.39 -10.11 6.20
N GLY C 201 -6.72 -11.06 5.56
CA GLY C 201 -6.27 -12.29 6.22
C GLY C 201 -4.87 -12.17 6.84
N GLY C 202 -4.28 -13.30 7.19
CA GLY C 202 -2.93 -13.34 7.80
C GLY C 202 -3.02 -13.42 9.32
N GLU C 203 -2.13 -14.15 10.00
CA GLU C 203 -2.32 -14.21 11.48
C GLU C 203 -1.79 -13.00 12.23
N ASN C 204 -0.98 -12.18 11.57
CA ASN C 204 -0.33 -11.06 12.23
C ASN C 204 -0.68 -9.76 11.57
N VAL C 205 -1.65 -9.78 10.65
CA VAL C 205 -1.90 -8.57 9.88
C VAL C 205 -2.37 -7.44 10.80
N PRO C 206 -1.76 -6.24 10.65
CA PRO C 206 -2.12 -5.10 11.48
C PRO C 206 -3.44 -4.44 11.10
N PRO C 207 -4.28 -4.12 12.09
CA PRO C 207 -5.47 -3.33 11.75
C PRO C 207 -5.10 -1.92 11.27
N VAL C 208 -5.87 -1.41 10.31
CA VAL C 208 -5.72 -0.03 9.85
C VAL C 208 -7.13 0.52 9.84
N LEU C 209 -7.44 1.40 10.79
CA LEU C 209 -8.81 1.86 10.99
C LEU C 209 -8.85 3.36 10.88
N HIS C 210 -9.59 3.85 9.91
CA HIS C 210 -9.66 5.29 9.65
C HIS C 210 -10.98 5.83 10.17
N ILE C 211 -10.96 7.05 10.72
CA ILE C 211 -12.19 7.71 11.16
C ILE C 211 -12.21 9.12 10.60
N THR C 212 -13.40 9.58 10.23
CA THR C 212 -13.60 10.95 9.82
C THR C 212 -15.08 11.20 9.71
N ASN C 213 -15.51 12.45 9.87
CA ASN C 213 -16.91 12.80 9.65
C ASN C 213 -17.09 13.57 8.36
N THR C 214 -16.09 13.47 7.47
CA THR C 214 -16.09 14.23 6.22
C THR C 214 -16.33 13.38 4.97
N ALA C 215 -16.56 12.10 5.15
CA ALA C 215 -16.66 11.13 4.03
C ALA C 215 -18.10 10.62 3.87
N THR C 216 -18.61 10.72 2.65
CA THR C 216 -19.97 10.28 2.32
C THR C 216 -19.90 9.31 1.13
N THR C 217 -20.64 8.21 1.23
CA THR C 217 -20.81 7.27 0.10
C THR C 217 -22.17 7.53 -0.55
N VAL C 218 -22.17 7.69 -1.84
CA VAL C 218 -23.43 7.90 -2.57
C VAL C 218 -23.97 6.50 -2.93
N LEU C 219 -25.26 6.28 -2.71
CA LEU C 219 -25.89 4.96 -2.84
C LEU C 219 -26.68 4.78 -4.13
N LEU C 220 -26.68 5.78 -4.98
CA LEU C 220 -27.33 5.72 -6.27
C LEU C 220 -26.62 4.77 -7.21
N ASP C 221 -27.40 4.03 -7.97
CA ASP C 221 -26.85 3.18 -9.04
C ASP C 221 -26.54 3.99 -10.28
N GLU C 222 -26.19 3.31 -11.35
CA GLU C 222 -25.85 3.94 -12.62
C GLU C 222 -27.03 4.69 -13.27
N PHE C 223 -28.25 4.37 -12.85
CA PHE C 223 -29.45 5.07 -13.33
C PHE C 223 -29.87 6.20 -12.41
N GLY C 224 -29.09 6.48 -11.37
CA GLY C 224 -29.41 7.53 -10.43
C GLY C 224 -30.44 7.10 -9.40
N VAL C 225 -30.59 5.79 -9.19
CA VAL C 225 -31.59 5.30 -8.24
C VAL C 225 -30.94 4.58 -7.04
N GLY C 226 -31.35 4.98 -5.83
CA GLY C 226 -30.84 4.32 -4.64
C GLY C 226 -31.77 3.18 -4.21
N PRO C 227 -31.38 2.47 -3.16
CA PRO C 227 -32.27 1.44 -2.60
C PRO C 227 -33.64 2.02 -2.27
N LEU C 228 -34.68 1.30 -2.64
CA LEU C 228 -36.06 1.72 -2.42
C LEU C 228 -36.63 0.87 -1.29
N CYS C 229 -37.15 1.54 -0.27
CA CYS C 229 -37.48 0.86 0.97
C CYS C 229 -38.87 0.22 1.00
N LYS C 230 -38.92 -1.09 0.78
CA LYS C 230 -40.16 -1.82 0.72
C LYS C 230 -40.85 -1.83 2.09
N GLY C 231 -42.12 -1.48 2.11
CA GLY C 231 -42.86 -1.44 3.38
C GLY C 231 -42.33 -0.38 4.34
N ASP C 232 -41.61 0.62 3.82
CA ASP C 232 -41.07 1.73 4.63
C ASP C 232 -40.12 1.23 5.71
N ASN C 233 -39.30 0.25 5.35
CA ASN C 233 -38.21 -0.26 6.22
C ASN C 233 -36.87 -0.10 5.53
N LEU C 234 -35.88 0.34 6.30
CA LEU C 234 -34.49 0.41 5.87
C LEU C 234 -33.72 -0.70 6.56
N TYR C 235 -32.89 -1.40 5.83
CA TYR C 235 -32.08 -2.48 6.39
C TYR C 235 -30.61 -2.10 6.38
N LEU C 236 -29.99 -2.15 7.56
CA LEU C 236 -28.59 -1.87 7.72
C LEU C 236 -27.93 -3.13 8.25
N SER C 237 -26.79 -3.51 7.67
CA SER C 237 -26.07 -4.71 8.08
C SER C 237 -24.59 -4.39 8.22
N ALA C 238 -23.91 -5.13 9.09
CA ALA C 238 -22.50 -4.87 9.36
C ALA C 238 -21.77 -6.06 9.93
N VAL C 239 -20.46 -6.12 9.65
CA VAL C 239 -19.53 -6.93 10.42
C VAL C 239 -18.27 -6.08 10.59
N ASP C 240 -17.75 -6.04 11.82
CA ASP C 240 -16.46 -5.40 12.07
C ASP C 240 -15.63 -6.23 13.01
N VAL C 241 -15.21 -7.39 12.50
CA VAL C 241 -14.22 -8.23 13.21
C VAL C 241 -12.87 -7.56 12.99
N CYS C 242 -12.27 -7.06 14.06
CA CYS C 242 -11.06 -6.23 13.94
C CYS C 242 -9.78 -7.02 13.92
N GLY C 243 -9.85 -8.25 14.40
CA GLY C 243 -8.67 -9.09 14.56
C GLY C 243 -8.93 -9.98 15.76
N MET C 244 -7.86 -10.55 16.30
CA MET C 244 -7.92 -11.38 17.49
C MET C 244 -7.13 -10.75 18.60
N PHE C 245 -7.67 -10.84 19.80
CA PHE C 245 -6.94 -10.53 21.04
C PHE C 245 -6.28 -11.79 21.55
N THR C 246 -5.01 -11.67 21.92
CA THR C 246 -4.25 -12.79 22.47
C THR C 246 -4.12 -12.60 23.98
N ASN C 247 -4.58 -13.58 24.76
CA ASN C 247 -4.40 -13.60 26.22
CA ASN C 247 -4.37 -13.46 26.21
C ASN C 247 -2.98 -13.98 26.63
N ARG C 248 -2.64 -13.85 27.91
CA ARG C 248 -1.27 -14.20 28.32
C ARG C 248 -0.84 -15.62 27.96
N SER C 249 -1.79 -16.57 28.00
CA SER C 249 -1.51 -17.97 27.71
C SER C 249 -1.22 -18.22 26.23
N GLY C 250 -1.65 -17.26 25.40
CA GLY C 250 -1.57 -17.39 23.95
C GLY C 250 -2.91 -17.66 23.29
N SER C 251 -3.95 -17.96 24.09
CA SER C 251 -5.31 -18.19 23.57
CA SER C 251 -5.26 -18.22 23.50
C SER C 251 -5.83 -16.93 22.91
N GLN C 252 -6.57 -17.09 21.80
CA GLN C 252 -7.01 -15.95 21.01
C GLN C 252 -8.52 -15.91 20.89
N GLN C 253 -9.05 -14.70 20.92
CA GLN C 253 -10.47 -14.44 20.81
C GLN C 253 -10.69 -13.37 19.75
N TRP C 254 -11.72 -13.50 18.94
CA TRP C 254 -12.08 -12.40 18.05
C TRP C 254 -12.52 -11.17 18.88
N ARG C 255 -12.22 -9.98 18.37
CA ARG C 255 -12.68 -8.72 18.94
C ARG C 255 -13.33 -7.90 17.87
N GLY C 256 -14.53 -7.40 18.17
CA GLY C 256 -15.27 -6.56 17.25
C GLY C 256 -15.64 -5.23 17.84
N LEU C 257 -16.06 -4.33 16.96
CA LEU C 257 -16.47 -2.97 17.35
C LEU C 257 -17.78 -2.62 16.66
N SER C 258 -18.49 -1.68 17.28
CA SER C 258 -19.77 -1.17 16.73
C SER C 258 -19.54 -0.32 15.50
N ARG C 259 -20.59 -0.23 14.68
CA ARG C 259 -20.57 0.61 13.50
C ARG C 259 -21.71 1.62 13.50
N TYR C 260 -21.35 2.88 13.31
CA TYR C 260 -22.31 3.99 13.14
C TYR C 260 -22.81 4.06 11.69
N PHE C 261 -24.10 4.35 11.50
CA PHE C 261 -24.67 4.64 10.18
C PHE C 261 -25.49 5.94 10.22
N LYS C 262 -25.33 6.79 9.21
CA LYS C 262 -26.26 7.89 9.00
C LYS C 262 -26.66 7.84 7.53
N VAL C 263 -27.95 7.64 7.28
CA VAL C 263 -28.46 7.51 5.92
C VAL C 263 -29.43 8.65 5.64
N GLN C 264 -29.26 9.33 4.50
N GLN C 264 -29.24 9.33 4.51
CA GLN C 264 -30.21 10.34 4.05
CA GLN C 264 -30.21 10.32 4.04
C GLN C 264 -31.11 9.72 2.99
C GLN C 264 -31.12 9.67 3.01
N LEU C 265 -32.42 9.90 3.14
CA LEU C 265 -33.41 9.37 2.24
C LEU C 265 -34.30 10.45 1.68
N ARG C 266 -34.84 10.18 0.50
CA ARG C 266 -35.77 11.13 -0.14
C ARG C 266 -36.97 10.34 -0.69
N LYS C 267 -38.09 11.00 -0.85
CA LYS C 267 -39.29 10.35 -1.36
C LYS C 267 -39.24 10.28 -2.87
N ARG C 268 -39.52 9.09 -3.38
CA ARG C 268 -39.54 8.81 -4.82
C ARG C 268 -40.91 8.23 -5.19
N ARG C 269 -41.52 8.78 -6.23
CA ARG C 269 -42.74 8.17 -6.79
C ARG C 269 -42.39 6.98 -7.69
N VAL C 270 -43.16 5.91 -7.56
CA VAL C 270 -43.03 4.70 -8.39
C VAL C 270 -44.41 4.26 -8.88
N LYS C 271 -44.43 3.46 -9.97
CA LYS C 271 -45.67 2.89 -10.53
C LYS C 271 -45.77 1.39 -10.25
N GLU D 8 -29.47 29.83 10.41
CA GLU D 8 -29.41 30.29 8.99
C GLU D 8 -28.04 30.92 8.72
N VAL D 9 -27.25 30.26 7.88
CA VAL D 9 -25.97 30.78 7.42
C VAL D 9 -26.23 31.69 6.20
N LEU D 10 -25.78 32.94 6.27
CA LEU D 10 -25.98 33.87 5.16
C LEU D 10 -24.64 34.12 4.43
N GLU D 11 -24.36 35.36 4.01
CA GLU D 11 -23.23 35.63 3.14
C GLU D 11 -21.92 35.75 3.91
N VAL D 12 -20.85 35.48 3.18
CA VAL D 12 -19.50 35.71 3.62
C VAL D 12 -19.18 37.20 3.49
N LYS D 13 -18.46 37.75 4.47
CA LYS D 13 -17.97 39.13 4.35
C LYS D 13 -16.71 39.16 3.51
N THR D 14 -16.51 40.25 2.77
CA THR D 14 -15.30 40.39 1.99
C THR D 14 -14.56 41.65 2.42
N GLY D 15 -13.39 41.87 1.81
CA GLY D 15 -12.56 43.01 2.13
C GLY D 15 -11.38 42.57 2.97
N VAL D 16 -10.40 43.48 3.11
CA VAL D 16 -9.17 43.22 3.88
C VAL D 16 -9.44 42.70 5.30
N ASP D 17 -10.44 43.28 5.95
CA ASP D 17 -10.78 43.06 7.35
C ASP D 17 -11.51 41.72 7.63
N SER D 18 -11.87 41.00 6.57
CA SER D 18 -12.81 39.90 6.69
C SER D 18 -12.15 38.53 6.91
N ILE D 19 -10.83 38.49 6.99
CA ILE D 19 -10.11 37.22 7.15
C ILE D 19 -9.11 37.29 8.30
N THR D 20 -8.80 36.13 8.86
CA THR D 20 -7.78 36.05 9.90
C THR D 20 -7.18 34.66 9.83
N GLU D 21 -6.04 34.48 10.47
CA GLU D 21 -5.45 33.15 10.51
C GLU D 21 -4.96 32.80 11.90
N VAL D 22 -4.96 31.50 12.22
CA VAL D 22 -4.44 30.99 13.48
C VAL D 22 -3.31 30.07 13.10
N GLU D 23 -2.17 30.25 13.76
CA GLU D 23 -1.03 29.38 13.58
C GLU D 23 -0.53 28.99 14.96
N CYS D 24 -0.34 27.69 15.19
CA CYS D 24 0.15 27.23 16.49
C CYS D 24 0.59 25.79 16.41
N PHE D 25 1.08 25.28 17.52
CA PHE D 25 1.34 23.85 17.61
C PHE D 25 0.76 23.33 18.90
N LEU D 26 0.43 22.03 18.88
CA LEU D 26 -0.08 21.30 20.03
C LEU D 26 0.97 20.29 20.40
N THR D 27 1.44 20.34 21.63
CA THR D 27 2.37 19.36 22.13
C THR D 27 1.64 18.05 22.43
N PRO D 28 2.34 16.91 22.29
CA PRO D 28 1.76 15.61 22.61
C PRO D 28 1.70 15.43 24.12
N GLU D 29 0.74 14.61 24.58
CA GLU D 29 0.56 14.43 26.01
C GLU D 29 0.59 12.94 26.27
N MET D 30 1.82 12.41 26.30
CA MET D 30 2.06 10.97 26.36
C MET D 30 2.14 10.40 27.77
N GLY D 31 2.27 11.28 28.76
CA GLY D 31 2.31 10.87 30.17
C GLY D 31 3.46 11.48 30.95
N ASP D 32 4.60 11.67 30.31
CA ASP D 32 5.75 12.44 30.87
C ASP D 32 6.18 11.93 32.26
N PRO D 33 6.70 10.72 32.30
CA PRO D 33 6.84 10.02 33.61
C PRO D 33 7.94 10.59 34.49
N ASP D 34 8.88 11.32 33.91
CA ASP D 34 9.84 12.04 34.72
C ASP D 34 10.32 13.31 34.04
N GLU D 35 11.25 14.01 34.70
CA GLU D 35 11.66 15.33 34.21
C GLU D 35 12.53 15.24 32.95
N HIS D 36 12.87 14.05 32.52
CA HIS D 36 13.71 13.85 31.35
C HIS D 36 12.95 13.25 30.18
N LEU D 37 11.65 12.99 30.34
CA LEU D 37 10.93 12.12 29.42
C LEU D 37 9.66 12.74 28.86
N ARG D 38 9.69 14.07 28.72
CA ARG D 38 8.63 14.77 27.97
C ARG D 38 8.49 14.17 26.58
N GLY D 39 7.25 13.82 26.19
CA GLY D 39 7.00 13.21 24.91
C GLY D 39 6.95 11.69 24.90
N PHE D 40 7.26 11.10 26.04
CA PHE D 40 7.20 9.64 26.25
C PHE D 40 6.16 9.34 27.32
N SER D 41 5.65 8.11 27.31
CA SER D 41 4.89 7.59 28.45
C SER D 41 5.82 6.85 29.42
N LYS D 42 5.27 6.55 30.59
CA LYS D 42 5.82 5.51 31.47
C LYS D 42 5.92 4.19 30.71
N SER D 43 6.92 3.37 31.05
CA SER D 43 6.99 1.98 30.57
CA SER D 43 6.98 2.03 30.47
C SER D 43 5.63 1.31 30.72
N ILE D 44 5.25 0.50 29.75
CA ILE D 44 3.96 -0.18 29.75
C ILE D 44 4.05 -1.49 30.55
N SER D 45 3.20 -1.63 31.55
CA SER D 45 3.12 -2.91 32.28
CA SER D 45 3.08 -2.87 32.34
C SER D 45 1.79 -3.56 31.97
N ILE D 46 1.74 -4.86 32.10
CA ILE D 46 0.56 -5.64 31.73
C ILE D 46 -0.13 -6.20 32.97
N SER D 47 -1.40 -5.89 33.16
CA SER D 47 -2.16 -6.46 34.26
C SER D 47 -2.30 -8.00 34.13
N ASP D 48 -2.33 -8.68 35.27
CA ASP D 48 -2.54 -10.13 35.33
C ASP D 48 -3.89 -10.60 34.82
N THR D 49 -4.92 -9.79 35.04
CA THR D 49 -6.30 -10.12 34.65
C THR D 49 -6.99 -8.89 34.11
N PHE D 50 -8.14 -9.08 33.47
CA PHE D 50 -8.93 -7.93 33.04
C PHE D 50 -9.38 -7.19 34.29
N GLU D 51 -9.72 -7.94 35.34
CA GLU D 51 -10.23 -7.33 36.57
C GLU D 51 -9.21 -6.41 37.22
N SER D 52 -7.93 -6.75 37.14
CA SER D 52 -6.88 -5.98 37.84
C SER D 52 -6.24 -4.84 37.03
N ASP D 53 -6.73 -4.58 35.82
CA ASP D 53 -6.21 -3.51 34.97
C ASP D 53 -6.42 -2.14 35.65
N SER D 54 -5.31 -1.48 35.98
CA SER D 54 -5.33 -0.23 36.74
CA SER D 54 -5.33 -0.23 36.74
C SER D 54 -4.17 0.67 36.32
N PRO D 55 -4.20 1.15 35.07
CA PRO D 55 -3.05 1.90 34.54
C PRO D 55 -2.80 3.22 35.28
N ASN D 56 -1.54 3.52 35.54
CA ASN D 56 -1.21 4.83 36.07
C ASN D 56 -1.33 5.91 35.02
N LYS D 57 -1.60 7.11 35.50
CA LYS D 57 -1.83 8.23 34.60
C LYS D 57 -0.63 8.45 33.66
N ASP D 58 0.60 8.36 34.18
CA ASP D 58 1.76 8.63 33.34
C ASP D 58 2.02 7.55 32.28
N MET D 59 1.25 6.46 32.32
CA MET D 59 1.30 5.41 31.31
C MET D 59 0.27 5.61 30.19
N LEU D 60 -0.61 6.62 30.31
CA LEU D 60 -1.72 6.80 29.39
C LEU D 60 -1.60 8.04 28.52
N PRO D 61 -1.34 7.87 27.22
CA PRO D 61 -1.49 9.03 26.33
C PRO D 61 -2.90 9.61 26.41
N CYS D 62 -2.96 10.93 26.31
CA CYS D 62 -4.21 11.68 26.35
C CYS D 62 -4.39 12.53 25.10
N TYR D 63 -5.63 12.87 24.79
CA TYR D 63 -5.87 13.84 23.73
C TYR D 63 -5.23 15.21 24.05
N SER D 64 -4.72 15.87 22.99
CA SER D 64 -4.30 17.27 23.06
C SER D 64 -5.41 18.17 22.58
N VAL D 65 -5.55 19.34 23.21
CA VAL D 65 -6.56 20.33 22.79
C VAL D 65 -6.07 21.72 23.10
N ALA D 66 -6.37 22.64 22.20
CA ALA D 66 -6.17 24.08 22.45
C ALA D 66 -7.45 24.82 22.05
N ARG D 67 -7.87 25.73 22.91
CA ARG D 67 -8.96 26.65 22.58
C ARG D 67 -8.30 27.98 22.27
N ILE D 68 -8.49 28.48 21.06
CA ILE D 68 -7.77 29.64 20.56
C ILE D 68 -8.77 30.79 20.41
N PRO D 69 -8.63 31.85 21.22
CA PRO D 69 -9.52 33.01 21.07
C PRO D 69 -9.27 33.74 19.77
N LEU D 70 -10.36 34.12 19.12
CA LEU D 70 -10.32 34.86 17.87
C LEU D 70 -10.74 36.30 18.08
N PRO D 71 -10.47 37.19 17.12
CA PRO D 71 -10.96 38.56 17.25
C PRO D 71 -12.46 38.65 17.53
N ASN D 72 -12.82 39.42 18.56
CA ASN D 72 -14.23 39.58 18.92
C ASN D 72 -15.04 40.15 17.76
N LEU D 73 -16.21 39.56 17.51
CA LEU D 73 -17.04 40.01 16.40
C LEU D 73 -18.31 40.78 16.82
N ASN D 74 -18.93 40.36 17.91
CA ASN D 74 -20.20 40.98 18.32
C ASN D 74 -20.13 41.48 19.76
N ILE D 82 -25.18 39.51 13.35
CA ILE D 82 -24.37 38.48 14.01
C ILE D 82 -23.37 37.88 13.03
N LEU D 83 -22.08 38.04 13.33
CA LEU D 83 -21.02 37.48 12.53
C LEU D 83 -20.32 36.39 13.32
N MET D 84 -19.89 35.34 12.62
CA MET D 84 -19.07 34.31 13.19
C MET D 84 -17.85 34.03 12.31
N TRP D 85 -16.73 33.71 12.93
CA TRP D 85 -15.59 33.23 12.20
C TRP D 85 -15.85 31.81 11.69
N GLU D 86 -15.58 31.59 10.40
CA GLU D 86 -15.74 30.32 9.73
C GLU D 86 -14.37 29.77 9.33
N ALA D 87 -14.04 28.57 9.77
CA ALA D 87 -12.76 27.95 9.43
C ALA D 87 -12.89 27.33 8.03
N VAL D 88 -11.99 27.72 7.13
CA VAL D 88 -12.09 27.34 5.73
C VAL D 88 -11.03 26.33 5.28
N THR D 89 -9.78 26.55 5.69
CA THR D 89 -8.68 25.68 5.29
C THR D 89 -7.77 25.38 6.46
N LEU D 90 -7.11 24.23 6.33
CA LEU D 90 -6.13 23.76 7.29
C LEU D 90 -4.87 23.32 6.57
N LYS D 91 -3.72 23.72 7.09
CA LYS D 91 -2.46 23.04 6.81
C LYS D 91 -1.95 22.46 8.13
N THR D 92 -1.49 21.22 8.11
CA THR D 92 -1.04 20.59 9.33
C THR D 92 0.14 19.71 9.07
N GLU D 93 0.96 19.53 10.10
CA GLU D 93 2.19 18.77 9.97
C GLU D 93 2.63 18.20 11.30
N VAL D 94 3.11 16.95 11.29
CA VAL D 94 3.76 16.40 12.50
C VAL D 94 5.18 16.99 12.57
N ILE D 95 5.57 17.48 13.73
CA ILE D 95 6.81 18.21 13.91
C ILE D 95 7.86 17.30 14.55
N GLY D 96 9.00 17.15 13.88
CA GLY D 96 10.12 16.39 14.42
C GLY D 96 10.18 14.96 13.94
N VAL D 97 9.68 14.68 12.72
CA VAL D 97 9.63 13.28 12.27
C VAL D 97 11.00 12.61 12.25
N THR D 98 12.05 13.37 12.00
CA THR D 98 13.40 12.81 11.89
C THR D 98 14.02 12.39 13.22
N THR D 99 13.39 12.74 14.34
CA THR D 99 13.88 12.25 15.65
C THR D 99 13.86 10.73 15.71
N LEU D 100 13.01 10.11 14.90
CA LEU D 100 12.92 8.64 14.86
C LEU D 100 14.18 7.98 14.24
N MET D 101 15.10 8.80 13.73
CA MET D 101 16.39 8.32 13.27
C MET D 101 17.44 8.20 14.37
N ASN D 102 17.11 8.59 15.60
CA ASN D 102 18.04 8.34 16.70
C ASN D 102 17.85 6.90 17.16
N VAL D 103 18.70 6.03 16.61
CA VAL D 103 18.71 4.60 16.94
C VAL D 103 20.00 4.25 17.68
N HIS D 104 20.50 5.22 18.46
CA HIS D 104 21.75 5.07 19.20
C HIS D 104 21.64 5.47 20.66
N SER D 105 20.42 5.54 21.19
CA SER D 105 20.17 6.15 22.51
C SER D 105 19.40 5.21 23.44
N ASN D 106 20.14 4.35 24.14
CA ASN D 106 19.61 3.31 25.02
C ASN D 106 18.45 2.48 24.52
N GLY D 107 18.48 2.16 23.23
CA GLY D 107 17.49 1.24 22.66
C GLY D 107 18.01 -0.18 22.76
N GLN D 108 17.26 -1.10 22.17
CA GLN D 108 17.59 -2.52 22.20
C GLN D 108 18.02 -2.95 20.80
N ALA D 109 19.25 -3.42 20.69
CA ALA D 109 19.79 -3.87 19.40
C ALA D 109 18.86 -4.89 18.76
N THR D 110 18.64 -4.72 17.47
CA THR D 110 17.79 -5.59 16.66
C THR D 110 18.35 -7.01 16.59
N HIS D 111 19.68 -7.12 16.61
CA HIS D 111 20.39 -8.39 16.58
C HIS D 111 21.79 -8.08 17.11
N ASP D 112 22.59 -9.09 17.40
CA ASP D 112 23.94 -8.84 17.91
C ASP D 112 24.74 -7.83 17.04
N ASN D 113 25.20 -6.76 17.70
CA ASN D 113 26.04 -5.72 17.10
C ASN D 113 25.26 -4.72 16.26
N GLY D 114 23.94 -4.88 16.19
CA GLY D 114 23.08 -4.03 15.34
C GLY D 114 22.72 -2.69 15.95
N ALA D 115 22.04 -1.85 15.17
CA ALA D 115 21.51 -0.59 15.66
C ALA D 115 20.29 -0.85 16.56
N ALA D 116 19.83 0.19 17.26
CA ALA D 116 18.65 0.01 18.12
C ALA D 116 17.40 -0.15 17.26
N LYS D 117 16.46 -0.96 17.74
CA LYS D 117 15.12 -0.97 17.15
C LYS D 117 14.50 0.42 17.19
N PRO D 118 13.98 0.90 16.06
CA PRO D 118 13.35 2.22 16.07
C PRO D 118 11.94 2.18 16.63
N VAL D 119 11.40 3.36 16.85
CA VAL D 119 10.02 3.52 17.28
C VAL D 119 9.12 2.84 16.23
N GLN D 120 8.25 1.96 16.68
CA GLN D 120 7.36 1.20 15.80
C GLN D 120 6.22 0.61 16.62
N GLY D 121 5.25 0.01 15.96
CA GLY D 121 4.09 -0.54 16.66
C GLY D 121 2.93 0.45 16.61
N THR D 122 1.89 0.17 17.37
CA THR D 122 0.64 0.89 17.29
C THR D 122 0.82 2.41 17.28
N SER D 123 0.18 3.06 16.30
CA SER D 123 0.16 4.51 16.21
C SER D 123 -1.27 4.99 16.12
N PHE D 124 -1.49 6.22 16.57
CA PHE D 124 -2.75 6.91 16.36
C PHE D 124 -2.40 8.33 15.99
N HIS D 125 -2.78 8.73 14.77
CA HIS D 125 -2.57 10.08 14.29
C HIS D 125 -3.94 10.65 13.98
N PHE D 126 -4.22 11.76 14.66
CA PHE D 126 -5.57 12.34 14.70
C PHE D 126 -5.48 13.84 14.78
N PHE D 127 -6.36 14.55 14.05
CA PHE D 127 -6.50 15.98 14.25
C PHE D 127 -7.93 16.43 13.93
N SER D 128 -8.34 17.53 14.57
CA SER D 128 -9.64 18.09 14.30
C SER D 128 -9.60 19.59 14.43
N VAL D 129 -10.52 20.23 13.72
CA VAL D 129 -10.72 21.67 13.75
C VAL D 129 -12.21 21.90 13.90
N GLY D 130 -12.62 22.66 14.92
CA GLY D 130 -14.05 22.93 15.12
C GLY D 130 -14.35 24.27 15.74
N GLY D 131 -15.62 24.64 15.69
CA GLY D 131 -16.09 25.89 16.26
C GLY D 131 -16.59 25.74 17.69
N GLU D 132 -16.26 24.60 18.29
CA GLU D 132 -16.65 24.26 19.65
C GLU D 132 -15.86 23.01 20.01
N ALA D 133 -15.87 22.61 21.28
CA ALA D 133 -15.09 21.45 21.71
C ALA D 133 -15.47 20.20 20.94
N LEU D 134 -14.48 19.37 20.65
CA LEU D 134 -14.70 18.04 20.08
C LEU D 134 -15.61 17.24 21.01
N GLU D 135 -16.63 16.62 20.44
CA GLU D 135 -17.55 15.80 21.22
C GLU D 135 -17.06 14.36 21.19
N LEU D 136 -17.00 13.75 22.36
CA LEU D 136 -16.42 12.42 22.56
C LEU D 136 -17.48 11.40 22.97
N GLN D 137 -17.29 10.17 22.51
CA GLN D 137 -18.02 8.98 22.95
C GLN D 137 -17.02 8.05 23.62
N GLY D 138 -17.35 7.57 24.81
CA GLY D 138 -16.48 6.62 25.52
C GLY D 138 -16.70 5.19 25.06
N VAL D 139 -15.60 4.48 24.80
CA VAL D 139 -15.63 3.06 24.48
C VAL D 139 -14.37 2.48 25.13
N VAL D 140 -14.50 1.35 25.82
CA VAL D 140 -13.38 0.79 26.55
C VAL D 140 -13.07 -0.62 26.04
N PHE D 141 -11.79 -0.95 25.99
CA PHE D 141 -11.40 -2.30 25.63
C PHE D 141 -11.90 -3.33 26.65
N ASN D 142 -11.82 -2.94 27.93
CA ASN D 142 -12.09 -3.77 29.09
C ASN D 142 -12.82 -2.89 30.09
N TYR D 143 -14.09 -3.19 30.38
CA TYR D 143 -14.91 -2.29 31.21
C TYR D 143 -14.44 -2.29 32.65
N ARG D 144 -13.67 -3.31 33.05
CA ARG D 144 -13.16 -3.38 34.40
C ARG D 144 -11.82 -2.63 34.62
N THR D 145 -11.30 -1.99 33.59
CA THR D 145 -10.16 -1.10 33.73
C THR D 145 -10.49 0.03 34.73
N THR D 146 -9.61 0.24 35.71
CA THR D 146 -9.77 1.37 36.62
C THR D 146 -8.88 2.49 36.12
N TYR D 147 -9.50 3.54 35.57
CA TYR D 147 -8.74 4.68 35.07
C TYR D 147 -8.33 5.54 36.28
N PRO D 148 -7.18 6.24 36.18
CA PRO D 148 -6.60 6.84 37.37
C PRO D 148 -7.08 8.24 37.70
N ASP D 149 -6.89 8.62 38.96
CA ASP D 149 -7.11 9.99 39.41
CA ASP D 149 -7.16 9.99 39.38
C ASP D 149 -6.36 10.93 38.48
N GLY D 150 -6.95 12.06 38.16
CA GLY D 150 -6.30 13.00 37.28
C GLY D 150 -6.67 12.80 35.83
N THR D 151 -7.40 11.73 35.51
CA THR D 151 -7.95 11.54 34.15
C THR D 151 -9.47 11.65 34.20
N ILE D 152 -10.05 11.92 33.03
CA ILE D 152 -11.48 11.97 32.83
C ILE D 152 -11.81 10.81 31.90
N PHE D 153 -12.69 9.94 32.39
CA PHE D 153 -12.91 8.62 31.79
C PHE D 153 -14.38 8.22 31.85
N PRO D 154 -14.74 7.15 31.11
CA PRO D 154 -16.14 6.73 31.12
C PRO D 154 -16.54 6.25 32.50
N LYS D 155 -17.55 6.92 33.05
CA LYS D 155 -18.05 6.64 34.40
C LYS D 155 -19.19 5.64 34.39
N ASN D 156 -19.31 4.86 35.48
CA ASN D 156 -20.33 3.82 35.56
C ASN D 156 -20.21 2.83 34.38
N ALA D 157 -19.00 2.44 34.02
CA ALA D 157 -18.81 1.55 32.87
C ALA D 157 -19.45 0.19 33.14
N THR D 158 -20.10 -0.37 32.13
CA THR D 158 -20.70 -1.71 32.24
C THR D 158 -20.09 -2.55 31.12
N VAL D 159 -20.41 -3.85 31.08
CA VAL D 159 -19.88 -4.67 30.01
C VAL D 159 -20.30 -4.11 28.65
N GLN D 160 -21.46 -3.46 28.59
CA GLN D 160 -21.90 -2.87 27.30
C GLN D 160 -20.97 -1.73 26.82
N SER D 161 -20.24 -1.11 27.74
CA SER D 161 -19.26 -0.06 27.40
C SER D 161 -18.12 -0.55 26.50
N GLN D 162 -17.92 -1.87 26.46
CA GLN D 162 -16.95 -2.51 25.57
C GLN D 162 -17.37 -2.44 24.11
N VAL D 163 -18.65 -2.17 23.83
CA VAL D 163 -19.11 -2.02 22.43
C VAL D 163 -19.82 -0.68 22.15
N MET D 164 -20.72 -0.25 23.04
CA MET D 164 -21.39 1.04 22.92
C MET D 164 -22.33 1.26 24.11
N ASN D 165 -22.04 2.29 24.88
CA ASN D 165 -22.87 2.68 26.01
C ASN D 165 -23.07 4.17 25.83
N THR D 166 -24.30 4.54 25.49
CA THR D 166 -24.59 5.94 25.16
C THR D 166 -24.48 6.90 26.35
N GLU D 167 -24.34 6.39 27.57
CA GLU D 167 -24.09 7.26 28.71
C GLU D 167 -22.75 8.03 28.60
N HIS D 168 -21.76 7.44 27.91
CA HIS D 168 -20.41 7.99 27.94
C HIS D 168 -20.23 9.11 26.91
N LYS D 169 -20.82 10.25 27.22
CA LYS D 169 -20.69 11.46 26.38
C LYS D 169 -19.82 12.49 27.09
N ALA D 170 -18.89 13.10 26.38
CA ALA D 170 -18.05 14.13 26.98
C ALA D 170 -17.63 15.15 25.94
N TYR D 171 -17.04 16.25 26.43
CA TYR D 171 -16.40 17.25 25.58
C TYR D 171 -14.89 17.21 25.81
N LEU D 172 -14.12 17.33 24.72
CA LEU D 172 -12.67 17.40 24.89
C LEU D 172 -12.37 18.83 25.29
N ASP D 173 -12.40 19.07 26.60
CA ASP D 173 -12.38 20.44 27.14
C ASP D 173 -11.25 20.71 28.12
N LYS D 174 -10.30 19.77 28.19
CA LYS D 174 -9.17 19.93 29.09
C LYS D 174 -8.02 19.16 28.46
N ASN D 175 -6.86 19.79 28.42
CA ASN D 175 -5.67 19.18 27.85
C ASN D 175 -5.09 18.16 28.84
N LYS D 176 -4.41 17.16 28.30
CA LYS D 176 -3.75 16.12 29.09
C LYS D 176 -4.61 15.48 30.23
N ALA D 177 -5.85 15.09 29.87
CA ALA D 177 -6.85 14.58 30.83
C ALA D 177 -7.72 13.44 30.32
N TYR D 178 -8.05 13.47 29.02
CA TYR D 178 -8.88 12.47 28.38
C TYR D 178 -8.01 11.38 27.74
N PRO D 179 -7.95 10.16 28.32
CA PRO D 179 -7.06 9.17 27.73
C PRO D 179 -7.48 8.77 26.32
N VAL D 180 -6.49 8.62 25.44
CA VAL D 180 -6.78 8.26 24.06
C VAL D 180 -7.56 6.93 24.00
N GLU D 181 -7.18 5.96 24.81
CA GLU D 181 -7.69 4.61 24.64
C GLU D 181 -9.16 4.40 24.97
N CYS D 182 -9.76 5.34 25.69
CA CYS D 182 -11.16 5.17 26.11
C CYS D 182 -12.14 6.20 25.54
N TRP D 183 -11.68 7.08 24.66
CA TRP D 183 -12.56 8.05 24.03
C TRP D 183 -12.27 8.13 22.53
N VAL D 184 -13.32 8.32 21.75
CA VAL D 184 -13.23 8.60 20.33
C VAL D 184 -14.14 9.79 20.03
N PRO D 185 -13.91 10.46 18.90
CA PRO D 185 -14.91 11.40 18.43
C PRO D 185 -16.28 10.73 18.30
N ASP D 186 -17.32 11.41 18.75
CA ASP D 186 -18.68 10.91 18.72
C ASP D 186 -19.24 11.16 17.31
N PRO D 187 -19.46 10.09 16.53
CA PRO D 187 -19.97 10.32 15.18
C PRO D 187 -21.43 10.77 15.14
N THR D 188 -22.15 10.67 16.28
CA THR D 188 -23.56 11.07 16.35
C THR D 188 -23.67 12.58 16.57
N ARG D 189 -22.55 13.23 16.87
CA ARG D 189 -22.52 14.66 17.10
C ARG D 189 -21.46 15.27 16.16
N ASN D 190 -20.73 16.28 16.61
CA ASN D 190 -19.63 16.90 15.86
C ASN D 190 -19.99 17.52 14.51
N GLU D 191 -21.23 17.97 14.39
CA GLU D 191 -21.67 18.67 13.19
C GLU D 191 -20.80 19.91 12.89
N ASN D 192 -20.25 20.53 13.93
CA ASN D 192 -19.53 21.81 13.78
C ASN D 192 -18.01 21.65 13.90
N THR D 193 -17.54 20.43 13.63
CA THR D 193 -16.12 20.08 13.69
C THR D 193 -15.81 19.22 12.48
N ARG D 194 -14.57 19.25 12.02
CA ARG D 194 -14.10 18.31 11.00
C ARG D 194 -12.97 17.53 11.67
N TYR D 195 -13.11 16.20 11.71
CA TYR D 195 -12.05 15.38 12.33
C TYR D 195 -11.58 14.27 11.42
N PHE D 196 -10.33 13.85 11.65
CA PHE D 196 -9.66 12.88 10.81
C PHE D 196 -8.69 12.10 11.68
N GLY D 197 -8.71 10.77 11.56
CA GLY D 197 -7.79 9.95 12.37
C GLY D 197 -7.53 8.59 11.78
N THR D 198 -6.37 8.03 12.12
CA THR D 198 -6.00 6.70 11.64
C THR D 198 -5.31 5.98 12.79
N LEU D 199 -5.87 4.84 13.17
CA LEU D 199 -5.22 3.90 14.07
C LEU D 199 -4.55 2.84 13.20
N THR D 200 -3.25 2.70 13.36
CA THR D 200 -2.47 1.67 12.66
C THR D 200 -1.91 0.73 13.73
N GLY D 201 -2.46 -0.47 13.79
CA GLY D 201 -2.11 -1.42 14.86
C GLY D 201 -0.91 -2.31 14.53
N GLY D 202 -0.70 -3.32 15.36
CA GLY D 202 0.39 -4.29 15.18
C GLY D 202 1.59 -3.95 16.04
N GLU D 203 2.32 -4.94 16.57
CA GLU D 203 3.44 -4.56 17.44
C GLU D 203 4.68 -4.09 16.69
N ASN D 204 4.78 -4.41 15.39
CA ASN D 204 5.98 -4.10 14.65
C ASN D 204 5.74 -3.16 13.51
N VAL D 205 4.54 -2.58 13.43
CA VAL D 205 4.20 -1.78 12.26
C VAL D 205 5.13 -0.56 12.14
N PRO D 206 5.70 -0.33 10.95
CA PRO D 206 6.56 0.81 10.72
C PRO D 206 5.83 2.14 10.62
N PRO D 207 6.36 3.18 11.30
CA PRO D 207 5.82 4.52 11.07
C PRO D 207 6.03 4.99 9.62
N VAL D 208 5.01 5.65 9.05
CA VAL D 208 5.18 6.30 7.73
C VAL D 208 4.70 7.74 7.90
N LEU D 209 5.65 8.68 7.93
CA LEU D 209 5.36 10.05 8.28
C LEU D 209 5.75 10.95 7.12
N HIS D 210 4.76 11.65 6.57
CA HIS D 210 5.01 12.54 5.43
C HIS D 210 5.00 14.00 5.91
N ILE D 211 5.89 14.81 5.36
CA ILE D 211 5.90 16.25 5.63
C ILE D 211 5.92 17.00 4.30
N THR D 212 5.20 18.12 4.26
CA THR D 212 5.27 19.01 3.11
C THR D 212 4.57 20.30 3.49
N ASN D 213 4.97 21.40 2.86
CA ASN D 213 4.27 22.66 3.08
C ASN D 213 3.34 23.01 1.93
N THR D 214 3.06 22.03 1.07
CA THR D 214 2.28 22.25 -0.15
C THR D 214 0.86 21.68 -0.12
N ALA D 215 0.44 21.14 1.02
CA ALA D 215 -0.84 20.43 1.14
C ALA D 215 -1.80 21.21 2.01
N THR D 216 -3.02 21.38 1.52
CA THR D 216 -4.07 22.05 2.27
C THR D 216 -5.34 21.16 2.32
N THR D 217 -6.00 21.13 3.47
CA THR D 217 -7.29 20.49 3.61
C THR D 217 -8.39 21.57 3.67
N VAL D 218 -9.40 21.41 2.83
CA VAL D 218 -10.56 22.31 2.82
C VAL D 218 -11.55 21.82 3.87
N LEU D 219 -12.07 22.71 4.71
CA LEU D 219 -12.90 22.35 5.87
C LEU D 219 -14.41 22.55 5.61
N LEU D 220 -14.74 23.00 4.41
CA LEU D 220 -16.13 23.26 4.04
C LEU D 220 -16.89 21.94 3.93
N ASP D 221 -18.13 21.92 4.42
CA ASP D 221 -19.01 20.77 4.23
C ASP D 221 -19.62 20.77 2.83
N GLU D 222 -20.54 19.86 2.58
CA GLU D 222 -21.19 19.75 1.27
C GLU D 222 -22.03 20.97 0.87
N PHE D 223 -22.34 21.84 1.83
CA PHE D 223 -23.07 23.07 1.54
C PHE D 223 -22.17 24.30 1.43
N GLY D 224 -20.85 24.08 1.49
CA GLY D 224 -19.88 25.16 1.34
C GLY D 224 -19.64 25.91 2.66
N VAL D 225 -19.94 25.26 3.78
CA VAL D 225 -19.86 25.91 5.09
C VAL D 225 -18.83 25.21 5.99
N GLY D 226 -17.87 25.98 6.50
CA GLY D 226 -16.90 25.45 7.45
C GLY D 226 -17.41 25.50 8.89
N PRO D 227 -16.62 24.98 9.83
CA PRO D 227 -16.94 25.16 11.25
C PRO D 227 -17.13 26.61 11.61
N LEU D 228 -18.18 26.88 12.39
CA LEU D 228 -18.52 28.24 12.80
C LEU D 228 -18.18 28.43 14.28
N CYS D 229 -17.36 29.42 14.57
CA CYS D 229 -16.72 29.53 15.88
C CYS D 229 -17.58 30.20 16.94
N LYS D 230 -18.20 29.38 17.79
CA LYS D 230 -19.10 29.90 18.80
C LYS D 230 -18.31 30.65 19.84
N GLY D 231 -18.77 31.84 20.16
CA GLY D 231 -18.10 32.68 21.14
C GLY D 231 -16.72 33.13 20.70
N ASP D 232 -16.46 33.11 19.39
CA ASP D 232 -15.17 33.53 18.83
C ASP D 232 -14.00 32.72 19.37
N ASN D 233 -14.21 31.41 19.51
CA ASN D 233 -13.16 30.48 19.86
C ASN D 233 -13.02 29.39 18.82
N LEU D 234 -11.78 29.05 18.48
CA LEU D 234 -11.46 27.93 17.59
C LEU D 234 -10.88 26.81 18.44
N TYR D 235 -11.38 25.59 18.22
CA TYR D 235 -10.89 24.39 18.92
C TYR D 235 -10.05 23.51 18.02
N LEU D 236 -8.80 23.28 18.41
CA LEU D 236 -7.91 22.38 17.70
C LEU D 236 -7.62 21.21 18.64
N SER D 237 -7.63 20.00 18.10
CA SER D 237 -7.38 18.79 18.86
C SER D 237 -6.45 17.89 18.06
N ALA D 238 -5.66 17.10 18.78
CA ALA D 238 -4.70 16.20 18.13
C ALA D 238 -4.31 15.02 19.00
N VAL D 239 -3.95 13.94 18.32
CA VAL D 239 -3.16 12.85 18.92
C VAL D 239 -2.14 12.43 17.86
N ASP D 240 -0.87 12.32 18.25
CA ASP D 240 0.17 11.77 17.37
C ASP D 240 1.08 10.83 18.15
N VAL D 241 0.49 9.71 18.52
CA VAL D 241 1.25 8.60 19.09
C VAL D 241 1.94 7.90 17.94
N CYS D 242 3.26 7.96 17.90
CA CYS D 242 4.00 7.51 16.71
C CYS D 242 4.29 6.03 16.71
N GLY D 243 4.21 5.43 17.89
CA GLY D 243 4.61 4.05 18.11
C GLY D 243 5.19 3.93 19.51
N MET D 244 5.87 2.82 19.76
CA MET D 244 6.55 2.58 21.04
C MET D 244 8.03 2.58 20.82
N PHE D 245 8.73 3.17 21.80
CA PHE D 245 10.18 3.06 21.95
C PHE D 245 10.51 1.92 22.88
N THR D 246 11.38 1.02 22.41
CA THR D 246 11.85 -0.09 23.23
C THR D 246 13.23 0.24 23.77
N ASN D 247 13.37 0.26 25.08
CA ASN D 247 14.70 0.50 25.62
C ASN D 247 15.52 -0.77 25.73
N ARG D 248 16.77 -0.62 26.19
CA ARG D 248 17.73 -1.69 26.26
C ARG D 248 17.20 -2.90 27.05
N SER D 249 16.38 -2.63 28.07
CA SER D 249 15.82 -3.68 28.92
C SER D 249 14.67 -4.45 28.26
N GLY D 250 14.13 -3.93 27.16
CA GLY D 250 12.93 -4.51 26.55
C GLY D 250 11.66 -3.77 26.91
N SER D 251 11.68 -2.92 27.94
CA SER D 251 10.50 -2.16 28.29
CA SER D 251 10.51 -2.12 28.30
C SER D 251 10.13 -1.21 27.15
N GLN D 252 8.84 -0.96 27.01
CA GLN D 252 8.31 -0.14 25.90
C GLN D 252 7.51 1.04 26.41
N GLN D 253 7.68 2.17 25.75
CA GLN D 253 7.02 3.43 26.10
C GLN D 253 6.44 4.04 24.86
N TRP D 254 5.26 4.64 24.96
CA TRP D 254 4.74 5.38 23.83
C TRP D 254 5.64 6.60 23.59
N ARG D 255 5.77 6.98 22.31
CA ARG D 255 6.46 8.23 21.93
C ARG D 255 5.54 9.02 21.04
N GLY D 256 5.40 10.31 21.36
CA GLY D 256 4.57 11.21 20.58
C GLY D 256 5.34 12.42 20.08
N LEU D 257 4.71 13.12 19.15
CA LEU D 257 5.28 14.34 18.56
C LEU D 257 4.22 15.40 18.46
N SER D 258 4.67 16.65 18.42
CA SER D 258 3.81 17.80 18.30
C SER D 258 3.19 17.93 16.91
N ARG D 259 2.07 18.63 16.83
CA ARG D 259 1.41 18.86 15.57
C ARG D 259 1.22 20.37 15.32
N TYR D 260 1.65 20.82 14.14
CA TYR D 260 1.46 22.19 13.67
C TYR D 260 0.08 22.35 13.05
N PHE D 261 -0.56 23.49 13.31
CA PHE D 261 -1.84 23.85 12.65
C PHE D 261 -1.72 25.27 12.10
N LYS D 262 -2.19 25.47 10.88
CA LYS D 262 -2.44 26.81 10.37
C LYS D 262 -3.84 26.79 9.77
N VAL D 263 -4.72 27.59 10.32
CA VAL D 263 -6.11 27.63 9.86
C VAL D 263 -6.43 29.04 9.34
N GLN D 264 -7.06 29.09 8.17
N GLN D 264 -7.06 29.08 8.18
CA GLN D 264 -7.56 30.33 7.62
CA GLN D 264 -7.58 30.31 7.61
C GLN D 264 -9.07 30.43 7.89
C GLN D 264 -9.08 30.42 7.90
N LEU D 265 -9.50 31.59 8.38
CA LEU D 265 -10.89 31.86 8.71
C LEU D 265 -11.40 33.10 8.02
N ARG D 266 -12.71 33.12 7.77
CA ARG D 266 -13.36 34.27 7.20
C ARG D 266 -14.63 34.60 8.01
N LYS D 267 -15.07 35.86 7.95
CA LYS D 267 -16.28 36.25 8.66
C LYS D 267 -17.49 35.85 7.84
N ARG D 268 -18.44 35.22 8.51
CA ARG D 268 -19.70 34.79 7.90
C ARG D 268 -20.90 35.35 8.68
N ARG D 269 -21.86 35.94 7.99
CA ARG D 269 -23.09 36.39 8.67
C ARG D 269 -24.05 35.23 8.90
N VAL D 270 -24.66 35.18 10.10
CA VAL D 270 -25.69 34.19 10.41
C VAL D 270 -26.93 34.88 11.03
N LYS D 271 -28.05 34.17 11.09
CA LYS D 271 -29.28 34.75 11.66
C LYS D 271 -29.62 34.14 13.02
N VAL E 7 7.11 42.59 -0.71
CA VAL E 7 7.29 42.17 -2.13
C VAL E 7 5.94 42.01 -2.83
N GLU E 8 5.55 43.00 -3.63
CA GLU E 8 4.43 42.83 -4.56
C GLU E 8 4.94 42.04 -5.77
N VAL E 9 4.29 40.93 -6.10
CA VAL E 9 4.65 40.12 -7.26
C VAL E 9 3.84 40.64 -8.45
N LEU E 10 4.53 41.04 -9.52
CA LEU E 10 3.89 41.58 -10.71
C LEU E 10 3.98 40.55 -11.84
N GLU E 11 4.12 41.00 -13.09
CA GLU E 11 4.06 40.11 -14.24
C GLU E 11 5.32 39.30 -14.48
N VAL E 12 5.10 38.17 -15.14
CA VAL E 12 6.16 37.33 -15.66
C VAL E 12 6.70 37.96 -16.93
N LYS E 13 8.03 37.96 -17.11
CA LYS E 13 8.61 38.39 -18.38
C LYS E 13 8.50 37.25 -19.38
N THR E 14 8.38 37.61 -20.65
CA THR E 14 8.42 36.62 -21.72
C THR E 14 9.51 36.97 -22.71
N GLY E 15 9.68 36.11 -23.72
CA GLY E 15 10.75 36.27 -24.69
C GLY E 15 11.79 35.20 -24.44
N VAL E 16 12.66 34.98 -25.43
CA VAL E 16 13.69 33.92 -25.35
C VAL E 16 14.60 34.09 -24.12
N ASP E 17 14.85 35.34 -23.75
CA ASP E 17 15.79 35.70 -22.68
C ASP E 17 15.29 35.42 -21.23
N SER E 18 14.01 35.05 -21.08
CA SER E 18 13.31 35.16 -19.81
C SER E 18 13.24 33.87 -19.01
N ILE E 19 13.80 32.79 -19.54
CA ILE E 19 13.77 31.49 -18.87
C ILE E 19 15.19 30.95 -18.72
N THR E 20 15.43 30.17 -17.66
CA THR E 20 16.72 29.51 -17.50
C THR E 20 16.47 28.20 -16.76
N GLU E 21 17.46 27.32 -16.77
CA GLU E 21 17.30 26.08 -16.05
C GLU E 21 18.54 25.73 -15.25
N VAL E 22 18.33 25.01 -14.16
CA VAL E 22 19.40 24.56 -13.28
C VAL E 22 19.33 23.05 -13.28
N GLU E 23 20.48 22.42 -13.48
CA GLU E 23 20.55 20.99 -13.40
C GLU E 23 21.75 20.64 -12.58
N CYS E 24 21.58 19.81 -11.57
CA CYS E 24 22.70 19.37 -10.76
C CYS E 24 22.36 18.13 -9.95
N PHE E 25 23.33 17.64 -9.19
CA PHE E 25 23.06 16.59 -8.24
C PHE E 25 23.65 16.99 -6.89
N LEU E 26 23.00 16.50 -5.84
CA LEU E 26 23.47 16.67 -4.48
C LEU E 26 23.92 15.30 -3.97
N THR E 27 25.15 15.24 -3.48
CA THR E 27 25.65 13.99 -2.94
C THR E 27 25.12 13.81 -1.53
N PRO E 28 24.95 12.56 -1.08
CA PRO E 28 24.52 12.31 0.29
C PRO E 28 25.67 12.55 1.25
N GLU E 29 25.33 12.92 2.50
CA GLU E 29 26.31 13.21 3.52
C GLU E 29 26.00 12.33 4.74
N MET E 30 26.42 11.06 4.64
CA MET E 30 26.10 10.00 5.61
C MET E 30 27.10 9.87 6.75
N GLY E 31 28.28 10.50 6.62
CA GLY E 31 29.30 10.51 7.69
C GLY E 31 30.71 10.17 7.18
N ASP E 32 30.76 9.27 6.19
CA ASP E 32 32.00 8.94 5.46
C ASP E 32 33.14 8.61 6.43
N PRO E 33 33.02 7.47 7.11
CA PRO E 33 33.90 7.17 8.26
C PRO E 33 35.34 6.83 7.89
N ASP E 34 35.60 6.42 6.65
CA ASP E 34 36.97 6.28 6.16
C ASP E 34 37.06 6.54 4.64
N GLU E 35 38.27 6.45 4.10
CA GLU E 35 38.56 6.78 2.71
C GLU E 35 37.88 5.85 1.67
N HIS E 36 37.28 4.76 2.14
CA HIS E 36 36.60 3.81 1.26
C HIS E 36 35.08 3.81 1.40
N LEU E 37 34.52 4.66 2.27
CA LEU E 37 33.13 4.48 2.72
C LEU E 37 32.25 5.70 2.47
N ARG E 38 32.60 6.46 1.43
CA ARG E 38 31.76 7.55 0.96
C ARG E 38 30.35 7.01 0.66
N GLY E 39 29.33 7.67 1.23
CA GLY E 39 27.94 7.27 1.06
C GLY E 39 27.40 6.42 2.19
N PHE E 40 28.29 6.04 3.12
CA PHE E 40 27.97 5.26 4.31
C PHE E 40 28.25 6.06 5.57
N SER E 41 27.57 5.72 6.67
CA SER E 41 27.93 6.21 8.00
C SER E 41 28.90 5.22 8.65
N LYS E 42 29.47 5.66 9.76
CA LYS E 42 30.15 4.76 10.69
C LYS E 42 29.11 3.78 11.21
N SER E 43 29.55 2.59 11.61
N SER E 43 29.58 2.59 11.62
CA SER E 43 28.63 1.65 12.21
CA SER E 43 28.74 1.64 12.33
C SER E 43 28.02 2.25 13.49
C SER E 43 28.01 2.33 13.48
N ILE E 44 26.74 1.94 13.69
CA ILE E 44 25.97 2.49 14.77
C ILE E 44 26.25 1.78 16.11
N SER E 45 26.53 2.58 17.14
CA SER E 45 26.65 2.04 18.49
CA SER E 45 26.68 2.09 18.50
C SER E 45 25.56 2.68 19.34
N ILE E 46 25.16 1.99 20.40
CA ILE E 46 24.02 2.40 21.20
C ILE E 46 24.48 2.74 22.62
N SER E 47 24.10 3.93 23.10
CA SER E 47 24.43 4.31 24.48
C SER E 47 23.65 3.45 25.47
N ASP E 48 24.20 3.33 26.67
CA ASP E 48 23.55 2.57 27.74
C ASP E 48 22.53 3.36 28.57
N THR E 49 22.53 4.69 28.40
CA THR E 49 21.57 5.56 29.05
C THR E 49 21.26 6.72 28.11
N PHE E 50 20.15 7.43 28.35
CA PHE E 50 19.88 8.65 27.56
C PHE E 50 20.96 9.70 27.85
N GLU E 51 21.36 9.81 29.11
CA GLU E 51 22.33 10.85 29.50
C GLU E 51 23.69 10.67 28.85
N SER E 52 24.07 9.43 28.48
CA SER E 52 25.38 9.18 27.84
C SER E 52 25.35 9.10 26.30
N ASP E 53 24.22 9.49 25.68
CA ASP E 53 24.13 9.45 24.23
C ASP E 53 25.05 10.55 23.66
N SER E 54 26.09 10.15 22.96
CA SER E 54 27.09 11.07 22.44
CA SER E 54 27.10 11.08 22.45
C SER E 54 27.61 10.59 21.09
N PRO E 55 26.78 10.73 20.04
CA PRO E 55 27.16 10.18 18.74
C PRO E 55 28.35 10.90 18.11
N ASN E 56 29.23 10.12 17.50
CA ASN E 56 30.32 10.67 16.72
C ASN E 56 29.81 11.25 15.42
N LYS E 57 30.48 12.30 14.95
CA LYS E 57 30.02 12.97 13.74
C LYS E 57 29.88 12.03 12.53
N ASP E 58 30.83 11.11 12.38
CA ASP E 58 30.79 10.22 11.22
CA ASP E 58 30.83 10.14 11.27
C ASP E 58 29.67 9.16 11.31
N MET E 59 28.95 9.12 12.44
CA MET E 59 27.82 8.21 12.62
C MET E 59 26.48 8.90 12.28
N LEU E 60 26.51 10.21 12.02
CA LEU E 60 25.30 11.01 11.84
C LEU E 60 25.08 11.51 10.40
N PRO E 61 24.05 10.97 9.73
CA PRO E 61 23.66 11.60 8.47
C PRO E 61 23.30 13.07 8.68
N CYS E 62 23.69 13.89 7.71
CA CYS E 62 23.37 15.32 7.70
C CYS E 62 22.55 15.69 6.48
N TYR E 63 21.87 16.83 6.55
CA TYR E 63 21.24 17.40 5.38
C TYR E 63 22.28 17.82 4.32
N SER E 64 21.92 17.57 3.06
CA SER E 64 22.64 18.12 1.89
C SER E 64 22.03 19.43 1.44
N VAL E 65 22.88 20.34 1.00
CA VAL E 65 22.42 21.61 0.47
C VAL E 65 23.37 22.12 -0.59
N ALA E 66 22.79 22.72 -1.63
CA ALA E 66 23.56 23.48 -2.62
C ALA E 66 22.90 24.84 -2.85
N ARG E 67 23.73 25.87 -2.91
CA ARG E 67 23.31 27.21 -3.28
C ARG E 67 23.83 27.43 -4.70
N ILE E 68 22.92 27.61 -5.64
CA ILE E 68 23.25 27.67 -7.06
C ILE E 68 23.09 29.10 -7.56
N PRO E 69 24.21 29.76 -7.97
CA PRO E 69 24.12 31.11 -8.54
C PRO E 69 23.37 31.10 -9.87
N LEU E 70 22.49 32.07 -10.05
CA LEU E 70 21.70 32.18 -11.28
C LEU E 70 22.19 33.36 -12.08
N PRO E 71 21.78 33.46 -13.35
CA PRO E 71 22.21 34.61 -14.13
C PRO E 71 21.82 35.91 -13.44
N ASN E 72 22.77 36.83 -13.37
CA ASN E 72 22.62 38.06 -12.63
C ASN E 72 21.53 38.92 -13.24
N LEU E 73 20.63 39.44 -12.40
CA LEU E 73 19.48 40.22 -12.90
C LEU E 73 19.46 41.72 -12.63
N ASN E 74 20.07 42.20 -11.56
CA ASN E 74 19.96 43.65 -11.30
C ASN E 74 21.30 44.28 -10.94
N ASN E 81 13.51 48.78 -12.21
CA ASN E 81 12.74 47.54 -12.01
C ASN E 81 13.53 46.50 -11.25
N ILE E 82 12.83 45.73 -10.43
CA ILE E 82 13.44 44.61 -9.74
C ILE E 82 12.92 43.31 -10.38
N LEU E 83 13.82 42.54 -10.97
CA LEU E 83 13.48 41.21 -11.48
C LEU E 83 14.06 40.13 -10.58
N MET E 84 13.30 39.05 -10.40
CA MET E 84 13.76 37.87 -9.68
C MET E 84 13.47 36.62 -10.48
N TRP E 85 14.36 35.64 -10.37
CA TRP E 85 14.11 34.33 -10.92
C TRP E 85 13.07 33.62 -10.03
N GLU E 86 12.08 33.03 -10.70
CA GLU E 86 10.98 32.33 -10.05
C GLU E 86 11.09 30.85 -10.42
N ALA E 87 11.21 29.96 -9.43
CA ALA E 87 11.29 28.52 -9.71
C ALA E 87 9.88 27.99 -9.99
N VAL E 88 9.70 27.34 -11.15
CA VAL E 88 8.37 26.95 -11.62
C VAL E 88 8.15 25.43 -11.59
N THR E 89 9.12 24.66 -12.04
CA THR E 89 8.98 23.19 -12.03
C THR E 89 10.24 22.51 -11.58
N LEU E 90 10.05 21.28 -11.11
CA LEU E 90 11.13 20.43 -10.65
C LEU E 90 10.98 19.04 -11.24
N LYS E 91 12.08 18.49 -11.74
CA LYS E 91 12.20 17.05 -11.94
C LYS E 91 13.29 16.57 -11.01
N THR E 92 13.03 15.46 -10.32
CA THR E 92 14.01 14.97 -9.36
C THR E 92 14.03 13.44 -9.36
N GLU E 93 15.19 12.90 -9.02
CA GLU E 93 15.39 11.46 -9.05
C GLU E 93 16.54 11.05 -8.13
N VAL E 94 16.36 9.93 -7.45
CA VAL E 94 17.45 9.33 -6.66
C VAL E 94 18.35 8.57 -7.63
N ILE E 95 19.65 8.82 -7.54
CA ILE E 95 20.62 8.29 -8.50
C ILE E 95 21.33 7.06 -7.93
N GLY E 96 21.29 5.96 -8.67
CA GLY E 96 22.00 4.75 -8.29
C GLY E 96 21.15 3.76 -7.53
N VAL E 97 19.84 3.72 -7.81
CA VAL E 97 18.98 2.81 -7.05
C VAL E 97 19.38 1.34 -7.17
N THR E 98 19.96 0.94 -8.29
CA THR E 98 20.29 -0.46 -8.50
C THR E 98 21.50 -0.93 -7.72
N THR E 99 22.25 -0.02 -7.10
CA THR E 99 23.37 -0.44 -6.24
C THR E 99 22.90 -1.36 -5.11
N LEU E 100 21.64 -1.20 -4.73
CA LEU E 100 21.07 -2.03 -3.67
C LEU E 100 20.94 -3.52 -4.09
N MET E 101 21.16 -3.84 -5.36
CA MET E 101 21.27 -5.24 -5.82
C MET E 101 22.64 -5.89 -5.55
N ASN E 102 23.60 -5.14 -5.03
CA ASN E 102 24.84 -5.79 -4.59
C ASN E 102 24.65 -6.42 -3.23
N VAL E 103 24.29 -7.69 -3.25
CA VAL E 103 24.05 -8.50 -2.07
C VAL E 103 25.11 -9.61 -2.00
N HIS E 104 26.29 -9.28 -2.53
CA HIS E 104 27.40 -10.23 -2.59
C HIS E 104 28.70 -9.68 -2.01
N SER E 105 28.62 -8.62 -1.20
CA SER E 105 29.82 -7.91 -0.74
C SER E 105 29.83 -7.65 0.77
N ASN E 106 30.58 -8.43 1.55
CA ASN E 106 30.86 -8.07 2.97
C ASN E 106 29.60 -8.02 3.85
N GLY E 107 28.59 -8.79 3.48
CA GLY E 107 27.29 -8.73 4.13
C GLY E 107 27.07 -9.93 5.05
N GLN E 108 25.89 -9.94 5.65
CA GLN E 108 25.49 -11.01 6.54
C GLN E 108 24.44 -11.86 5.85
N ALA E 109 24.75 -13.14 5.62
CA ALA E 109 23.81 -14.06 4.99
C ALA E 109 22.50 -14.10 5.75
N THR E 110 21.41 -14.03 5.00
CA THR E 110 20.07 -14.06 5.57
C THR E 110 19.77 -15.38 6.27
N HIS E 111 20.38 -16.46 5.78
CA HIS E 111 20.28 -17.80 6.36
C HIS E 111 21.47 -18.59 5.83
N ASP E 112 21.69 -19.81 6.33
CA ASP E 112 22.81 -20.61 5.85
C ASP E 112 22.82 -20.75 4.33
N ASN E 113 23.93 -20.33 3.71
CA ASN E 113 24.18 -20.42 2.26
C ASN E 113 23.45 -19.36 1.42
N GLY E 114 22.72 -18.46 2.07
CA GLY E 114 21.96 -17.43 1.38
C GLY E 114 22.78 -16.22 0.94
N ALA E 115 22.14 -15.33 0.20
CA ALA E 115 22.70 -14.04 -0.16
C ALA E 115 22.76 -13.10 1.03
N ALA E 116 23.49 -11.99 0.90
CA ALA E 116 23.57 -11.03 2.00
C ALA E 116 22.25 -10.29 2.18
N LYS E 117 21.90 -10.03 3.43
CA LYS E 117 20.79 -9.13 3.72
C LYS E 117 21.00 -7.79 2.98
N PRO E 118 19.99 -7.32 2.24
CA PRO E 118 20.15 -6.06 1.54
C PRO E 118 19.94 -4.86 2.45
N VAL E 119 20.25 -3.69 1.92
CA VAL E 119 19.98 -2.46 2.64
C VAL E 119 18.48 -2.36 2.95
N GLN E 120 18.15 -2.13 4.21
CA GLN E 120 16.76 -2.01 4.61
C GLN E 120 16.69 -1.30 5.96
N GLY E 121 15.46 -1.05 6.40
CA GLY E 121 15.22 -0.34 7.65
C GLY E 121 14.93 1.14 7.41
N THR E 122 15.03 1.93 8.47
CA THR E 122 14.59 3.32 8.45
C THR E 122 15.17 4.11 7.27
N SER E 123 14.28 4.80 6.56
CA SER E 123 14.67 5.67 5.47
C SER E 123 14.10 7.07 5.64
N PHE E 124 14.77 8.06 5.07
CA PHE E 124 14.25 9.43 5.02
C PHE E 124 14.61 9.95 3.65
N HIS E 125 13.58 10.25 2.87
CA HIS E 125 13.75 10.78 1.53
C HIS E 125 13.06 12.13 1.51
N PHE E 126 13.86 13.16 1.23
CA PHE E 126 13.47 14.53 1.41
C PHE E 126 14.11 15.40 0.32
N PHE E 127 13.33 16.36 -0.19
CA PHE E 127 13.94 17.36 -1.05
C PHE E 127 13.19 18.67 -0.94
N SER E 128 13.90 19.76 -1.21
CA SER E 128 13.27 21.07 -1.23
C SER E 128 13.92 21.99 -2.27
N VAL E 129 13.13 22.92 -2.76
CA VAL E 129 13.55 23.94 -3.71
C VAL E 129 13.05 25.29 -3.15
N GLY E 130 13.94 26.24 -2.99
CA GLY E 130 13.57 27.56 -2.45
C GLY E 130 14.42 28.70 -2.94
N GLY E 131 13.94 29.91 -2.69
CA GLY E 131 14.64 31.12 -3.10
C GLY E 131 15.51 31.70 -2.01
N GLU E 132 15.79 30.88 -1.01
CA GLU E 132 16.58 31.23 0.16
C GLU E 132 16.79 29.92 0.93
N ALA E 133 17.69 29.94 1.90
CA ALA E 133 17.96 28.72 2.66
C ALA E 133 16.71 28.13 3.30
N LEU E 134 16.64 26.80 3.31
CA LEU E 134 15.60 26.08 4.03
C LEU E 134 15.64 26.49 5.50
N GLU E 135 14.47 26.78 6.07
CA GLU E 135 14.39 27.17 7.49
C GLU E 135 14.07 25.93 8.34
N LEU E 136 14.84 25.74 9.41
CA LEU E 136 14.80 24.54 10.23
C LEU E 136 14.31 24.84 11.65
N GLN E 137 13.61 23.85 12.20
CA GLN E 137 13.18 23.80 13.59
C GLN E 137 13.88 22.59 14.21
N GLY E 138 14.51 22.78 15.36
CA GLY E 138 15.18 21.66 15.99
C GLY E 138 14.24 20.90 16.88
N VAL E 139 14.31 19.57 16.82
CA VAL E 139 13.53 18.71 17.69
C VAL E 139 14.44 17.49 17.92
N VAL E 140 14.54 17.05 19.18
CA VAL E 140 15.46 15.99 19.53
C VAL E 140 14.70 14.81 20.13
N PHE E 141 15.14 13.61 19.79
CA PHE E 141 14.58 12.41 20.40
C PHE E 141 14.83 12.42 21.92
N ASN E 142 16.04 12.84 22.28
CA ASN E 142 16.56 12.80 23.66
C ASN E 142 17.37 14.10 23.88
N TYR E 143 16.89 14.97 24.79
CA TYR E 143 17.51 16.29 24.93
C TYR E 143 18.93 16.23 25.49
N ARG E 144 19.30 15.11 26.10
CA ARG E 144 20.63 14.96 26.68
C ARG E 144 21.65 14.34 25.71
N THR E 145 21.22 14.06 24.48
CA THR E 145 22.13 13.74 23.40
C THR E 145 23.12 14.88 23.23
N THR E 146 24.41 14.55 23.21
CA THR E 146 25.44 15.54 22.96
C THR E 146 25.82 15.38 21.50
N TYR E 147 25.46 16.36 20.68
CA TYR E 147 25.85 16.36 19.27
C TYR E 147 27.31 16.85 19.16
N PRO E 148 28.06 16.32 18.16
CA PRO E 148 29.51 16.45 18.22
C PRO E 148 30.08 17.73 17.58
N ASP E 149 31.32 18.04 17.93
CA ASP E 149 32.06 19.12 17.28
CA ASP E 149 32.01 19.14 17.28
C ASP E 149 31.97 18.93 15.76
N GLY E 150 31.81 20.04 15.04
CA GLY E 150 31.72 20.00 13.58
C GLY E 150 30.28 19.79 13.08
N THR E 151 29.32 19.66 13.99
CA THR E 151 27.91 19.75 13.60
C THR E 151 27.28 20.96 14.23
N ILE E 152 26.17 21.39 13.62
CA ILE E 152 25.35 22.48 14.11
C ILE E 152 24.04 21.84 14.57
N PHE E 153 23.69 22.11 15.82
CA PHE E 153 22.67 21.40 16.54
C PHE E 153 21.88 22.31 17.47
N PRO E 154 20.71 21.83 17.96
CA PRO E 154 19.94 22.63 18.91
C PRO E 154 20.73 22.94 20.18
N LYS E 155 20.90 24.23 20.44
CA LYS E 155 21.70 24.71 21.56
C LYS E 155 20.77 24.98 22.75
N ASN E 156 21.31 24.80 23.96
CA ASN E 156 20.55 25.02 25.19
C ASN E 156 19.31 24.13 25.22
N ALA E 157 19.44 22.88 24.77
CA ALA E 157 18.31 21.97 24.71
C ALA E 157 17.80 21.72 26.13
N THR E 158 16.48 21.64 26.25
CA THR E 158 15.83 21.32 27.50
C THR E 158 14.93 20.10 27.25
N VAL E 159 14.33 19.56 28.30
CA VAL E 159 13.42 18.43 28.09
C VAL E 159 12.27 18.80 27.14
N GLN E 160 11.86 20.07 27.12
CA GLN E 160 10.81 20.50 26.19
C GLN E 160 11.24 20.40 24.74
N SER E 161 12.56 20.38 24.51
CA SER E 161 13.10 20.22 23.16
C SER E 161 12.75 18.86 22.53
N GLN E 162 12.34 17.91 23.36
CA GLN E 162 11.92 16.60 22.88
C GLN E 162 10.55 16.67 22.19
N VAL E 163 9.80 17.75 22.39
CA VAL E 163 8.51 17.93 21.70
C VAL E 163 8.40 19.24 20.89
N MET E 164 8.83 20.36 21.45
CA MET E 164 8.88 21.66 20.73
C MET E 164 9.48 22.73 21.61
N ASN E 165 10.59 23.28 21.15
CA ASN E 165 11.24 24.40 21.84
C ASN E 165 11.50 25.43 20.74
N THR E 166 10.76 26.53 20.76
CA THR E 166 10.86 27.52 19.69
C THR E 166 12.22 28.27 19.64
N GLU E 167 13.08 28.09 20.64
CA GLU E 167 14.42 28.65 20.53
C GLU E 167 15.23 28.04 19.37
N HIS E 168 14.94 26.79 19.01
CA HIS E 168 15.79 26.07 18.07
C HIS E 168 15.43 26.36 16.60
N LYS E 169 15.84 27.55 16.15
CA LYS E 169 15.63 28.02 14.77
C LYS E 169 16.97 28.10 14.07
N ALA E 170 17.05 27.59 12.86
CA ALA E 170 18.27 27.69 12.09
C ALA E 170 17.98 27.73 10.60
N TYR E 171 19.03 28.04 9.84
CA TYR E 171 19.00 27.97 8.38
C TYR E 171 19.90 26.83 7.93
N LEU E 172 19.42 26.09 6.92
CA LEU E 172 20.26 25.08 6.28
C LEU E 172 21.21 25.80 5.33
N ASP E 173 22.32 26.25 5.89
CA ASP E 173 23.24 27.14 5.21
C ASP E 173 24.67 26.57 5.13
N LYS E 174 24.83 25.28 5.42
CA LYS E 174 26.12 24.64 5.35
C LYS E 174 25.88 23.18 5.08
N ASN E 175 26.67 22.64 4.15
CA ASN E 175 26.55 21.24 3.76
C ASN E 175 27.27 20.38 4.80
N LYS E 176 26.77 19.15 4.97
CA LYS E 176 27.39 18.16 5.87
C LYS E 176 27.68 18.69 7.30
N ALA E 177 26.67 19.32 7.87
CA ALA E 177 26.79 19.98 9.17
C ALA E 177 25.56 19.84 10.05
N TYR E 178 24.36 19.90 9.45
CA TYR E 178 23.10 19.80 10.19
C TYR E 178 22.64 18.36 10.24
N PRO E 179 22.71 17.71 11.41
CA PRO E 179 22.32 16.29 11.43
C PRO E 179 20.84 16.12 11.15
N VAL E 180 20.51 15.08 10.39
CA VAL E 180 19.13 14.85 10.01
C VAL E 180 18.24 14.64 11.24
N GLU E 181 18.75 13.93 12.24
CA GLU E 181 17.89 13.47 13.33
C GLU E 181 17.40 14.56 14.27
N CYS E 182 18.05 15.71 14.28
CA CYS E 182 17.69 16.78 15.22
C CYS E 182 17.13 18.04 14.56
N TRP E 183 16.89 18.01 13.25
CA TRP E 183 16.30 19.18 12.57
C TRP E 183 15.26 18.71 11.57
N VAL E 184 14.20 19.49 11.47
CA VAL E 184 13.20 19.34 10.40
C VAL E 184 12.91 20.69 9.76
N PRO E 185 12.30 20.68 8.56
CA PRO E 185 11.78 21.93 8.04
C PRO E 185 10.81 22.59 9.02
N ASP E 186 10.97 23.90 9.22
CA ASP E 186 10.13 24.68 10.12
C ASP E 186 8.79 25.01 9.42
N PRO E 187 7.69 24.39 9.86
CA PRO E 187 6.43 24.68 9.20
C PRO E 187 5.87 26.09 9.46
N THR E 188 6.42 26.80 10.45
CA THR E 188 5.97 28.17 10.75
C THR E 188 6.65 29.17 9.84
N ARG E 189 7.61 28.72 9.03
CA ARG E 189 8.35 29.58 8.12
C ARG E 189 8.30 28.95 6.72
N ASN E 190 9.38 29.07 5.95
CA ASN E 190 9.46 28.45 4.62
C ASN E 190 8.40 28.86 3.60
N GLU E 191 7.93 30.11 3.71
CA GLU E 191 7.00 30.66 2.72
C GLU E 191 7.57 30.64 1.29
N ASN E 192 8.90 30.77 1.19
CA ASN E 192 9.58 30.92 -0.09
C ASN E 192 10.34 29.65 -0.49
N THR E 193 9.90 28.51 0.05
CA THR E 193 10.46 27.22 -0.27
C THR E 193 9.31 26.22 -0.42
N ARG E 194 9.51 25.21 -1.26
CA ARG E 194 8.61 24.06 -1.33
C ARG E 194 9.39 22.85 -0.87
N TYR E 195 8.90 22.16 0.16
CA TYR E 195 9.59 20.96 0.64
C TYR E 195 8.69 19.74 0.72
N PHE E 196 9.31 18.55 0.65
CA PHE E 196 8.61 17.27 0.59
C PHE E 196 9.48 16.22 1.22
N GLY E 197 8.94 15.44 2.16
CA GLY E 197 9.73 14.36 2.73
C GLY E 197 8.89 13.25 3.31
N THR E 198 9.50 12.07 3.41
CA THR E 198 8.84 10.91 3.99
C THR E 198 9.83 10.14 4.82
N LEU E 199 9.50 9.97 6.10
CA LEU E 199 10.19 9.07 7.00
C LEU E 199 9.44 7.72 7.00
N THR E 200 10.14 6.64 6.65
CA THR E 200 9.57 5.30 6.68
C THR E 200 10.43 4.56 7.70
N GLY E 201 9.84 4.31 8.87
CA GLY E 201 10.54 3.67 9.99
C GLY E 201 10.52 2.14 9.93
N GLY E 202 10.99 1.54 11.00
CA GLY E 202 11.04 0.06 11.18
C GLY E 202 12.41 -0.52 10.85
N GLU E 203 12.89 -1.52 11.59
CA GLU E 203 14.24 -2.03 11.27
C GLU E 203 14.28 -2.88 10.03
N ASN E 204 13.14 -3.40 9.59
CA ASN E 204 13.13 -4.30 8.46
C ASN E 204 12.46 -3.75 7.25
N VAL E 205 12.08 -2.48 7.25
CA VAL E 205 11.24 -2.01 6.16
C VAL E 205 12.03 -2.02 4.84
N PRO E 206 11.42 -2.55 3.76
CA PRO E 206 12.05 -2.59 2.44
C PRO E 206 12.08 -1.25 1.73
N PRO E 207 13.23 -0.88 1.17
CA PRO E 207 13.24 0.28 0.28
C PRO E 207 12.30 0.10 -0.91
N VAL E 208 11.61 1.17 -1.29
CA VAL E 208 10.85 1.18 -2.55
C VAL E 208 11.26 2.44 -3.31
N LEU E 209 12.02 2.28 -4.38
CA LEU E 209 12.64 3.41 -5.05
C LEU E 209 12.19 3.45 -6.51
N HIS E 210 11.50 4.51 -6.88
CA HIS E 210 10.99 4.65 -8.24
C HIS E 210 11.87 5.62 -9.02
N ILE E 211 12.11 5.31 -10.29
CA ILE E 211 12.79 6.21 -11.19
C ILE E 211 11.97 6.41 -12.46
N THR E 212 12.00 7.62 -13.00
CA THR E 212 11.39 7.92 -14.28
C THR E 212 11.80 9.33 -14.70
N ASN E 213 11.91 9.56 -16.00
CA ASN E 213 12.15 10.91 -16.51
C ASN E 213 10.85 11.57 -17.02
N THR E 214 9.69 11.03 -16.61
CA THR E 214 8.41 11.54 -17.11
C THR E 214 7.58 12.31 -16.06
N ALA E 215 8.13 12.52 -14.88
CA ALA E 215 7.40 13.13 -13.77
C ALA E 215 7.91 14.51 -13.45
N THR E 216 7.00 15.48 -13.34
CA THR E 216 7.34 16.86 -13.00
C THR E 216 6.51 17.31 -11.81
N THR E 217 7.14 18.05 -10.90
CA THR E 217 6.45 18.68 -9.78
C THR E 217 6.35 20.18 -10.06
N VAL E 218 5.14 20.72 -9.98
CA VAL E 218 4.91 22.15 -10.16
C VAL E 218 5.17 22.84 -8.81
N LEU E 219 5.95 23.92 -8.81
CA LEU E 219 6.39 24.61 -7.58
C LEU E 219 5.58 25.86 -7.25
N LEU E 220 4.59 26.16 -8.08
CA LEU E 220 3.73 27.32 -7.88
C LEU E 220 2.81 27.13 -6.66
N ASP E 221 2.64 28.18 -5.87
CA ASP E 221 1.68 28.13 -4.75
C ASP E 221 0.24 28.32 -5.24
N GLU E 222 -0.71 28.38 -4.30
CA GLU E 222 -2.12 28.54 -4.64
C GLU E 222 -2.43 29.86 -5.36
N PHE E 223 -1.51 30.82 -5.31
CA PHE E 223 -1.65 32.07 -6.08
C PHE E 223 -0.89 32.07 -7.40
N GLY E 224 -0.30 30.95 -7.79
CA GLY E 224 0.44 30.86 -9.03
C GLY E 224 1.88 31.39 -8.98
N VAL E 225 2.44 31.50 -7.77
CA VAL E 225 3.77 32.05 -7.58
C VAL E 225 4.72 30.99 -7.01
N GLY E 226 5.86 30.83 -7.67
CA GLY E 226 6.90 29.88 -7.26
C GLY E 226 7.89 30.57 -6.33
N PRO E 227 8.83 29.81 -5.75
CA PRO E 227 9.91 30.41 -4.96
C PRO E 227 10.64 31.51 -5.73
N LEU E 228 10.88 32.65 -5.09
CA LEU E 228 11.54 33.80 -5.71
C LEU E 228 12.97 33.89 -5.17
N CYS E 229 13.94 33.92 -6.07
CA CYS E 229 15.36 33.69 -5.71
C CYS E 229 16.06 34.96 -5.27
N LYS E 230 16.16 35.17 -3.96
CA LYS E 230 16.79 36.36 -3.39
C LYS E 230 18.30 36.37 -3.70
N GLY E 231 18.76 37.50 -4.22
CA GLY E 231 20.17 37.63 -4.61
C GLY E 231 20.57 36.71 -5.74
N ASP E 232 19.62 36.27 -6.57
CA ASP E 232 19.88 35.40 -7.72
C ASP E 232 20.56 34.07 -7.33
N ASN E 233 20.10 33.50 -6.22
CA ASN E 233 20.54 32.19 -5.77
C ASN E 233 19.33 31.26 -5.59
N LEU E 234 19.50 30.03 -6.04
CA LEU E 234 18.53 28.96 -5.87
C LEU E 234 19.07 27.97 -4.82
N TYR E 235 18.23 27.61 -3.86
CA TYR E 235 18.64 26.68 -2.80
C TYR E 235 17.98 25.33 -2.99
N LEU E 236 18.82 24.31 -3.13
CA LEU E 236 18.36 22.94 -3.26
C LEU E 236 18.82 22.19 -2.01
N SER E 237 17.94 21.40 -1.41
CA SER E 237 18.29 20.59 -0.23
C SER E 237 17.74 19.19 -0.38
N ALA E 238 18.40 18.23 0.22
CA ALA E 238 17.99 16.83 0.12
C ALA E 238 18.52 15.99 1.28
N VAL E 239 17.77 14.94 1.57
CA VAL E 239 18.28 13.77 2.31
C VAL E 239 17.73 12.52 1.62
N ASP E 240 18.60 11.53 1.37
CA ASP E 240 18.17 10.25 0.83
C ASP E 240 18.89 9.14 1.58
N VAL E 241 18.52 8.99 2.84
CA VAL E 241 18.95 7.85 3.66
C VAL E 241 18.10 6.69 3.22
N CYS E 242 18.71 5.67 2.63
CA CYS E 242 17.94 4.58 2.01
C CYS E 242 17.59 3.46 2.96
N GLY E 243 18.33 3.38 4.07
CA GLY E 243 18.22 2.31 5.03
C GLY E 243 19.61 2.05 5.59
N MET E 244 19.78 0.87 6.15
CA MET E 244 21.04 0.45 6.75
C MET E 244 21.57 -0.77 6.04
N PHE E 245 22.89 -0.75 5.85
CA PHE E 245 23.68 -1.91 5.44
C PHE E 245 24.21 -2.67 6.64
N THR E 246 23.99 -3.98 6.64
CA THR E 246 24.45 -4.86 7.72
C THR E 246 25.68 -5.62 7.23
N ASN E 247 26.78 -5.44 7.95
CA ASN E 247 28.04 -6.16 7.72
CA ASN E 247 27.96 -6.22 7.55
C ASN E 247 27.96 -7.59 8.22
N ARG E 248 28.95 -8.42 7.89
CA ARG E 248 28.95 -9.81 8.34
C ARG E 248 28.83 -9.94 9.85
N SER E 249 29.46 -9.02 10.57
CA SER E 249 29.42 -9.03 12.04
C SER E 249 28.05 -8.68 12.64
N GLY E 250 27.17 -8.09 11.82
CA GLY E 250 25.90 -7.60 12.34
C GLY E 250 25.89 -6.11 12.51
N SER E 251 27.05 -5.45 12.49
CA SER E 251 27.09 -3.99 12.63
CA SER E 251 27.15 -3.99 12.58
C SER E 251 26.40 -3.34 11.44
N GLN E 252 25.75 -2.22 11.71
CA GLN E 252 24.93 -1.55 10.71
C GLN E 252 25.36 -0.11 10.47
N GLN E 253 25.30 0.31 9.21
CA GLN E 253 25.71 1.63 8.77
C GLN E 253 24.60 2.17 7.91
N TRP E 254 24.30 3.45 8.04
CA TRP E 254 23.40 4.10 7.10
C TRP E 254 24.04 4.13 5.70
N ARG E 255 23.20 3.97 4.68
CA ARG E 255 23.60 4.11 3.27
C ARG E 255 22.69 5.13 2.59
N GLY E 256 23.30 6.11 1.94
CA GLY E 256 22.57 7.15 1.21
C GLY E 256 22.93 7.17 -0.25
N LEU E 257 22.12 7.86 -1.04
CA LEU E 257 22.34 8.03 -2.50
C LEU E 257 22.20 9.49 -2.85
N SER E 258 22.83 9.86 -3.96
CA SER E 258 22.68 11.20 -4.51
C SER E 258 21.30 11.49 -5.09
N ARG E 259 20.96 12.77 -5.20
CA ARG E 259 19.71 13.20 -5.78
C ARG E 259 19.94 14.20 -6.90
N TYR E 260 19.33 13.90 -8.06
CA TYR E 260 19.31 14.80 -9.20
C TYR E 260 18.20 15.82 -9.10
N PHE E 261 18.50 17.05 -9.50
CA PHE E 261 17.49 18.12 -9.59
C PHE E 261 17.58 18.76 -10.96
N LYS E 262 16.44 18.96 -11.59
CA LYS E 262 16.38 19.90 -12.70
C LYS E 262 15.24 20.89 -12.45
N VAL E 263 15.57 22.17 -12.38
CA VAL E 263 14.55 23.19 -12.09
C VAL E 263 14.46 24.17 -13.26
N GLN E 264 13.23 24.46 -13.70
N GLN E 264 13.23 24.45 -13.72
CA GLN E 264 12.98 25.50 -14.69
CA GLN E 264 13.02 25.50 -14.70
C GLN E 264 12.59 26.78 -13.98
C GLN E 264 12.59 26.77 -13.97
N LEU E 265 13.20 27.90 -14.35
CA LEU E 265 12.87 29.20 -13.79
C LEU E 265 12.50 30.21 -14.85
N ARG E 266 11.76 31.22 -14.41
CA ARG E 266 11.35 32.32 -15.29
C ARG E 266 11.55 33.64 -14.56
N LYS E 267 11.71 34.73 -15.31
CA LYS E 267 11.88 36.06 -14.71
C LYS E 267 10.53 36.65 -14.33
N ARG E 268 10.46 37.17 -13.10
CA ARG E 268 9.26 37.76 -12.54
C ARG E 268 9.57 39.16 -12.02
N ARG E 269 8.76 40.13 -12.40
CA ARG E 269 8.94 41.48 -11.85
C ARG E 269 8.26 41.57 -10.48
N VAL E 270 8.93 42.22 -9.53
CA VAL E 270 8.43 42.47 -8.18
C VAL E 270 8.59 43.98 -7.88
N LYS E 271 7.83 44.49 -6.90
CA LYS E 271 7.93 45.92 -6.51
C LYS E 271 8.78 46.12 -5.26
C1 GOL F . 32.93 -14.15 -4.41
C1 GOL F . 32.42 -14.66 -4.07
O1 GOL F . 33.60 -14.13 -3.15
O1 GOL F . 33.66 -14.80 -3.35
C2 GOL F . 32.65 -12.72 -4.86
C2 GOL F . 32.45 -13.42 -4.96
O2 GOL F . 33.60 -11.82 -4.30
O2 GOL F . 33.53 -12.55 -4.58
C3 GOL F . 31.22 -12.31 -4.46
C3 GOL F . 31.14 -12.63 -4.85
O3 GOL F . 30.30 -13.14 -5.19
O3 GOL F . 31.37 -11.30 -5.31
C1 EDO G . 7.35 1.10 -13.15
O1 EDO G . 8.05 1.87 -12.16
C2 EDO G . 8.16 -0.17 -13.39
O2 EDO G . 7.45 -1.30 -12.86
C1 EDO H . 3.74 3.41 -16.75
O1 EDO H . 2.83 4.44 -17.13
C2 EDO H . 4.27 3.72 -15.35
O2 EDO H . 4.75 2.51 -14.76
C1 EDO I . 4.29 -6.02 -13.08
O1 EDO I . 3.30 -5.33 -12.28
C2 EDO I . 5.74 -5.83 -12.56
O2 EDO I . 6.48 -5.00 -13.45
C1 EDO J . 11.37 13.41 -27.57
O1 EDO J . 10.84 14.54 -26.85
C2 EDO J . 11.86 13.84 -28.94
O2 EDO J . 13.28 14.09 -28.90
K K K . 37.91 -6.52 -5.70
C1 EDO L . -9.47 -3.91 -12.87
O1 EDO L . -8.97 -5.07 -12.19
C2 EDO L . -10.82 -4.28 -13.49
O2 EDO L . -11.61 -3.09 -13.58
C1 EDO M . -7.36 -9.05 -9.88
O1 EDO M . -8.57 -8.64 -9.22
C2 EDO M . -7.22 -8.30 -11.22
O2 EDO M . -5.92 -7.70 -11.36
C1 GOL N . 7.35 -34.57 -5.97
O1 GOL N . 6.20 -35.24 -5.46
C2 GOL N . 7.08 -34.09 -7.41
O2 GOL N . 8.25 -34.25 -8.18
C3 GOL N . 6.73 -32.61 -7.49
O3 GOL N . 5.67 -32.38 -6.56
C1 EDO O . -13.18 -6.27 -31.22
O1 EDO O . -12.62 -7.50 -31.69
C2 EDO O . -12.83 -6.10 -29.74
O2 EDO O . -11.86 -5.05 -29.61
C1 EDO P . -21.64 3.10 -8.26
O1 EDO P . -20.38 3.06 -7.55
C2 EDO P . -21.66 4.23 -9.29
O2 EDO P . -22.90 4.18 -10.02
K K Q . 10.83 -34.39 -14.62
C1 EDO R . -17.42 2.94 0.35
O1 EDO R . -17.62 4.08 -0.49
C2 EDO R . -16.04 2.36 0.07
O2 EDO R . -15.78 1.31 1.01
C1 EDO S . -33.75 0.16 -6.63
O1 EDO S . -34.35 -1.14 -6.51
C2 EDO S . -32.24 0.11 -6.33
O2 EDO S . -31.50 0.19 -7.57
C1 GOL T . -15.19 -1.51 2.46
O1 GOL T . -14.57 -2.63 1.80
C2 GOL T . -15.10 -1.63 3.97
O2 GOL T . -14.41 -2.84 4.32
C3 GOL T . -14.34 -0.46 4.58
O3 GOL T . -13.35 -0.99 5.49
C1 EDO U . 5.71 -6.40 31.09
O1 EDO U . 6.09 -7.32 30.05
C2 EDO U . 4.57 -7.00 31.91
O2 EDO U . 4.11 -6.11 32.94
K K V . -18.48 -32.10 12.24
C1 EDO W . -5.74 11.09 8.98
O1 EDO W . -6.41 9.82 8.97
C2 EDO W . -4.60 11.03 9.99
O2 EDO W . -3.35 11.24 9.32
C1 EDO X . 1.41 11.37 10.29
O1 EDO X . 0.11 11.97 10.43
C2 EDO X . 2.19 12.09 9.15
O2 EDO X . 2.02 11.53 7.82
C1 EDO Y . -20.37 23.52 10.25
O1 EDO Y . -21.08 22.80 9.23
C2 EDO Y . -21.14 24.80 10.57
O2 EDO Y . -22.06 24.57 11.65
C1 GOL Z . -0.78 -1.80 36.24
O1 GOL Z . 0.46 -2.51 36.24
C2 GOL Z . -1.74 -2.55 35.31
O2 GOL Z . -2.92 -2.83 36.00
C3 GOL Z . -2.06 -1.75 34.05
O3 GOL Z . -0.80 -1.19 33.69
C1 EDO AA . -7.04 15.46 5.26
O1 EDO AA . -7.79 15.82 4.10
C2 EDO AA . -6.95 13.94 5.31
O2 EDO AA . -6.12 13.58 6.41
C1 EDO BA . 0.08 23.26 -4.17
O1 EDO BA . 0.28 21.85 -4.08
C2 EDO BA . -1.12 23.54 -5.06
O2 EDO BA . -1.39 24.96 -5.07
K K CA . -9.56 -2.72 37.78
C1 EDO DA . 5.64 14.77 -4.34
O1 EDO DA . 6.68 14.07 -3.66
C2 EDO DA . 6.25 15.84 -5.24
O2 EDO DA . 5.34 16.15 -6.30
C1 EDO EA . 6.86 31.92 -2.96
O1 EDO EA . 5.44 31.74 -2.87
C2 EDO EA . 7.22 33.33 -3.37
O2 EDO EA . 7.72 34.04 -2.21
C1 EDO FA . 8.29 12.84 -0.92
O1 EDO FA . 7.58 12.71 0.32
C2 EDO FA . 9.71 12.39 -0.67
O2 EDO FA . 9.93 11.14 -1.34
C1 GOL GA . 26.16 6.51 20.51
O1 GOL GA . 25.60 7.81 20.54
C2 GOL GA . 27.25 6.57 21.58
O2 GOL GA . 26.69 7.27 22.71
C3 GOL GA . 27.66 5.15 21.93
O3 GOL GA . 28.52 5.17 23.06
K K HA . 25.30 13.14 26.39
#